data_9CJ7
#
_entry.id   9CJ7
#
_cell.length_a   1.00
_cell.length_b   1.00
_cell.length_c   1.00
_cell.angle_alpha   90.00
_cell.angle_beta   90.00
_cell.angle_gamma   90.00
#
_symmetry.space_group_name_H-M   'P 1'
#
loop_
_entity.id
_entity.type
_entity.pdbx_description
1 polymer 'Glycoprotein G1'
2 polymer 'Glycoprotein G2'
3 polymer 'Fv region of 8.9F heavy chain'
4 polymer 'Fv region of 8.9F light chain'
5 branched alpha-D-mannopyranose-(1-3)-[alpha-D-mannopyranose-(1-6)]beta-D-mannopyranose-(1-4)-2-acetamido-2-deoxy-beta-D-glucopyranose-(1-4)-[alpha-L-fucopyranose-(1-6)]2-acetamido-2-deoxy-beta-D-glucopyranose
6 branched beta-D-mannopyranose-(1-4)-2-acetamido-2-deoxy-beta-D-glucopyranose-(1-4)-2-acetamido-2-deoxy-beta-D-glucopyranose
7 branched 2-acetamido-2-deoxy-beta-D-glucopyranose-(1-4)-2-acetamido-2-deoxy-beta-D-glucopyranose
8 branched 2-acetamido-2-deoxy-beta-D-glucopyranose-(1-4)-[alpha-L-fucopyranose-(1-6)]2-acetamido-2-deoxy-beta-D-glucopyranose
9 branched beta-D-mannopyranose-(1-4)-2-acetamido-2-deoxy-beta-D-glucopyranose-(1-4)-[alpha-L-fucopyranose-(1-6)]2-acetamido-2-deoxy-beta-D-glucopyranose
10 branched alpha-D-mannopyranose-(1-2)-alpha-D-mannopyranose-(1-3)-[alpha-D-mannopyranose-(1-6)]beta-D-mannopyranose-(1-4)-2-acetamido-2-deoxy-beta-D-glucopyranose-(1-4)-2-acetamido-2-deoxy-beta-D-glucopyranose
11 non-polymer 2-acetamido-2-deoxy-beta-D-glucopyranose
#
loop_
_entity_poly.entity_id
_entity_poly.type
_entity_poly.pdbx_seq_one_letter_code
_entity_poly.pdbx_strand_id
1 'polypeptide(L)'
;MGQIVTFFQEVPHVIEEVMNIVLIALSVLAVLKGLYNFATCGLVGLVTFLLLCGRSCTTSLYKGVYELQTLELNMETLNM
TMPLSCTKNNSHHYIMVGNETGLELTLTNTSIINHKFCNLSDAHKKNLYDHALMSIISTFHLSIPNFNQYEAMSCDFNGG
KISVQYNLSHSYAGDAANHCGTVANGVLQTFMRMAWGGSYIALDSGCGNWDCIMTSYQYLIIQNTTWEDHCQFSRPSPIG
YLGLLSQRTRDIYISRRLL
;
C,A,B
2 'polypeptide(L)'
;GTFTWTLSDSEGKDTPGGYCLTRWMLIEAELKCFGNTAVAKCNEKHDEEFCDMLRLFDFNKQAIQRLKAPAQMSIQLINK
AVNALINDQLIMKNHLRDIMCIPYCNYSKYWYLNHTTTGRTSLPKCWLVSNGSYLNETHFSDDIEQQADNMITEMLQKEY
MERQGGSGGSGGSGGSGGSEKAAKAEEAARKMEELFKKHKIVAVLRANSVEEAIEKAVAVFAGGVHLIEITFTVPDADTV
IKALSVLKEKGAIIGAGTVTSVEQCRKAVESGAEFIVSPHLDEEISQFCKEKGVFYMPGVMTPTELVKAMKLGHDILKLF
PGEVVGPEFVKAMKGPFPNVKFVPTGGVDLDNVCEWFDAGVLAVGVGDALVEGDPDEVREKAKEFVEKIRGCTEGSLEHH
HHHHGGLNDIFEAQKIEWHE
;
c,a,b
3 'polypeptide(L)'
;METDTLLLWVLLLWVPGSTGDQGTLRESGPGLVRPSETLSLTCGVSGYSISSGYYWGWIRQPPGKGLEWIGNIYRSGSTY
YNPSLKSRVTVSIDTSKNQFSLKLNSVTAADTAVYYCARSGIKVADD(TYS)(TYS)(TYS)EMDVWGQGTDDYSYAMDV
WGQGTTVTVSSASTKGPSVFPLAPSSKSTSGGTAALGCLVKDYFPEPVTVSWNSGALTSGVHTFPAVLQSSGLYSLSSVV
TVPSSSLGTQTYICNVNHKPSNTKVDKRVEPKSCGSGWSHPQFEKGGGSGGGSGGSAWSHPQFEK
;
H
4 'polypeptide(L)'
;METDTLLLWVLLLWVPGSTGDQAGLTQPASVSGSPGQSITISCTAANSDIGDFNFVSWYQQRPDKAPKLMVYEVSSRPSG
VSNRFSGSKSGNTASLTISGLQAEDEADYYCTSYTSSSTFVFGTGTKVTVLGQPKANPTVTLFPPSSEELQANKATLVCL
ISDFYPGAVTVAWKADSSPVKAGVETTTPSKQSNNKYAASSYLSLTPEQWKSHRSYSCQVTHEGSTVEKTVAPTECS
;
L
#
# COMPACT_ATOMS: atom_id res chain seq x y z
N SER A 60 41.50 2.26 -16.24
CA SER A 60 42.55 1.72 -17.10
C SER A 60 42.07 1.59 -18.54
N LEU A 61 42.84 0.89 -19.36
CA LEU A 61 42.55 0.73 -20.79
C LEU A 61 42.37 -0.75 -21.07
N TYR A 62 41.24 -1.10 -21.71
CA TYR A 62 40.82 -2.48 -21.89
C TYR A 62 40.73 -2.81 -23.37
N LYS A 63 41.24 -3.98 -23.74
CA LYS A 63 41.23 -4.51 -25.10
C LYS A 63 42.00 -3.65 -26.10
N GLY A 64 42.84 -2.73 -25.62
CA GLY A 64 43.66 -1.93 -26.50
C GLY A 64 43.00 -0.67 -27.06
N VAL A 65 41.68 -0.56 -26.98
CA VAL A 65 40.94 0.54 -27.62
C VAL A 65 39.91 1.20 -26.70
N TYR A 66 39.55 0.54 -25.59
CA TYR A 66 38.47 1.01 -24.72
C TYR A 66 39.06 1.61 -23.45
N GLU A 67 38.85 2.92 -23.26
CA GLU A 67 39.20 3.59 -22.03
C GLU A 67 38.03 3.52 -21.06
N LEU A 68 38.34 3.32 -19.78
CA LEU A 68 37.32 3.29 -18.73
C LEU A 68 37.07 4.72 -18.25
N GLN A 69 35.81 5.12 -18.24
CA GLN A 69 35.39 6.45 -17.84
C GLN A 69 34.20 6.33 -16.91
N THR A 70 33.93 7.39 -16.15
CA THR A 70 32.96 7.38 -15.07
C THR A 70 32.06 8.60 -15.11
N LEU A 71 30.90 8.46 -14.48
CA LEU A 71 29.96 9.55 -14.26
C LEU A 71 29.62 9.64 -12.78
N GLU A 72 29.10 10.79 -12.38
CA GLU A 72 28.50 10.98 -11.06
C GLU A 72 27.31 11.92 -11.21
N LEU A 73 26.11 11.38 -11.10
CA LEU A 73 24.90 12.12 -11.41
C LEU A 73 24.66 13.20 -10.36
N ASN A 74 24.38 14.41 -10.84
CA ASN A 74 24.01 15.55 -9.99
C ASN A 74 22.55 15.39 -9.64
N MET A 75 22.30 14.64 -8.57
CA MET A 75 20.95 14.26 -8.18
C MET A 75 20.17 15.41 -7.55
N GLU A 76 20.85 16.47 -7.09
CA GLU A 76 20.18 17.65 -6.57
C GLU A 76 19.23 18.28 -7.57
N THR A 77 19.46 18.10 -8.87
CA THR A 77 18.56 18.68 -9.87
C THR A 77 17.19 18.01 -9.88
N LEU A 78 17.00 16.88 -9.19
CA LEU A 78 15.68 16.26 -9.06
C LEU A 78 14.86 16.83 -7.92
N ASN A 79 15.31 17.98 -7.37
CA ASN A 79 14.70 18.56 -6.15
C ASN A 79 13.25 19.01 -6.35
N MET A 80 12.93 19.63 -7.48
CA MET A 80 11.58 20.18 -7.67
C MET A 80 10.51 19.12 -7.88
N THR A 81 10.88 17.88 -8.19
CA THR A 81 9.91 16.84 -8.53
C THR A 81 9.69 15.81 -7.44
N MET A 82 10.71 15.52 -6.61
CA MET A 82 10.65 14.43 -5.66
C MET A 82 11.51 14.73 -4.44
N PRO A 83 11.28 14.04 -3.31
CA PRO A 83 12.16 14.26 -2.15
C PRO A 83 13.57 13.76 -2.41
N LEU A 84 14.53 14.26 -1.63
CA LEU A 84 15.92 13.84 -1.73
C LEU A 84 16.51 13.63 -0.34
N SER A 85 17.03 12.43 -0.09
CA SER A 85 17.48 12.01 1.23
C SER A 85 19.00 11.86 1.28
N CYS A 86 19.58 12.28 2.41
CA CYS A 86 21.02 12.17 2.62
C CYS A 86 21.32 12.04 4.10
N THR A 87 22.60 11.80 4.38
CA THR A 87 23.13 11.63 5.73
C THR A 87 24.11 12.75 6.02
N LYS A 88 23.98 13.39 7.19
CA LYS A 88 24.91 14.42 7.61
C LYS A 88 26.02 13.85 8.48
N ASN A 89 25.67 13.10 9.52
CA ASN A 89 26.64 12.42 10.35
C ASN A 89 25.96 11.21 10.99
N ASN A 90 26.57 10.68 12.05
CA ASN A 90 26.07 9.49 12.72
C ASN A 90 24.62 9.65 13.18
N SER A 91 24.27 10.76 13.80
CA SER A 91 22.97 10.93 14.43
C SER A 91 21.93 11.61 13.56
N HIS A 92 22.30 12.63 12.77
CA HIS A 92 21.35 13.40 11.97
C HIS A 92 21.34 12.90 10.54
N HIS A 93 20.13 12.70 10.00
CA HIS A 93 19.89 12.40 8.61
C HIS A 93 18.79 13.32 8.15
N TYR A 94 18.65 13.51 6.83
CA TYR A 94 17.70 14.48 6.30
C TYR A 94 17.03 13.97 5.04
N ILE A 95 15.82 14.46 4.82
CA ILE A 95 15.13 14.37 3.54
C ILE A 95 14.64 15.78 3.23
N MET A 96 14.84 16.22 1.99
CA MET A 96 14.54 17.57 1.56
C MET A 96 13.43 17.58 0.51
N VAL A 97 12.56 18.58 0.63
CA VAL A 97 11.39 18.79 -0.21
C VAL A 97 11.57 20.19 -0.78
N GLY A 98 11.78 20.27 -2.10
CA GLY A 98 12.01 21.53 -2.76
C GLY A 98 13.33 22.13 -2.33
N ASN A 99 13.54 23.39 -2.67
CA ASN A 99 14.63 24.19 -2.10
C ASN A 99 14.15 24.97 -0.88
N GLU A 100 13.07 24.50 -0.23
CA GLU A 100 12.41 25.20 0.86
C GLU A 100 12.43 24.44 2.17
N THR A 101 11.99 23.18 2.19
CA THR A 101 11.67 22.52 3.46
C THR A 101 12.14 21.07 3.42
N GLY A 102 11.70 20.29 4.40
CA GLY A 102 12.07 18.89 4.50
C GLY A 102 11.90 18.43 5.93
N LEU A 103 12.29 17.17 6.17
CA LEU A 103 12.27 16.55 7.48
C LEU A 103 13.69 16.18 7.90
N GLU A 104 13.96 16.38 9.18
CA GLU A 104 15.18 15.97 9.85
C GLU A 104 14.89 14.74 10.69
N LEU A 105 15.64 13.66 10.44
CA LEU A 105 15.51 12.40 11.14
C LEU A 105 16.70 12.28 12.07
N THR A 106 16.46 12.43 13.37
CA THR A 106 17.49 12.44 14.39
C THR A 106 17.34 11.21 15.27
N LEU A 107 18.40 10.41 15.35
CA LEU A 107 18.50 9.32 16.31
C LEU A 107 19.20 9.86 17.55
N THR A 108 18.53 9.83 18.69
CA THR A 108 19.04 10.48 19.89
C THR A 108 18.56 9.75 21.13
N ASN A 109 19.21 10.07 22.25
CA ASN A 109 18.84 9.56 23.57
C ASN A 109 17.91 10.51 24.33
N THR A 110 17.57 11.67 23.76
CA THR A 110 16.79 12.71 24.42
C THR A 110 15.45 12.86 23.72
N SER A 111 14.37 12.62 24.44
CA SER A 111 13.03 12.78 23.89
C SER A 111 12.65 14.25 23.82
N ILE A 112 11.72 14.56 22.92
CA ILE A 112 11.09 15.87 22.85
C ILE A 112 9.59 15.83 23.12
N ILE A 113 8.94 14.68 22.96
CA ILE A 113 7.53 14.49 23.30
C ILE A 113 7.47 13.54 24.48
N ASN A 114 6.98 14.03 25.61
CA ASN A 114 6.89 13.26 26.85
C ASN A 114 5.54 12.56 27.02
N HIS A 115 4.57 12.79 26.14
CA HIS A 115 3.23 12.23 26.22
C HIS A 115 3.07 11.12 25.19
N LYS A 116 2.03 10.31 25.38
CA LYS A 116 1.76 9.13 24.57
C LYS A 116 0.58 9.35 23.62
N PHE A 117 0.30 10.60 23.27
CA PHE A 117 -0.79 10.96 22.38
C PHE A 117 -0.26 11.26 20.98
N CYS A 118 -1.04 10.85 19.98
CA CYS A 118 -0.79 11.24 18.60
C CYS A 118 -2.11 11.30 17.85
N ASN A 119 -2.78 12.46 17.91
CA ASN A 119 -4.11 12.61 17.27
C ASN A 119 -3.93 13.14 15.84
N LEU A 120 -3.78 12.23 14.88
CA LEU A 120 -3.57 12.60 13.48
C LEU A 120 -4.82 13.27 12.90
N SER A 121 -6.00 12.82 13.34
CA SER A 121 -7.26 13.32 12.77
C SER A 121 -7.45 14.81 13.01
N ASP A 122 -7.10 15.29 14.21
CA ASP A 122 -7.20 16.72 14.48
C ASP A 122 -6.27 17.53 13.59
N ALA A 123 -5.07 17.01 13.32
CA ALA A 123 -4.17 17.67 12.39
C ALA A 123 -4.76 17.70 10.99
N HIS A 124 -5.41 16.60 10.57
CA HIS A 124 -5.99 16.55 9.25
C HIS A 124 -7.17 17.52 9.11
N LYS A 125 -7.92 17.71 10.18
CA LYS A 125 -9.04 18.66 10.13
C LYS A 125 -8.55 20.08 9.88
N LYS A 126 -7.51 20.50 10.59
CA LYS A 126 -7.05 21.88 10.55
C LYS A 126 -6.15 22.20 9.36
N ASN A 127 -5.67 21.19 8.64
CA ASN A 127 -4.61 21.37 7.64
C ASN A 127 -3.40 22.02 8.33
N LEU A 128 -2.93 23.19 7.85
CA LEU A 128 -1.81 23.95 8.43
C LEU A 128 -0.45 23.31 8.19
N TYR A 129 -0.39 22.10 7.61
CA TYR A 129 0.87 21.40 7.41
C TYR A 129 1.19 21.30 5.92
N ASP A 130 2.48 21.16 5.63
CA ASP A 130 2.90 20.95 4.25
C ASP A 130 2.47 19.54 3.84
N HIS A 131 1.66 19.45 2.78
CA HIS A 131 1.09 18.17 2.40
C HIS A 131 2.15 17.19 1.92
N ALA A 132 3.21 17.69 1.29
CA ALA A 132 4.30 16.80 0.90
C ALA A 132 4.97 16.17 2.10
N LEU A 133 5.23 16.95 3.15
CA LEU A 133 5.86 16.41 4.34
C LEU A 133 4.98 15.37 5.03
N MET A 134 3.67 15.63 5.11
CA MET A 134 2.78 14.65 5.73
C MET A 134 2.65 13.41 4.87
N SER A 135 2.73 13.55 3.55
CA SER A 135 2.77 12.38 2.69
C SER A 135 4.01 11.55 2.97
N ILE A 136 5.15 12.21 3.19
CA ILE A 136 6.38 11.51 3.53
C ILE A 136 6.21 10.78 4.86
N ILE A 137 5.59 11.44 5.85
CA ILE A 137 5.36 10.81 7.15
C ILE A 137 4.46 9.58 7.00
N SER A 138 3.41 9.70 6.20
CA SER A 138 2.50 8.57 6.00
C SER A 138 3.21 7.42 5.30
N THR A 139 4.04 7.73 4.29
CA THR A 139 4.82 6.69 3.62
C THR A 139 5.78 6.01 4.59
N PHE A 140 6.36 6.78 5.51
CA PHE A 140 7.25 6.20 6.51
C PHE A 140 6.48 5.26 7.43
N HIS A 141 5.37 5.74 8.01
CA HIS A 141 4.68 4.95 9.02
C HIS A 141 4.02 3.71 8.43
N LEU A 142 3.39 3.84 7.26
CA LEU A 142 2.67 2.71 6.69
C LEU A 142 3.61 1.56 6.34
N SER A 143 4.86 1.86 6.02
CA SER A 143 5.81 0.82 5.62
C SER A 143 6.52 0.16 6.81
N ILE A 144 6.22 0.55 8.04
CA ILE A 144 6.85 -0.08 9.20
C ILE A 144 6.30 -1.50 9.30
N PRO A 145 7.11 -2.56 9.23
CA PRO A 145 6.54 -3.91 9.24
C PRO A 145 6.14 -4.33 10.65
N ASN A 146 4.94 -4.88 10.75
CA ASN A 146 4.46 -5.53 11.98
C ASN A 146 4.37 -4.52 13.13
N PHE A 147 3.84 -3.34 12.85
CA PHE A 147 3.66 -2.33 13.88
C PHE A 147 2.43 -2.66 14.71
N ASN A 148 2.63 -2.94 16.00
CA ASN A 148 1.55 -3.32 16.92
C ASN A 148 1.53 -2.50 18.20
N GLN A 149 2.65 -1.98 18.69
CA GLN A 149 2.68 -1.18 19.92
C GLN A 149 2.43 0.27 19.55
N TYR A 150 1.15 0.67 19.65
CA TYR A 150 0.77 2.03 19.29
C TYR A 150 1.37 3.05 20.25
N GLU A 151 1.58 2.67 21.51
CA GLU A 151 2.16 3.60 22.47
C GLU A 151 3.60 3.97 22.15
N ALA A 152 4.28 3.19 21.31
CA ALA A 152 5.68 3.49 20.99
C ALA A 152 5.82 4.81 20.25
N MET A 153 4.82 5.20 19.46
CA MET A 153 4.86 6.39 18.63
C MET A 153 4.04 7.50 19.25
N SER A 154 4.59 8.71 19.26
CA SER A 154 3.88 9.92 19.67
C SER A 154 4.13 10.99 18.61
N CYS A 155 3.32 12.04 18.63
CA CYS A 155 3.51 13.12 17.68
C CYS A 155 2.86 14.39 18.20
N ASP A 156 3.14 15.49 17.51
CA ASP A 156 2.65 16.82 17.89
C ASP A 156 2.63 17.69 16.64
N PHE A 157 1.43 18.08 16.20
CA PHE A 157 1.24 18.92 15.03
C PHE A 157 0.66 20.30 15.36
N ASN A 158 0.88 20.79 16.57
CA ASN A 158 0.31 22.07 16.96
C ASN A 158 0.89 23.24 16.16
N GLY A 159 0.02 24.04 15.57
CA GLY A 159 0.44 25.14 14.73
C GLY A 159 0.88 24.76 13.32
N GLY A 160 0.64 23.52 12.90
CA GLY A 160 0.97 23.07 11.56
C GLY A 160 2.33 22.44 11.40
N LYS A 161 3.18 22.47 12.42
CA LYS A 161 4.47 21.82 12.37
C LYS A 161 4.30 20.30 12.34
N ILE A 162 5.42 19.60 12.18
CA ILE A 162 5.47 18.14 12.21
C ILE A 162 6.53 17.72 13.22
N SER A 163 6.15 16.81 14.10
CA SER A 163 7.08 16.19 15.03
C SER A 163 6.54 14.80 15.34
N VAL A 164 7.32 13.77 15.03
CA VAL A 164 6.96 12.38 15.29
C VAL A 164 8.11 11.72 16.01
N GLN A 165 7.81 11.04 17.12
CA GLN A 165 8.81 10.42 17.98
C GLN A 165 8.49 8.95 18.14
N TYR A 166 9.41 8.10 17.70
CA TYR A 166 9.33 6.65 17.90
C TYR A 166 10.25 6.30 19.06
N ASN A 167 9.67 5.67 20.09
CA ASN A 167 10.44 5.28 21.30
C ASN A 167 11.02 3.90 21.07
N LEU A 168 12.25 3.85 20.56
CA LEU A 168 12.91 2.59 20.26
C LEU A 168 13.24 1.79 21.52
N SER A 169 13.32 2.44 22.68
CA SER A 169 13.55 1.74 23.94
C SER A 169 12.27 1.15 24.53
N HIS A 170 11.10 1.53 24.01
CA HIS A 170 9.84 0.96 24.48
C HIS A 170 9.81 -0.55 24.28
N SER A 171 10.16 -1.00 23.08
CA SER A 171 10.14 -2.41 22.72
C SER A 171 11.49 -3.09 22.89
N TYR A 172 12.52 -2.38 23.36
CA TYR A 172 13.84 -2.94 23.61
C TYR A 172 14.45 -3.55 22.35
N HIS A 179 15.43 -9.31 21.56
CA HIS A 179 16.43 -8.56 20.81
C HIS A 179 16.04 -8.43 19.34
N CYS A 180 15.49 -9.51 18.79
CA CYS A 180 15.13 -9.60 17.38
C CYS A 180 13.62 -9.71 17.22
N GLY A 181 13.13 -9.26 16.07
CA GLY A 181 11.72 -9.32 15.78
C GLY A 181 10.85 -8.47 16.68
N THR A 182 11.23 -7.21 16.89
CA THR A 182 10.54 -6.29 17.78
C THR A 182 10.20 -5.00 17.02
N VAL A 183 9.47 -4.11 17.69
CA VAL A 183 8.97 -2.91 17.03
C VAL A 183 10.11 -1.98 16.64
N ALA A 184 11.11 -1.86 17.52
CA ALA A 184 12.26 -1.01 17.23
C ALA A 184 13.00 -1.47 15.98
N ASN A 185 13.10 -2.78 15.79
CA ASN A 185 13.72 -3.28 14.57
C ASN A 185 12.92 -2.91 13.34
N GLY A 186 11.59 -2.97 13.40
CA GLY A 186 10.80 -2.54 12.24
C GLY A 186 10.97 -1.08 11.93
N VAL A 187 10.98 -0.24 12.97
CA VAL A 187 11.18 1.19 12.77
C VAL A 187 12.56 1.46 12.17
N LEU A 188 13.58 0.74 12.63
CA LEU A 188 14.92 0.94 12.09
C LEU A 188 15.04 0.38 10.67
N GLN A 189 14.34 -0.70 10.34
CA GLN A 189 14.30 -1.17 8.96
C GLN A 189 13.72 -0.11 8.04
N THR A 190 12.62 0.52 8.45
CA THR A 190 12.06 1.57 7.60
C THR A 190 12.95 2.79 7.57
N PHE A 191 13.63 3.11 8.68
CA PHE A 191 14.55 4.23 8.71
C PHE A 191 15.71 4.02 7.75
N MET A 192 16.27 2.80 7.73
CA MET A 192 17.39 2.52 6.86
C MET A 192 16.99 2.57 5.39
N ARG A 193 15.75 2.26 5.06
CA ARG A 193 15.29 2.40 3.68
C ARG A 193 14.96 3.83 3.32
N MET A 194 14.41 4.61 4.25
CA MET A 194 14.11 6.01 3.97
C MET A 194 15.38 6.83 3.78
N ALA A 195 16.43 6.54 4.55
CA ALA A 195 17.70 7.25 4.53
C ALA A 195 18.81 6.33 4.03
N TRP A 196 18.52 5.58 2.96
CA TRP A 196 19.44 4.55 2.48
C TRP A 196 20.80 5.13 2.04
N GLY A 197 20.85 6.42 1.73
CA GLY A 197 22.11 7.05 1.44
C GLY A 197 22.94 7.32 2.68
N GLY A 198 23.47 6.27 3.29
CA GLY A 198 24.46 6.38 4.35
C GLY A 198 23.94 6.26 5.76
N SER A 199 22.70 5.81 5.97
CA SER A 199 22.21 5.60 7.33
C SER A 199 22.72 4.32 7.97
N TYR A 200 23.48 3.49 7.23
CA TYR A 200 24.05 2.28 7.81
C TYR A 200 25.01 2.57 8.95
N ILE A 201 25.61 3.76 8.99
CA ILE A 201 26.55 4.09 10.06
C ILE A 201 25.85 4.15 11.41
N ALA A 202 24.60 4.63 11.44
CA ALA A 202 23.90 4.77 12.70
C ALA A 202 23.55 3.41 13.31
N LEU A 203 23.21 2.44 12.49
CA LEU A 203 22.84 1.12 12.99
C LEU A 203 24.07 0.41 13.52
N ASP A 204 23.88 -0.39 14.57
CA ASP A 204 25.06 -1.05 15.22
C ASP A 204 25.82 -1.94 14.25
N SER A 205 25.23 -3.07 13.84
CA SER A 205 25.99 -4.05 13.01
C SER A 205 26.43 -3.43 11.68
N GLY A 206 25.56 -2.68 11.01
CA GLY A 206 25.90 -2.13 9.70
C GLY A 206 25.56 -3.09 8.57
N CYS A 207 25.63 -4.41 8.80
CA CYS A 207 25.39 -5.34 7.72
C CYS A 207 25.19 -6.73 8.28
N GLY A 208 24.67 -7.62 7.44
CA GLY A 208 24.39 -8.98 7.83
C GLY A 208 23.22 -9.13 8.79
N ASN A 209 22.40 -8.10 8.95
CA ASN A 209 21.29 -8.12 9.89
C ASN A 209 20.10 -7.42 9.26
N TRP A 210 18.97 -8.14 9.17
CA TRP A 210 17.70 -7.55 8.74
C TRP A 210 16.68 -7.56 9.87
N ASP A 211 16.36 -8.72 10.43
CA ASP A 211 15.38 -8.81 11.50
C ASP A 211 15.96 -8.44 12.86
N CYS A 212 17.30 -8.39 12.99
CA CYS A 212 17.97 -8.08 14.24
C CYS A 212 18.66 -6.71 14.20
N ILE A 213 18.20 -5.81 13.34
CA ILE A 213 18.77 -4.47 13.27
C ILE A 213 18.47 -3.75 14.57
N MET A 214 19.50 -3.14 15.16
CA MET A 214 19.37 -2.42 16.42
C MET A 214 20.46 -1.36 16.47
N THR A 215 20.14 -0.23 17.10
CA THR A 215 21.08 0.87 17.30
C THR A 215 21.06 1.28 18.77
N SER A 216 22.16 1.88 19.21
CA SER A 216 22.32 2.30 20.59
C SER A 216 21.39 3.45 20.98
N TYR A 217 20.86 4.20 20.00
CA TYR A 217 20.01 5.34 20.31
C TYR A 217 18.65 4.88 20.80
N GLN A 218 17.98 5.76 21.55
CA GLN A 218 16.74 5.43 22.24
C GLN A 218 15.48 5.90 21.51
N TYR A 219 15.59 6.98 20.74
CA TYR A 219 14.44 7.60 20.07
C TYR A 219 14.81 7.99 18.64
N LEU A 220 13.83 7.83 17.74
CA LEU A 220 13.90 8.36 16.37
C LEU A 220 12.92 9.50 16.28
N ILE A 221 13.40 10.67 15.88
CA ILE A 221 12.64 11.92 15.92
C ILE A 221 12.63 12.52 14.53
N ILE A 222 11.44 12.74 13.98
CA ILE A 222 11.24 13.25 12.63
C ILE A 222 10.58 14.61 12.78
N GLN A 223 11.29 15.67 12.40
CA GLN A 223 10.84 17.05 12.61
C GLN A 223 10.99 17.87 11.33
N ASN A 224 10.01 18.72 11.05
CA ASN A 224 10.10 19.57 9.87
C ASN A 224 11.14 20.66 10.08
N THR A 225 11.94 20.89 9.05
CA THR A 225 13.07 21.82 9.08
C THR A 225 13.13 22.59 7.77
N THR A 226 14.01 23.59 7.73
CA THR A 226 14.26 24.39 6.55
C THR A 226 15.36 23.74 5.70
N TRP A 227 15.39 24.12 4.44
CA TRP A 227 16.40 23.57 3.54
C TRP A 227 17.78 24.08 3.92
N GLU A 228 18.78 23.20 3.80
CA GLU A 228 20.16 23.55 4.08
C GLU A 228 21.03 22.41 3.62
N ASP A 229 22.22 22.75 3.12
CA ASP A 229 23.11 21.76 2.51
C ASP A 229 23.73 20.92 3.64
N HIS A 230 22.95 19.96 4.13
CA HIS A 230 23.39 19.05 5.17
C HIS A 230 24.09 17.80 4.64
N CYS A 231 24.11 17.61 3.32
CA CYS A 231 24.49 16.31 2.74
C CYS A 231 26.01 16.20 2.72
N GLN A 232 26.59 16.01 3.91
CA GLN A 232 28.03 15.86 4.06
C GLN A 232 28.51 14.43 3.85
N PHE A 233 27.89 13.46 4.51
CA PHE A 233 28.35 12.08 4.50
C PHE A 233 27.97 11.33 3.23
N SER A 234 26.80 11.61 2.67
CA SER A 234 26.33 10.95 1.46
C SER A 234 25.56 11.96 0.62
N ARG A 235 25.52 11.71 -0.68
CA ARG A 235 24.89 12.64 -1.59
C ARG A 235 23.36 12.48 -1.54
N PRO A 236 22.61 13.52 -1.90
CA PRO A 236 21.14 13.39 -1.87
C PRO A 236 20.63 12.40 -2.90
N SER A 237 19.50 11.77 -2.57
CA SER A 237 18.97 10.68 -3.38
C SER A 237 17.46 10.56 -3.18
N PRO A 238 16.66 10.36 -4.22
CA PRO A 238 15.26 10.00 -4.00
C PRO A 238 15.03 8.50 -3.82
N ILE A 239 16.09 7.68 -3.89
CA ILE A 239 15.93 6.25 -4.09
C ILE A 239 15.24 5.60 -2.91
N GLY A 240 15.59 6.03 -1.69
CA GLY A 240 14.95 5.44 -0.51
C GLY A 240 13.46 5.71 -0.47
N TYR A 241 13.07 6.96 -0.71
CA TYR A 241 11.66 7.31 -0.69
C TYR A 241 10.91 6.60 -1.81
N LEU A 242 11.49 6.58 -3.01
CA LEU A 242 10.82 5.94 -4.14
C LEU A 242 10.70 4.44 -3.93
N GLY A 243 11.68 3.84 -3.26
CA GLY A 243 11.57 2.43 -2.92
C GLY A 243 10.48 2.17 -1.90
N LEU A 244 10.33 3.07 -0.91
CA LEU A 244 9.32 2.87 0.11
C LEU A 244 7.90 3.07 -0.42
N LEU A 245 7.73 3.78 -1.55
CA LEU A 245 6.40 3.99 -2.09
C LEU A 245 5.74 2.68 -2.50
N SER A 246 6.50 1.78 -3.13
CA SER A 246 5.92 0.52 -3.57
C SER A 246 5.51 -0.34 -2.38
N GLN A 247 6.36 -0.42 -1.37
CA GLN A 247 6.19 -1.38 -0.27
C GLN A 247 5.47 -0.68 0.88
N ARG A 248 4.27 -0.17 0.56
CA ARG A 248 3.63 0.80 1.44
C ARG A 248 2.80 0.11 2.52
N THR A 249 1.78 -0.65 2.14
CA THR A 249 0.88 -1.33 3.08
C THR A 249 1.09 -2.84 3.09
N ARG A 250 2.30 -3.31 2.84
CA ARG A 250 2.53 -4.74 2.64
C ARG A 250 2.55 -5.50 3.96
N ASP A 251 3.01 -4.89 5.05
CA ASP A 251 3.22 -5.57 6.33
C ASP A 251 2.46 -4.89 7.47
N ILE A 252 1.26 -4.39 7.20
CA ILE A 252 0.39 -3.87 8.25
C ILE A 252 -0.46 -5.00 8.81
N TYR A 253 -0.50 -5.12 10.13
CA TYR A 253 -1.41 -6.04 10.79
C TYR A 253 -2.84 -5.54 10.71
N ILE A 254 -3.79 -6.49 10.67
CA ILE A 254 -5.19 -6.14 10.89
C ILE A 254 -5.38 -5.78 12.35
N SER A 255 -6.07 -4.67 12.58
CA SER A 255 -6.59 -4.31 13.90
C SER A 255 -8.10 -4.27 13.94
N ARG A 256 -8.79 -4.62 12.85
CA ARG A 256 -10.23 -4.51 12.75
C ARG A 256 -10.74 -5.59 11.83
N ARG A 257 -11.96 -6.06 12.08
CA ARG A 257 -12.61 -7.00 11.17
C ARG A 257 -12.95 -6.33 9.84
N LEU A 258 -13.37 -5.07 9.90
CA LEU A 258 -13.78 -4.30 8.72
C LEU A 258 -12.95 -3.01 8.67
N LEU A 259 -11.90 -3.03 7.87
CA LEU A 259 -11.04 -1.86 7.69
C LEU A 259 -11.70 -0.91 6.69
N SER B 60 10.89 -41.98 -23.50
CA SER B 60 10.27 -41.22 -24.58
C SER B 60 11.30 -40.35 -25.29
N LEU B 61 11.65 -40.75 -26.52
CA LEU B 61 12.68 -40.10 -27.31
C LEU B 61 12.02 -39.25 -28.39
N TYR B 62 12.29 -37.95 -28.37
CA TYR B 62 11.74 -37.00 -29.33
C TYR B 62 12.81 -36.64 -30.35
N LYS B 63 12.42 -36.64 -31.63
CA LYS B 63 13.29 -36.37 -32.78
C LYS B 63 14.34 -37.45 -32.99
N GLY B 64 14.28 -38.56 -32.27
CA GLY B 64 15.37 -39.51 -32.22
C GLY B 64 16.62 -39.00 -31.52
N VAL B 65 16.54 -37.85 -30.84
CA VAL B 65 17.70 -37.17 -30.28
C VAL B 65 17.53 -36.91 -28.78
N TYR B 66 16.37 -36.41 -28.37
CA TYR B 66 16.17 -35.82 -27.06
C TYR B 66 15.30 -36.72 -26.19
N GLU B 67 15.77 -37.02 -24.99
CA GLU B 67 15.04 -37.85 -24.04
C GLU B 67 14.28 -36.96 -23.08
N LEU B 68 12.99 -37.21 -22.94
CA LEU B 68 12.16 -36.46 -22.00
C LEU B 68 12.48 -36.90 -20.58
N GLN B 69 12.86 -35.95 -19.73
CA GLN B 69 13.18 -36.21 -18.34
C GLN B 69 12.41 -35.23 -17.45
N THR B 70 12.00 -35.72 -16.29
CA THR B 70 11.15 -34.98 -15.37
C THR B 70 11.98 -34.45 -14.20
N LEU B 71 11.39 -33.49 -13.49
CA LEU B 71 12.06 -32.80 -12.39
C LEU B 71 11.01 -32.32 -11.41
N GLU B 72 11.09 -32.80 -10.17
CA GLU B 72 10.15 -32.43 -9.11
C GLU B 72 10.94 -31.77 -7.99
N LEU B 73 10.56 -30.54 -7.66
CA LEU B 73 11.29 -29.73 -6.69
C LEU B 73 10.82 -30.02 -5.27
N ASN B 74 11.76 -30.14 -4.36
CA ASN B 74 11.49 -30.32 -2.93
C ASN B 74 11.39 -28.94 -2.32
N MET B 75 10.17 -28.48 -2.09
CA MET B 75 9.93 -27.15 -1.57
C MET B 75 10.12 -27.05 -0.06
N GLU B 76 10.27 -28.18 0.64
CA GLU B 76 10.43 -28.15 2.09
C GLU B 76 11.72 -27.45 2.53
N THR B 77 12.71 -27.35 1.64
CA THR B 77 13.92 -26.61 1.96
C THR B 77 13.68 -25.10 2.05
N LEU B 78 12.54 -24.61 1.55
CA LEU B 78 12.15 -23.22 1.74
C LEU B 78 11.45 -22.97 3.08
N ASN B 79 11.57 -23.93 4.01
CA ASN B 79 10.83 -23.84 5.30
C ASN B 79 11.33 -22.69 6.16
N MET B 80 12.62 -22.40 6.14
CA MET B 80 13.20 -21.39 7.02
C MET B 80 13.10 -19.97 6.48
N THR B 81 12.53 -19.75 5.30
CA THR B 81 12.44 -18.43 4.68
C THR B 81 11.01 -17.95 4.45
N MET B 82 10.06 -18.87 4.26
CA MET B 82 8.69 -18.51 3.87
C MET B 82 7.72 -19.58 4.35
N PRO B 83 6.43 -19.26 4.45
CA PRO B 83 5.46 -20.30 4.80
C PRO B 83 5.34 -21.35 3.70
N LEU B 84 4.82 -22.52 4.06
CA LEU B 84 4.56 -23.59 3.09
C LEU B 84 3.22 -24.25 3.39
N SER B 85 2.31 -24.20 2.43
CA SER B 85 0.94 -24.66 2.59
C SER B 85 0.72 -25.99 1.88
N CYS B 86 -0.14 -26.83 2.48
CA CYS B 86 -0.49 -28.12 1.91
C CYS B 86 -1.87 -28.53 2.40
N THR B 87 -2.32 -29.67 1.86
CA THR B 87 -3.61 -30.27 2.18
C THR B 87 -3.38 -31.64 2.79
N LYS B 88 -4.17 -31.96 3.82
CA LYS B 88 -4.15 -33.27 4.45
C LYS B 88 -5.29 -34.16 3.98
N ASN B 89 -6.53 -33.70 4.10
CA ASN B 89 -7.68 -34.41 3.55
C ASN B 89 -8.71 -33.35 3.18
N ASN B 90 -9.97 -33.77 3.01
CA ASN B 90 -11.03 -32.86 2.58
C ASN B 90 -11.20 -31.68 3.53
N SER B 91 -11.23 -31.93 4.84
CA SER B 91 -11.58 -30.91 5.81
C SER B 91 -10.40 -30.13 6.35
N HIS B 92 -9.23 -30.75 6.52
CA HIS B 92 -8.07 -30.11 7.12
C HIS B 92 -7.07 -29.69 6.05
N HIS B 93 -6.55 -28.47 6.19
CA HIS B 93 -5.46 -27.94 5.40
C HIS B 93 -4.49 -27.29 6.37
N TYR B 94 -3.24 -27.12 5.98
CA TYR B 94 -2.20 -26.62 6.88
C TYR B 94 -1.30 -25.64 6.15
N ILE B 95 -0.72 -24.73 6.94
CA ILE B 95 0.35 -23.84 6.49
C ILE B 95 1.43 -23.83 7.57
N MET B 96 2.58 -24.38 7.24
CA MET B 96 3.68 -24.57 8.18
C MET B 96 4.64 -23.39 8.10
N VAL B 97 5.05 -22.92 9.28
CA VAL B 97 6.04 -21.86 9.44
C VAL B 97 7.18 -22.46 10.26
N GLY B 98 8.37 -22.49 9.67
CA GLY B 98 9.52 -23.11 10.30
C GLY B 98 9.33 -24.60 10.41
N ASN B 99 10.24 -25.23 11.17
CA ASN B 99 10.08 -26.63 11.58
C ASN B 99 9.35 -26.72 12.92
N GLU B 100 8.70 -25.64 13.36
CA GLU B 100 8.10 -25.52 14.69
C GLU B 100 6.60 -25.31 14.66
N THR B 101 6.10 -24.30 13.94
CA THR B 101 4.75 -23.80 14.17
C THR B 101 4.01 -23.73 12.83
N GLY B 102 2.80 -23.19 12.88
CA GLY B 102 1.97 -23.05 11.70
C GLY B 102 0.52 -22.87 12.10
N LEU B 103 -0.33 -22.76 11.07
CA LEU B 103 -1.77 -22.65 11.23
C LEU B 103 -2.45 -23.83 10.57
N GLU B 104 -3.54 -24.27 11.19
CA GLU B 104 -4.41 -25.34 10.69
C GLU B 104 -5.71 -24.69 10.26
N LEU B 105 -6.04 -24.85 8.97
CA LEU B 105 -7.25 -24.32 8.35
C LEU B 105 -8.24 -25.47 8.22
N THR B 106 -9.24 -25.51 9.09
CA THR B 106 -10.20 -26.60 9.16
C THR B 106 -11.56 -26.11 8.74
N LEU B 107 -12.13 -26.76 7.72
CA LEU B 107 -13.54 -26.55 7.34
C LEU B 107 -14.38 -27.57 8.08
N THR B 108 -15.34 -27.09 8.87
CA THR B 108 -16.08 -27.95 9.78
C THR B 108 -17.49 -27.41 9.99
N ASN B 109 -18.35 -28.31 10.48
CA ASN B 109 -19.73 -28.00 10.82
C ASN B 109 -19.90 -27.60 12.28
N THR B 110 -18.82 -27.55 13.07
CA THR B 110 -18.86 -27.30 14.50
C THR B 110 -18.05 -26.06 14.84
N SER B 111 -18.67 -25.12 15.54
CA SER B 111 -18.00 -23.89 15.95
C SER B 111 -17.15 -24.13 17.19
N ILE B 112 -16.21 -23.22 17.43
CA ILE B 112 -15.43 -23.20 18.67
C ILE B 112 -15.46 -21.85 19.39
N ILE B 113 -15.70 -20.74 18.70
CA ILE B 113 -15.61 -19.42 19.31
C ILE B 113 -16.90 -19.08 20.06
N ASN B 114 -18.03 -19.10 19.35
CA ASN B 114 -19.36 -18.92 19.96
C ASN B 114 -19.50 -17.56 20.64
N HIS B 115 -18.91 -16.54 20.04
CA HIS B 115 -19.15 -15.15 20.45
C HIS B 115 -18.75 -14.23 19.31
N LYS B 116 -19.23 -13.00 19.36
CA LYS B 116 -19.10 -12.03 18.27
C LYS B 116 -18.01 -10.99 18.55
N PHE B 117 -16.98 -11.38 19.30
CA PHE B 117 -15.85 -10.51 19.62
C PHE B 117 -14.62 -10.97 18.85
N CYS B 118 -13.78 -10.00 18.48
CA CYS B 118 -12.46 -10.29 17.93
C CYS B 118 -11.55 -9.12 18.35
N ASN B 119 -10.97 -9.30 19.53
CA ASN B 119 -10.16 -8.21 20.14
C ASN B 119 -8.74 -8.19 19.56
N LEU B 120 -8.59 -7.77 18.32
CA LEU B 120 -7.29 -7.61 17.68
C LEU B 120 -6.45 -6.56 18.38
N SER B 121 -7.06 -5.43 18.75
CA SER B 121 -6.31 -4.32 19.34
C SER B 121 -5.71 -4.69 20.69
N ASP B 122 -6.39 -5.50 21.49
CA ASP B 122 -5.84 -5.96 22.75
C ASP B 122 -4.72 -6.97 22.54
N ALA B 123 -4.87 -7.85 21.56
CA ALA B 123 -3.80 -8.80 21.24
C ALA B 123 -2.54 -8.06 20.80
N HIS B 124 -2.71 -6.96 20.06
CA HIS B 124 -1.55 -6.17 19.63
C HIS B 124 -0.79 -5.62 20.84
N LYS B 125 -1.50 -5.09 21.83
CA LYS B 125 -0.82 -4.57 23.01
C LYS B 125 -0.16 -5.68 23.80
N LYS B 126 -0.87 -6.80 24.01
CA LYS B 126 -0.30 -7.87 24.82
C LYS B 126 0.93 -8.49 24.14
N ASN B 127 0.86 -8.66 22.82
CA ASN B 127 2.02 -9.06 22.01
C ASN B 127 2.56 -10.42 22.43
N LEU B 128 1.65 -11.32 22.83
CA LEU B 128 2.00 -12.68 23.23
C LEU B 128 1.98 -13.66 22.07
N TYR B 129 1.69 -13.21 20.85
CA TYR B 129 1.47 -14.09 19.71
C TYR B 129 2.72 -14.19 18.84
N ASP B 130 2.68 -15.14 17.90
CA ASP B 130 3.74 -15.28 16.93
C ASP B 130 3.52 -14.22 15.85
N HIS B 131 4.56 -13.42 15.58
CA HIS B 131 4.41 -12.34 14.61
C HIS B 131 4.22 -12.87 13.20
N ALA B 132 4.92 -13.97 12.85
CA ALA B 132 4.75 -14.55 11.53
C ALA B 132 3.33 -15.07 11.32
N LEU B 133 2.79 -15.77 12.32
CA LEU B 133 1.43 -16.28 12.19
C LEU B 133 0.41 -15.16 12.10
N MET B 134 0.58 -14.08 12.88
CA MET B 134 -0.35 -12.98 12.79
C MET B 134 -0.21 -12.23 11.47
N SER B 135 1.00 -12.18 10.90
CA SER B 135 1.16 -11.62 9.57
C SER B 135 0.41 -12.45 8.54
N ILE B 136 0.45 -13.78 8.69
CA ILE B 136 -0.29 -14.66 7.79
C ILE B 136 -1.79 -14.41 7.94
N ILE B 137 -2.27 -14.27 9.17
CA ILE B 137 -3.69 -13.98 9.40
C ILE B 137 -4.06 -12.64 8.78
N SER B 138 -3.20 -11.64 8.92
CA SER B 138 -3.49 -10.31 8.37
C SER B 138 -3.58 -10.37 6.85
N THR B 139 -2.64 -11.07 6.21
CA THR B 139 -2.69 -11.22 4.76
C THR B 139 -3.97 -11.95 4.34
N PHE B 140 -4.32 -13.02 5.06
CA PHE B 140 -5.52 -13.79 4.73
C PHE B 140 -6.76 -12.91 4.83
N HIS B 141 -6.90 -12.17 5.92
CA HIS B 141 -8.09 -11.34 6.08
C HIS B 141 -8.14 -10.21 5.06
N LEU B 142 -7.03 -9.49 4.88
CA LEU B 142 -7.05 -8.36 3.97
C LEU B 142 -7.14 -8.79 2.51
N SER B 143 -6.90 -10.06 2.19
CA SER B 143 -7.08 -10.56 0.84
C SER B 143 -8.53 -10.92 0.52
N ILE B 144 -9.45 -10.82 1.47
CA ILE B 144 -10.84 -11.19 1.22
C ILE B 144 -11.42 -10.15 0.26
N PRO B 145 -12.22 -10.53 -0.77
CA PRO B 145 -12.68 -9.52 -1.72
C PRO B 145 -13.52 -8.39 -1.15
N ASN B 146 -14.65 -8.71 -0.50
CA ASN B 146 -15.71 -7.75 -0.22
C ASN B 146 -16.23 -7.99 1.20
N PHE B 147 -15.31 -8.15 2.15
CA PHE B 147 -15.69 -8.41 3.53
C PHE B 147 -16.37 -7.18 4.09
N ASN B 148 -17.68 -7.27 4.31
CA ASN B 148 -18.49 -6.17 4.81
C ASN B 148 -19.40 -6.57 5.97
N GLN B 149 -19.29 -7.80 6.48
CA GLN B 149 -20.07 -8.29 7.61
C GLN B 149 -19.10 -8.56 8.75
N TYR B 150 -18.95 -7.61 9.66
CA TYR B 150 -18.04 -7.79 10.78
C TYR B 150 -18.49 -8.90 11.72
N GLU B 151 -19.80 -9.16 11.79
CA GLU B 151 -20.30 -10.27 12.60
C GLU B 151 -19.96 -11.63 12.03
N ALA B 152 -19.61 -11.73 10.75
CA ALA B 152 -19.28 -13.00 10.15
C ALA B 152 -18.02 -13.63 10.73
N MET B 153 -17.09 -12.82 11.25
CA MET B 153 -15.80 -13.29 11.75
C MET B 153 -15.76 -13.07 13.25
N SER B 154 -15.20 -14.05 13.97
CA SER B 154 -14.91 -13.95 15.38
C SER B 154 -13.53 -14.52 15.61
N CYS B 155 -12.95 -14.25 16.78
CA CYS B 155 -11.65 -14.84 17.09
C CYS B 155 -11.38 -14.79 18.57
N ASP B 156 -10.25 -15.38 18.95
CA ASP B 156 -9.79 -15.46 20.33
C ASP B 156 -8.26 -15.48 20.28
N PHE B 157 -7.65 -14.59 21.07
CA PHE B 157 -6.20 -14.50 21.22
C PHE B 157 -5.77 -14.60 22.68
N ASN B 158 -6.45 -15.42 23.47
CA ASN B 158 -6.14 -15.49 24.90
C ASN B 158 -4.78 -16.17 25.11
N GLY B 159 -3.87 -15.42 25.74
CA GLY B 159 -2.57 -15.96 26.11
C GLY B 159 -1.60 -16.19 24.96
N GLY B 160 -1.69 -15.41 23.90
CA GLY B 160 -0.86 -15.62 22.73
C GLY B 160 -1.37 -16.64 21.74
N LYS B 161 -2.47 -17.32 22.06
CA LYS B 161 -3.12 -18.22 21.13
C LYS B 161 -3.59 -17.44 19.90
N ILE B 162 -3.81 -18.14 18.79
CA ILE B 162 -4.51 -17.61 17.63
C ILE B 162 -5.61 -18.59 17.30
N SER B 163 -6.86 -18.13 17.35
CA SER B 163 -8.01 -18.96 16.98
C SER B 163 -9.04 -18.07 16.31
N VAL B 164 -9.10 -18.12 14.98
CA VAL B 164 -9.99 -17.29 14.17
C VAL B 164 -11.08 -18.20 13.60
N GLN B 165 -12.29 -17.66 13.45
CA GLN B 165 -13.42 -18.40 12.93
C GLN B 165 -14.21 -17.51 11.98
N TYR B 166 -14.49 -18.04 10.78
CA TYR B 166 -15.37 -17.41 9.80
C TYR B 166 -16.64 -18.23 9.71
N ASN B 167 -17.77 -17.58 10.00
CA ASN B 167 -19.10 -18.18 9.89
C ASN B 167 -19.54 -18.07 8.43
N LEU B 168 -19.65 -19.21 7.76
CA LEU B 168 -20.07 -19.27 6.37
C LEU B 168 -21.57 -19.52 6.22
N SER B 169 -22.34 -19.48 7.31
CA SER B 169 -23.78 -19.71 7.22
C SER B 169 -24.55 -18.55 6.61
N HIS B 170 -23.93 -17.37 6.47
CA HIS B 170 -24.62 -16.20 5.95
C HIS B 170 -24.78 -16.36 4.43
N SER B 171 -25.74 -17.20 4.06
CA SER B 171 -26.03 -17.48 2.66
C SER B 171 -27.36 -18.22 2.54
N HIS B 179 -27.05 -17.49 -3.27
CA HIS B 179 -25.78 -17.93 -2.68
C HIS B 179 -24.55 -17.30 -3.33
N CYS B 180 -24.74 -16.59 -4.44
CA CYS B 180 -23.65 -15.95 -5.16
C CYS B 180 -23.41 -14.54 -4.64
N GLY B 181 -22.15 -14.12 -4.66
CA GLY B 181 -21.81 -12.77 -4.25
C GLY B 181 -22.06 -12.44 -2.80
N THR B 182 -21.65 -13.32 -1.88
CA THR B 182 -21.79 -13.11 -0.43
C THR B 182 -20.42 -13.22 0.24
N VAL B 183 -20.42 -12.99 1.55
CA VAL B 183 -19.16 -12.96 2.30
C VAL B 183 -18.53 -14.35 2.37
N ALA B 184 -19.37 -15.38 2.50
CA ALA B 184 -18.85 -16.75 2.57
C ALA B 184 -18.10 -17.12 1.30
N ASN B 185 -18.58 -16.66 0.15
CA ASN B 185 -17.88 -16.92 -1.10
C ASN B 185 -16.52 -16.25 -1.14
N GLY B 186 -16.42 -15.02 -0.64
CA GLY B 186 -15.13 -14.37 -0.59
C GLY B 186 -14.16 -15.06 0.35
N VAL B 187 -14.67 -15.51 1.51
CA VAL B 187 -13.82 -16.24 2.44
C VAL B 187 -13.33 -17.54 1.80
N LEU B 188 -14.22 -18.24 1.09
CA LEU B 188 -13.82 -19.48 0.44
C LEU B 188 -12.84 -19.23 -0.70
N GLN B 189 -12.98 -18.10 -1.42
CA GLN B 189 -11.99 -17.76 -2.44
C GLN B 189 -10.61 -17.53 -1.82
N THR B 190 -10.55 -16.77 -0.73
CA THR B 190 -9.24 -16.53 -0.11
C THR B 190 -8.68 -17.81 0.49
N PHE B 191 -9.55 -18.67 1.03
CA PHE B 191 -9.12 -19.98 1.48
C PHE B 191 -8.57 -20.82 0.32
N MET B 192 -9.22 -20.73 -0.84
CA MET B 192 -8.76 -21.48 -2.01
C MET B 192 -7.38 -21.03 -2.43
N ARG B 193 -7.14 -19.72 -2.40
CA ARG B 193 -5.82 -19.24 -2.81
C ARG B 193 -4.76 -19.53 -1.75
N MET B 194 -5.11 -19.41 -0.46
CA MET B 194 -4.11 -19.62 0.58
C MET B 194 -3.66 -21.07 0.66
N ALA B 195 -4.56 -22.01 0.42
CA ALA B 195 -4.30 -23.45 0.48
C ALA B 195 -4.41 -24.07 -0.90
N TRP B 196 -3.81 -23.40 -1.89
CA TRP B 196 -4.01 -23.73 -3.30
C TRP B 196 -3.58 -25.16 -3.62
N GLY B 197 -2.64 -25.70 -2.85
CA GLY B 197 -2.25 -27.08 -3.03
C GLY B 197 -3.27 -28.04 -2.46
N GLY B 198 -4.43 -28.14 -3.10
CA GLY B 198 -5.46 -29.08 -2.72
C GLY B 198 -6.65 -28.50 -1.99
N SER B 199 -6.97 -27.22 -2.18
CA SER B 199 -8.22 -26.68 -1.65
C SER B 199 -9.42 -27.07 -2.50
N TYR B 200 -9.20 -27.47 -3.76
CA TYR B 200 -10.29 -27.75 -4.67
C TYR B 200 -11.15 -28.93 -4.21
N ILE B 201 -10.58 -29.88 -3.46
CA ILE B 201 -11.38 -31.02 -2.99
C ILE B 201 -12.46 -30.57 -2.02
N ALA B 202 -12.18 -29.57 -1.19
CA ALA B 202 -13.17 -29.11 -0.22
C ALA B 202 -14.32 -28.38 -0.90
N LEU B 203 -14.05 -27.67 -1.98
CA LEU B 203 -15.09 -26.91 -2.66
C LEU B 203 -16.04 -27.85 -3.39
N ASP B 204 -17.30 -27.42 -3.49
CA ASP B 204 -18.33 -28.27 -4.09
C ASP B 204 -18.04 -28.52 -5.57
N SER B 205 -17.45 -27.55 -6.26
CA SER B 205 -17.03 -27.71 -7.64
C SER B 205 -15.53 -27.42 -7.71
N GLY B 206 -14.77 -28.36 -8.31
CA GLY B 206 -13.33 -28.20 -8.38
C GLY B 206 -12.90 -27.02 -9.22
N CYS B 207 -13.62 -26.73 -10.30
CA CYS B 207 -13.30 -25.62 -11.17
C CYS B 207 -14.57 -25.16 -11.86
N GLY B 208 -14.43 -24.21 -12.78
CA GLY B 208 -15.55 -23.66 -13.50
C GLY B 208 -16.42 -22.73 -12.70
N ASN B 209 -15.92 -22.19 -11.59
CA ASN B 209 -16.73 -21.38 -10.69
C ASN B 209 -15.81 -20.47 -9.88
N TRP B 210 -16.09 -19.17 -9.94
CA TRP B 210 -15.39 -18.18 -9.13
C TRP B 210 -16.32 -17.39 -8.23
N ASP B 211 -17.42 -16.88 -8.81
CA ASP B 211 -18.28 -15.96 -8.07
C ASP B 211 -19.27 -16.68 -7.16
N CYS B 212 -19.48 -17.99 -7.36
CA CYS B 212 -20.46 -18.78 -6.64
C CYS B 212 -19.81 -19.98 -5.96
N ILE B 213 -18.55 -19.85 -5.54
CA ILE B 213 -17.87 -20.92 -4.83
C ILE B 213 -18.59 -21.14 -3.50
N MET B 214 -18.84 -22.41 -3.17
CA MET B 214 -19.57 -22.74 -1.96
C MET B 214 -19.11 -24.11 -1.47
N THR B 215 -19.17 -24.28 -0.14
CA THR B 215 -18.86 -25.53 0.53
C THR B 215 -20.07 -25.96 1.35
N SER B 216 -20.09 -27.24 1.69
CA SER B 216 -21.10 -27.75 2.61
C SER B 216 -20.80 -27.40 4.06
N TYR B 217 -19.59 -26.95 4.37
CA TYR B 217 -19.20 -26.63 5.73
C TYR B 217 -19.65 -25.21 6.09
N GLN B 218 -20.09 -25.02 7.34
CA GLN B 218 -20.51 -23.69 7.79
C GLN B 218 -19.39 -22.86 8.41
N TYR B 219 -18.28 -23.47 8.84
CA TYR B 219 -17.23 -22.74 9.56
C TYR B 219 -15.86 -23.03 8.98
N LEU B 220 -15.09 -21.95 8.78
CA LEU B 220 -13.66 -22.03 8.47
C LEU B 220 -12.91 -21.56 9.70
N ILE B 221 -12.07 -22.43 10.26
CA ILE B 221 -11.45 -22.22 11.56
C ILE B 221 -9.94 -22.29 11.39
N ILE B 222 -9.24 -21.24 11.80
CA ILE B 222 -7.80 -21.11 11.67
C ILE B 222 -7.20 -21.14 13.07
N GLN B 223 -6.38 -22.14 13.37
CA GLN B 223 -5.83 -22.32 14.71
C GLN B 223 -4.33 -22.55 14.66
N ASN B 224 -3.60 -21.92 15.57
CA ASN B 224 -2.17 -22.14 15.66
C ASN B 224 -1.90 -23.55 16.18
N THR B 225 -0.94 -24.24 15.55
CA THR B 225 -0.64 -25.63 15.85
C THR B 225 0.87 -25.85 15.87
N THR B 226 1.28 -27.11 15.99
CA THR B 226 2.69 -27.50 15.99
C THR B 226 3.04 -28.17 14.67
N TRP B 227 4.33 -28.14 14.34
CA TRP B 227 4.77 -28.78 13.11
C TRP B 227 4.65 -30.29 13.22
N GLU B 228 4.26 -30.90 12.10
CA GLU B 228 4.11 -32.35 11.99
C GLU B 228 3.86 -32.65 10.52
N ASP B 229 4.17 -33.88 10.12
CA ASP B 229 4.04 -34.28 8.72
C ASP B 229 2.54 -34.44 8.40
N HIS B 230 1.88 -33.30 8.22
CA HIS B 230 0.46 -33.28 7.90
C HIS B 230 0.19 -33.52 6.43
N CYS B 231 1.14 -33.24 5.56
CA CYS B 231 0.87 -33.12 4.13
C CYS B 231 0.75 -34.51 3.52
N GLN B 232 -0.47 -34.87 3.08
CA GLN B 232 -0.74 -36.17 2.48
C GLN B 232 -1.26 -36.02 1.05
N PHE B 233 -2.18 -35.08 0.84
CA PHE B 233 -2.83 -34.95 -0.45
C PHE B 233 -2.02 -34.10 -1.43
N SER B 234 -1.26 -33.13 -0.93
CA SER B 234 -0.46 -32.25 -1.77
C SER B 234 0.81 -31.90 -1.03
N ARG B 235 1.85 -31.57 -1.80
CA ARG B 235 3.14 -31.24 -1.21
C ARG B 235 3.10 -29.84 -0.61
N PRO B 236 4.05 -29.51 0.28
CA PRO B 236 4.15 -28.13 0.77
C PRO B 236 4.48 -27.19 -0.38
N SER B 237 4.00 -25.95 -0.27
CA SER B 237 4.16 -24.99 -1.33
C SER B 237 3.97 -23.56 -0.81
N PRO B 238 4.84 -22.61 -1.15
CA PRO B 238 4.60 -21.23 -0.71
C PRO B 238 3.73 -20.42 -1.67
N ILE B 239 3.17 -21.05 -2.71
CA ILE B 239 2.65 -20.29 -3.83
C ILE B 239 1.42 -19.50 -3.43
N GLY B 240 0.55 -20.08 -2.60
CA GLY B 240 -0.66 -19.37 -2.21
C GLY B 240 -0.38 -18.10 -1.45
N TYR B 241 0.51 -18.18 -0.46
CA TYR B 241 0.83 -17.00 0.34
C TYR B 241 1.52 -15.94 -0.50
N LEU B 242 2.50 -16.34 -1.30
CA LEU B 242 3.26 -15.37 -2.11
C LEU B 242 2.35 -14.71 -3.15
N GLY B 243 1.40 -15.46 -3.69
CA GLY B 243 0.42 -14.87 -4.58
C GLY B 243 -0.51 -13.90 -3.88
N LEU B 244 -0.95 -14.25 -2.66
CA LEU B 244 -1.85 -13.37 -1.92
C LEU B 244 -1.14 -12.09 -1.47
N LEU B 245 0.19 -12.10 -1.36
CA LEU B 245 0.90 -10.89 -0.93
C LEU B 245 0.67 -9.73 -1.89
N SER B 246 0.54 -10.01 -3.19
CA SER B 246 0.32 -8.94 -4.16
C SER B 246 -1.11 -8.40 -4.13
N GLN B 247 -2.08 -9.26 -3.87
CA GLN B 247 -3.50 -8.90 -3.82
C GLN B 247 -3.91 -8.52 -2.40
N ARG B 248 -2.94 -8.15 -1.55
CA ARG B 248 -3.16 -8.13 -0.11
C ARG B 248 -4.16 -7.06 0.31
N THR B 249 -4.27 -5.96 -0.45
CA THR B 249 -5.12 -4.83 -0.08
C THR B 249 -5.88 -4.23 -1.28
N ARG B 250 -5.92 -4.92 -2.41
CA ARG B 250 -6.50 -4.32 -3.61
C ARG B 250 -8.02 -4.48 -3.69
N ASP B 251 -8.65 -5.25 -2.80
CA ASP B 251 -10.11 -5.39 -2.73
C ASP B 251 -10.54 -5.13 -1.29
N ILE B 252 -10.78 -3.86 -0.98
CA ILE B 252 -11.25 -3.42 0.33
C ILE B 252 -12.35 -2.39 0.12
N TYR B 253 -13.41 -2.49 0.93
CA TYR B 253 -14.44 -1.46 1.00
C TYR B 253 -14.00 -0.37 1.96
N ILE B 254 -14.34 0.87 1.62
CA ILE B 254 -14.19 1.97 2.57
C ILE B 254 -15.26 1.86 3.65
N SER B 255 -14.82 1.91 4.91
CA SER B 255 -15.72 1.94 6.06
C SER B 255 -15.75 3.30 6.75
N ARG B 256 -15.08 4.32 6.19
CA ARG B 256 -14.90 5.59 6.85
C ARG B 256 -14.36 6.58 5.84
N ARG B 257 -14.75 7.85 5.99
CA ARG B 257 -14.40 8.85 4.98
C ARG B 257 -12.90 9.07 4.92
N LEU B 258 -12.26 9.25 6.08
CA LEU B 258 -10.82 9.52 6.17
C LEU B 258 -10.13 8.26 6.69
N LEU B 259 -9.76 7.38 5.76
CA LEU B 259 -9.06 6.15 6.10
C LEU B 259 -7.64 6.45 6.54
N SER C 60 -3.42 5.55 -48.79
CA SER C 60 -2.11 6.15 -48.58
C SER C 60 -1.05 5.06 -48.48
N LEU C 61 -0.28 4.89 -49.56
CA LEU C 61 0.68 3.80 -49.67
C LEU C 61 2.06 4.31 -49.27
N TYR C 62 2.72 3.57 -48.38
CA TYR C 62 4.05 3.92 -47.89
C TYR C 62 5.07 2.93 -48.45
N LYS C 63 6.17 3.46 -48.98
CA LYS C 63 7.19 2.66 -49.65
C LYS C 63 6.58 1.84 -50.79
N GLY C 64 5.60 2.42 -51.46
CA GLY C 64 5.01 1.80 -52.66
C GLY C 64 3.95 0.74 -52.50
N VAL C 65 4.01 -0.04 -51.41
CA VAL C 65 3.27 -1.30 -51.30
C VAL C 65 2.53 -1.45 -49.98
N TYR C 66 2.68 -0.51 -49.03
CA TYR C 66 2.10 -0.64 -47.70
C TYR C 66 1.00 0.39 -47.50
N GLU C 67 -0.26 -0.07 -47.54
CA GLU C 67 -1.41 0.79 -47.31
C GLU C 67 -1.62 0.97 -45.81
N LEU C 68 -1.85 2.22 -45.39
CA LEU C 68 -2.21 2.50 -44.01
C LEU C 68 -3.68 2.18 -43.81
N GLN C 69 -3.97 1.33 -42.82
CA GLN C 69 -5.33 0.92 -42.48
C GLN C 69 -5.57 1.13 -41.00
N THR C 70 -6.79 1.51 -40.66
CA THR C 70 -7.19 1.85 -39.30
C THR C 70 -8.07 0.76 -38.72
N LEU C 71 -8.02 0.65 -37.40
CA LEU C 71 -8.77 -0.35 -36.64
C LEU C 71 -9.30 0.32 -35.38
N GLU C 72 -10.58 0.13 -35.10
CA GLU C 72 -11.24 0.72 -33.94
C GLU C 72 -11.96 -0.39 -33.18
N LEU C 73 -11.66 -0.50 -31.89
CA LEU C 73 -12.18 -1.57 -31.06
C LEU C 73 -13.55 -1.21 -30.50
N ASN C 74 -14.52 -2.12 -30.69
CA ASN C 74 -15.84 -1.98 -30.07
C ASN C 74 -15.69 -2.47 -28.63
N MET C 75 -15.63 -1.52 -27.72
CA MET C 75 -15.27 -1.79 -26.34
C MET C 75 -16.47 -2.16 -25.49
N GLU C 76 -17.69 -1.87 -25.96
CA GLU C 76 -18.91 -2.27 -25.26
C GLU C 76 -19.01 -3.77 -25.05
N THR C 77 -18.35 -4.58 -25.88
CA THR C 77 -18.39 -6.02 -25.69
C THR C 77 -17.65 -6.47 -24.43
N LEU C 78 -16.86 -5.59 -23.81
CA LEU C 78 -16.24 -5.88 -22.52
C LEU C 78 -17.17 -5.63 -21.34
N ASN C 79 -18.45 -5.39 -21.62
CA ASN C 79 -19.40 -4.99 -20.54
C ASN C 79 -19.68 -6.12 -19.57
N MET C 80 -19.51 -7.37 -19.99
CA MET C 80 -19.87 -8.50 -19.15
C MET C 80 -18.76 -8.90 -18.18
N THR C 81 -17.60 -8.23 -18.21
CA THR C 81 -16.45 -8.58 -17.38
C THR C 81 -15.95 -7.43 -16.52
N MET C 82 -16.11 -6.18 -16.96
CA MET C 82 -15.50 -5.03 -16.32
C MET C 82 -16.37 -3.79 -16.50
N PRO C 83 -16.21 -2.77 -15.65
CA PRO C 83 -16.96 -1.52 -15.88
C PRO C 83 -16.49 -0.83 -17.14
N LEU C 84 -17.34 0.06 -17.66
CA LEU C 84 -17.01 0.87 -18.83
C LEU C 84 -17.49 2.29 -18.62
N SER C 85 -16.58 3.26 -18.75
CA SER C 85 -16.85 4.67 -18.45
C SER C 85 -16.85 5.51 -19.72
N CYS C 86 -17.76 6.48 -19.76
CA CYS C 86 -17.86 7.39 -20.89
C CYS C 86 -18.40 8.74 -20.44
N THR C 87 -18.46 9.66 -21.39
CA THR C 87 -18.91 11.03 -21.20
C THR C 87 -20.07 11.32 -22.14
N LYS C 88 -21.16 11.86 -21.60
CA LYS C 88 -22.28 12.33 -22.40
C LYS C 88 -22.07 13.79 -22.81
N ASN C 89 -21.95 14.67 -21.82
CA ASN C 89 -21.53 16.05 -22.05
C ASN C 89 -20.61 16.44 -20.90
N ASN C 90 -20.19 17.70 -20.87
CA ASN C 90 -19.19 18.14 -19.90
C ASN C 90 -19.69 18.03 -18.46
N SER C 91 -21.00 18.05 -18.23
CA SER C 91 -21.56 17.98 -16.88
C SER C 91 -21.87 16.57 -16.43
N HIS C 92 -22.38 15.71 -17.30
CA HIS C 92 -22.77 14.33 -16.97
C HIS C 92 -21.78 13.34 -17.58
N HIS C 93 -21.33 12.40 -16.76
CA HIS C 93 -20.46 11.30 -17.16
C HIS C 93 -21.02 10.04 -16.53
N TYR C 94 -20.65 8.88 -17.06
CA TYR C 94 -21.25 7.62 -16.64
C TYR C 94 -20.20 6.52 -16.54
N ILE C 95 -20.46 5.57 -15.66
CA ILE C 95 -19.68 4.32 -15.56
C ILE C 95 -20.66 3.17 -15.41
N MET C 96 -20.79 2.36 -16.47
CA MET C 96 -21.79 1.32 -16.57
C MET C 96 -21.19 -0.02 -16.23
N VAL C 97 -21.90 -0.79 -15.40
CA VAL C 97 -21.49 -2.12 -14.97
C VAL C 97 -22.49 -3.09 -15.56
N GLY C 98 -22.19 -3.60 -16.76
CA GLY C 98 -23.11 -4.45 -17.48
C GLY C 98 -24.19 -3.68 -18.19
N ASN C 99 -25.32 -4.33 -18.46
CA ASN C 99 -26.42 -3.76 -19.22
C ASN C 99 -27.63 -3.44 -18.36
N GLU C 100 -27.45 -3.25 -17.04
CA GLU C 100 -28.54 -2.95 -16.11
C GLU C 100 -28.30 -1.72 -15.25
N THR C 101 -27.07 -1.47 -14.79
CA THR C 101 -26.82 -0.51 -13.74
C THR C 101 -25.49 0.19 -13.96
N GLY C 102 -25.24 1.20 -13.14
CA GLY C 102 -24.03 1.98 -13.22
C GLY C 102 -24.13 3.16 -12.28
N LEU C 103 -23.11 4.01 -12.34
CA LEU C 103 -23.04 5.24 -11.56
C LEU C 103 -22.99 6.45 -12.48
N GLU C 104 -23.77 7.47 -12.13
CA GLU C 104 -23.81 8.76 -12.79
C GLU C 104 -22.88 9.70 -12.04
N LEU C 105 -21.87 10.22 -12.73
CA LEU C 105 -20.92 11.20 -12.21
C LEU C 105 -21.31 12.56 -12.78
N THR C 106 -21.94 13.39 -11.95
CA THR C 106 -22.46 14.68 -12.36
C THR C 106 -21.70 15.80 -11.66
N LEU C 107 -21.13 16.71 -12.45
CA LEU C 107 -20.58 17.95 -11.95
C LEU C 107 -21.67 19.01 -12.04
N THR C 108 -21.99 19.64 -10.92
CA THR C 108 -23.13 20.54 -10.86
C THR C 108 -22.93 21.57 -9.75
N ASN C 109 -23.78 22.60 -9.75
CA ASN C 109 -23.73 23.62 -8.68
C ASN C 109 -24.88 23.37 -7.69
N THR C 110 -25.69 22.34 -7.91
CA THR C 110 -26.85 22.04 -7.07
C THR C 110 -26.53 20.86 -6.17
N SER C 111 -26.59 21.08 -4.86
CA SER C 111 -26.36 20.01 -3.90
C SER C 111 -27.62 19.18 -3.73
N ILE C 112 -27.42 17.86 -3.56
CA ILE C 112 -28.50 16.94 -3.23
C ILE C 112 -28.43 16.42 -1.80
N ILE C 113 -27.23 16.33 -1.21
CA ILE C 113 -27.04 15.97 0.19
C ILE C 113 -26.69 17.24 0.95
N ASN C 114 -27.49 17.57 1.96
CA ASN C 114 -27.32 18.77 2.79
C ASN C 114 -27.03 18.41 4.24
N HIS C 115 -26.35 17.30 4.48
CA HIS C 115 -25.93 16.86 5.81
C HIS C 115 -24.49 16.37 5.71
N LYS C 116 -23.83 16.28 6.88
CA LYS C 116 -22.43 15.90 6.98
C LYS C 116 -22.26 14.45 7.43
N PHE C 117 -23.34 13.66 7.45
CA PHE C 117 -23.28 12.24 7.74
C PHE C 117 -23.01 11.48 6.45
N CYS C 118 -22.30 10.35 6.57
CA CYS C 118 -22.10 9.47 5.43
C CYS C 118 -22.44 8.01 5.78
N ASN C 119 -22.14 7.61 7.01
CA ASN C 119 -22.62 6.29 7.48
C ASN C 119 -22.20 5.14 6.59
N LEU C 120 -20.92 4.80 6.54
CA LEU C 120 -20.51 3.61 5.81
C LEU C 120 -20.83 2.34 6.58
N SER C 121 -20.61 2.34 7.90
CA SER C 121 -20.72 1.11 8.68
C SER C 121 -22.14 0.55 8.67
N ASP C 122 -23.14 1.44 8.78
CA ASP C 122 -24.53 0.99 8.76
C ASP C 122 -24.85 0.39 7.39
N ALA C 123 -24.37 1.01 6.31
CA ALA C 123 -24.61 0.47 4.97
C ALA C 123 -23.96 -0.89 4.81
N HIS C 124 -22.73 -1.06 5.31
CA HIS C 124 -22.08 -2.37 5.23
C HIS C 124 -22.83 -3.41 6.03
N LYS C 125 -23.32 -3.05 7.22
CA LYS C 125 -24.04 -4.02 8.04
C LYS C 125 -25.35 -4.44 7.37
N LYS C 126 -26.09 -3.48 6.81
CA LYS C 126 -27.36 -3.83 6.16
C LYS C 126 -27.13 -4.62 4.88
N ASN C 127 -26.14 -4.23 4.08
CA ASN C 127 -25.75 -4.98 2.88
C ASN C 127 -26.88 -5.03 1.86
N LEU C 128 -27.54 -3.89 1.64
CA LEU C 128 -28.59 -3.76 0.64
C LEU C 128 -28.12 -3.18 -0.69
N TYR C 129 -26.82 -2.93 -0.84
CA TYR C 129 -26.29 -2.26 -2.02
C TYR C 129 -25.71 -3.28 -3.00
N ASP C 130 -25.48 -2.82 -4.22
CA ASP C 130 -24.78 -3.63 -5.22
C ASP C 130 -23.30 -3.63 -4.88
N HIS C 131 -22.69 -4.81 -4.82
CA HIS C 131 -21.30 -4.90 -4.38
C HIS C 131 -20.35 -4.31 -5.42
N ALA C 132 -20.65 -4.47 -6.70
CA ALA C 132 -19.81 -3.89 -7.75
C ALA C 132 -19.75 -2.37 -7.64
N LEU C 133 -20.91 -1.73 -7.45
CA LEU C 133 -20.96 -0.28 -7.33
C LEU C 133 -20.20 0.22 -6.11
N MET C 134 -20.35 -0.46 -4.96
CA MET C 134 -19.60 -0.06 -3.78
C MET C 134 -18.10 -0.27 -3.98
N SER C 135 -17.71 -1.31 -4.73
CA SER C 135 -16.29 -1.47 -5.05
C SER C 135 -15.79 -0.31 -5.89
N ILE C 136 -16.60 0.15 -6.84
CA ILE C 136 -16.21 1.29 -7.65
C ILE C 136 -16.08 2.55 -6.78
N ILE C 137 -17.03 2.75 -5.85
CA ILE C 137 -16.96 3.90 -4.96
C ILE C 137 -15.71 3.82 -4.09
N SER C 138 -15.39 2.64 -3.57
CA SER C 138 -14.22 2.50 -2.72
C SER C 138 -12.94 2.76 -3.50
N THR C 139 -12.86 2.26 -4.74
CA THR C 139 -11.70 2.55 -5.58
C THR C 139 -11.56 4.04 -5.85
N PHE C 140 -12.69 4.70 -6.15
CA PHE C 140 -12.67 6.13 -6.41
C PHE C 140 -12.16 6.89 -5.19
N HIS C 141 -12.71 6.61 -4.01
CA HIS C 141 -12.29 7.34 -2.82
C HIS C 141 -10.83 7.05 -2.47
N LEU C 142 -10.42 5.79 -2.49
CA LEU C 142 -9.08 5.44 -2.10
C LEU C 142 -8.03 5.86 -3.12
N SER C 143 -8.44 6.24 -4.33
CA SER C 143 -7.52 6.82 -5.30
C SER C 143 -7.33 8.33 -5.13
N ILE C 144 -8.05 8.98 -4.21
CA ILE C 144 -7.93 10.42 -4.05
C ILE C 144 -6.61 10.73 -3.35
N PRO C 145 -5.69 11.51 -3.93
CA PRO C 145 -4.45 11.80 -3.21
C PRO C 145 -4.65 12.83 -2.11
N ASN C 146 -4.09 12.53 -0.94
CA ASN C 146 -4.00 13.49 0.16
C ASN C 146 -5.37 13.94 0.64
N PHE C 147 -6.30 13.00 0.78
CA PHE C 147 -7.60 13.32 1.32
C PHE C 147 -7.51 13.49 2.83
N ASN C 148 -7.84 14.70 3.31
CA ASN C 148 -7.78 15.00 4.74
C ASN C 148 -9.03 15.72 5.26
N GLN C 149 -9.76 16.42 4.37
CA GLN C 149 -10.96 17.16 4.76
C GLN C 149 -12.17 16.24 4.57
N TYR C 150 -12.50 15.50 5.63
CA TYR C 150 -13.60 14.56 5.52
C TYR C 150 -14.96 15.24 5.51
N GLU C 151 -15.06 16.46 6.02
CA GLU C 151 -16.32 17.19 5.93
C GLU C 151 -16.67 17.54 4.49
N ALA C 152 -15.69 17.62 3.59
CA ALA C 152 -15.97 17.91 2.19
C ALA C 152 -16.81 16.83 1.53
N MET C 153 -16.76 15.60 2.04
CA MET C 153 -17.48 14.46 1.49
C MET C 153 -18.67 14.14 2.37
N SER C 154 -19.80 13.81 1.73
CA SER C 154 -20.96 13.27 2.42
C SER C 154 -21.56 12.20 1.53
N CYS C 155 -22.39 11.35 2.10
CA CYS C 155 -23.01 10.31 1.29
C CYS C 155 -24.27 9.79 1.97
N ASP C 156 -24.99 8.95 1.24
CA ASP C 156 -26.28 8.41 1.67
C ASP C 156 -26.44 7.06 1.00
N PHE C 157 -26.85 6.05 1.79
CA PHE C 157 -27.07 4.70 1.32
C PHE C 157 -28.38 4.11 1.82
N ASN C 158 -29.39 4.94 2.12
CA ASN C 158 -30.63 4.40 2.67
C ASN C 158 -31.37 3.56 1.63
N GLY C 159 -31.75 2.34 2.03
CA GLY C 159 -32.46 1.43 1.17
C GLY C 159 -31.63 0.77 0.09
N GLY C 160 -30.31 0.68 0.26
CA GLY C 160 -29.44 0.12 -0.74
C GLY C 160 -29.05 1.08 -1.85
N LYS C 161 -29.53 2.32 -1.81
CA LYS C 161 -29.12 3.34 -2.77
C LYS C 161 -27.63 3.63 -2.60
N ILE C 162 -27.04 4.27 -3.60
CA ILE C 162 -25.72 4.88 -3.48
C ILE C 162 -25.85 6.33 -3.94
N SER C 163 -25.45 7.25 -3.08
CA SER C 163 -25.43 8.67 -3.43
C SER C 163 -24.30 9.36 -2.66
N VAL C 164 -23.25 9.75 -3.36
CA VAL C 164 -22.04 10.32 -2.77
C VAL C 164 -21.88 11.73 -3.33
N GLN C 165 -21.53 12.68 -2.47
CA GLN C 165 -21.36 14.08 -2.86
C GLN C 165 -20.03 14.59 -2.32
N TYR C 166 -19.19 15.08 -3.23
CA TYR C 166 -17.97 15.79 -2.89
C TYR C 166 -18.19 17.28 -3.09
N ASN C 167 -17.98 18.04 -2.03
CA ASN C 167 -18.13 19.50 -2.05
C ASN C 167 -16.82 20.09 -2.55
N LEU C 168 -16.80 20.49 -3.82
CA LEU C 168 -15.62 21.10 -4.41
C LEU C 168 -15.46 22.57 -4.05
N SER C 169 -16.49 23.22 -3.54
CA SER C 169 -16.40 24.59 -3.06
C SER C 169 -15.85 24.69 -1.64
N HIS C 170 -15.38 23.57 -1.05
CA HIS C 170 -14.83 23.61 0.30
C HIS C 170 -13.53 24.40 0.36
N SER C 171 -12.86 24.59 -0.78
CA SER C 171 -11.64 25.37 -0.86
C SER C 171 -11.85 26.81 -0.37
N ALA C 177 -6.28 30.99 -2.20
CA ALA C 177 -6.14 31.95 -3.28
C ALA C 177 -5.33 31.34 -4.43
N ASN C 178 -4.30 30.57 -4.06
CA ASN C 178 -3.56 29.81 -5.06
C ASN C 178 -4.41 28.67 -5.63
N HIS C 179 -5.18 28.00 -4.79
CA HIS C 179 -6.09 26.92 -5.21
C HIS C 179 -5.31 25.78 -5.88
N CYS C 180 -4.30 25.25 -5.18
CA CYS C 180 -3.53 24.10 -5.65
C CYS C 180 -3.35 23.01 -4.60
N GLY C 181 -3.41 23.31 -3.32
CA GLY C 181 -3.29 22.34 -2.26
C GLY C 181 -4.59 21.75 -1.76
N THR C 182 -5.72 22.04 -2.41
CA THR C 182 -7.02 21.71 -1.84
C THR C 182 -7.40 20.27 -2.10
N VAL C 183 -8.37 19.78 -1.32
CA VAL C 183 -8.92 18.43 -1.50
C VAL C 183 -9.70 18.35 -2.80
N ALA C 184 -10.25 19.47 -3.27
CA ALA C 184 -10.98 19.49 -4.53
C ALA C 184 -10.10 19.06 -5.70
N ASN C 185 -8.79 19.32 -5.63
CA ASN C 185 -7.91 18.87 -6.70
C ASN C 185 -7.69 17.38 -6.66
N GLY C 186 -7.62 16.78 -5.47
CA GLY C 186 -7.59 15.32 -5.40
C GLY C 186 -8.84 14.71 -5.98
N VAL C 187 -10.00 15.28 -5.62
CA VAL C 187 -11.26 14.77 -6.14
C VAL C 187 -11.32 14.92 -7.65
N LEU C 188 -10.88 16.06 -8.19
CA LEU C 188 -10.95 16.29 -9.62
C LEU C 188 -9.92 15.48 -10.39
N GLN C 189 -8.74 15.24 -9.83
CA GLN C 189 -7.78 14.34 -10.46
C GLN C 189 -8.35 12.93 -10.57
N THR C 190 -8.93 12.42 -9.47
CA THR C 190 -9.47 11.08 -9.53
C THR C 190 -10.69 11.01 -10.44
N PHE C 191 -11.50 12.08 -10.48
CA PHE C 191 -12.59 12.15 -11.43
C PHE C 191 -12.10 12.16 -12.86
N MET C 192 -11.02 12.89 -13.12
CA MET C 192 -10.46 12.94 -14.47
C MET C 192 -9.97 11.58 -14.90
N ARG C 193 -9.33 10.85 -13.98
CA ARG C 193 -8.82 9.53 -14.34
C ARG C 193 -9.93 8.49 -14.42
N MET C 194 -11.01 8.66 -13.65
CA MET C 194 -12.10 7.69 -13.68
C MET C 194 -12.90 7.77 -14.97
N ALA C 195 -13.09 8.98 -15.50
CA ALA C 195 -13.86 9.22 -16.71
C ALA C 195 -12.95 9.76 -17.81
N TRP C 196 -11.79 9.12 -17.96
CA TRP C 196 -10.67 9.60 -18.77
C TRP C 196 -11.02 9.81 -20.25
N GLY C 197 -12.07 9.15 -20.73
CA GLY C 197 -12.43 9.29 -22.13
C GLY C 197 -12.82 10.69 -22.51
N GLY C 198 -13.61 11.35 -21.65
CA GLY C 198 -14.15 12.67 -21.93
C GLY C 198 -14.27 13.59 -20.74
N SER C 199 -13.51 13.34 -19.67
CA SER C 199 -13.54 14.25 -18.53
C SER C 199 -12.85 15.57 -18.81
N TYR C 200 -11.93 15.61 -19.78
CA TYR C 200 -11.07 16.78 -19.98
C TYR C 200 -11.88 18.03 -20.35
N ILE C 201 -13.02 17.87 -21.02
CA ILE C 201 -13.83 19.03 -21.35
C ILE C 201 -14.46 19.68 -20.12
N ALA C 202 -14.70 18.92 -19.06
CA ALA C 202 -15.33 19.46 -17.87
C ALA C 202 -14.41 20.35 -17.05
N LEU C 203 -13.11 20.34 -17.32
CA LEU C 203 -12.14 21.12 -16.57
C LEU C 203 -11.89 22.46 -17.25
N ASP C 204 -11.29 23.39 -16.49
CA ASP C 204 -11.02 24.72 -17.04
C ASP C 204 -10.03 24.66 -18.20
N SER C 205 -9.00 23.82 -18.08
CA SER C 205 -7.95 23.68 -19.09
C SER C 205 -7.77 22.20 -19.40
N GLY C 206 -7.69 21.88 -20.68
CA GLY C 206 -7.62 20.48 -21.08
C GLY C 206 -6.36 19.78 -20.61
N CYS C 207 -5.23 20.50 -20.61
CA CYS C 207 -3.94 19.90 -20.29
C CYS C 207 -3.03 20.98 -19.72
N GLY C 208 -1.79 20.60 -19.45
CA GLY C 208 -0.81 21.51 -18.90
C GLY C 208 -1.01 21.84 -17.44
N ASN C 209 -1.80 21.05 -16.71
CA ASN C 209 -2.12 21.37 -15.32
C ASN C 209 -2.56 20.09 -14.64
N TRP C 210 -1.81 19.66 -13.61
CA TRP C 210 -2.16 18.51 -12.78
C TRP C 210 -2.39 18.88 -11.32
N ASP C 211 -1.45 19.59 -10.71
CA ASP C 211 -1.58 19.92 -9.29
C ASP C 211 -2.72 20.91 -9.04
N CYS C 212 -3.03 21.78 -9.99
CA CYS C 212 -3.94 22.90 -9.81
C CYS C 212 -5.18 22.76 -10.69
N ILE C 213 -5.66 21.53 -10.88
CA ILE C 213 -6.86 21.30 -11.69
C ILE C 213 -8.05 21.93 -10.99
N MET C 214 -8.91 22.59 -11.77
CA MET C 214 -10.15 23.13 -11.25
C MET C 214 -11.24 23.04 -12.32
N THR C 215 -12.48 23.17 -11.85
CA THR C 215 -13.65 23.33 -12.70
C THR C 215 -14.58 24.34 -12.05
N SER C 216 -15.41 24.97 -12.86
CA SER C 216 -16.34 25.97 -12.33
C SER C 216 -17.44 25.35 -11.48
N TYR C 217 -17.67 24.04 -11.58
CA TYR C 217 -18.74 23.40 -10.83
C TYR C 217 -18.35 23.26 -9.36
N GLN C 218 -19.38 23.24 -8.50
CA GLN C 218 -19.19 23.28 -7.06
C GLN C 218 -19.27 21.91 -6.39
N TYR C 219 -19.95 20.93 -7.02
CA TYR C 219 -20.16 19.62 -6.43
C TYR C 219 -19.98 18.54 -7.48
N LEU C 220 -19.39 17.43 -7.04
CA LEU C 220 -19.32 16.18 -7.81
C LEU C 220 -20.26 15.19 -7.13
N ILE C 221 -21.14 14.56 -7.91
CA ILE C 221 -22.18 13.69 -7.40
C ILE C 221 -22.07 12.35 -8.10
N ILE C 222 -21.85 11.29 -7.32
CA ILE C 222 -21.74 9.93 -7.82
C ILE C 222 -22.95 9.17 -7.28
N GLN C 223 -23.91 8.85 -8.15
CA GLN C 223 -25.15 8.24 -7.70
C GLN C 223 -25.59 7.13 -8.66
N ASN C 224 -26.12 6.06 -8.09
CA ASN C 224 -26.49 4.89 -8.88
C ASN C 224 -27.67 5.17 -9.79
N THR C 225 -27.58 4.67 -11.02
CA THR C 225 -28.58 4.88 -12.06
C THR C 225 -28.77 3.60 -12.87
N THR C 226 -29.68 3.63 -13.84
CA THR C 226 -29.95 2.51 -14.72
C THR C 226 -29.14 2.64 -16.00
N TRP C 227 -28.95 1.51 -16.67
CA TRP C 227 -28.18 1.51 -17.91
C TRP C 227 -28.94 2.20 -19.03
N GLU C 228 -28.22 2.99 -19.82
CA GLU C 228 -28.76 3.58 -21.04
C GLU C 228 -27.58 4.11 -21.82
N ASP C 229 -27.69 4.09 -23.15
CA ASP C 229 -26.58 4.50 -24.02
C ASP C 229 -26.44 6.02 -23.91
N HIS C 230 -25.64 6.45 -22.93
CA HIS C 230 -25.32 7.87 -22.75
C HIS C 230 -24.02 8.28 -23.43
N CYS C 231 -23.31 7.36 -24.05
CA CYS C 231 -21.92 7.60 -24.45
C CYS C 231 -21.89 8.37 -25.77
N GLN C 232 -22.24 9.65 -25.67
CA GLN C 232 -22.33 10.52 -26.83
C GLN C 232 -21.02 11.18 -27.20
N PHE C 233 -20.29 11.72 -26.22
CA PHE C 233 -19.08 12.50 -26.47
C PHE C 233 -17.82 11.64 -26.59
N SER C 234 -17.74 10.56 -25.83
CA SER C 234 -16.60 9.64 -25.88
C SER C 234 -17.12 8.21 -25.78
N ARG C 235 -16.38 7.30 -26.38
CA ARG C 235 -16.81 5.91 -26.40
C ARG C 235 -16.53 5.26 -25.05
N PRO C 236 -17.29 4.22 -24.68
CA PRO C 236 -17.05 3.58 -23.37
C PRO C 236 -15.69 2.90 -23.31
N SER C 237 -15.12 2.88 -22.10
CA SER C 237 -13.80 2.32 -21.88
C SER C 237 -13.59 1.88 -20.44
N PRO C 238 -12.81 0.81 -20.19
CA PRO C 238 -12.48 0.45 -18.80
C PRO C 238 -11.18 1.05 -18.31
N ILE C 239 -10.46 1.79 -19.16
CA ILE C 239 -9.05 2.09 -18.91
C ILE C 239 -8.89 2.96 -17.67
N GLY C 240 -9.80 3.91 -17.46
CA GLY C 240 -9.71 4.74 -16.27
C GLY C 240 -9.83 3.92 -14.99
N TYR C 241 -10.83 3.06 -14.91
CA TYR C 241 -11.04 2.24 -13.72
C TYR C 241 -9.88 1.27 -13.52
N LEU C 242 -9.43 0.63 -14.60
CA LEU C 242 -8.36 -0.36 -14.48
C LEU C 242 -7.05 0.31 -14.08
N GLY C 243 -6.83 1.54 -14.55
CA GLY C 243 -5.66 2.28 -14.08
C GLY C 243 -5.78 2.66 -12.62
N LEU C 244 -6.99 3.04 -12.18
CA LEU C 244 -7.17 3.45 -10.79
C LEU C 244 -7.07 2.27 -9.83
N LEU C 245 -7.29 1.05 -10.31
CA LEU C 245 -7.19 -0.12 -9.42
C LEU C 245 -5.82 -0.25 -8.78
N SER C 246 -4.74 -0.05 -9.56
CA SER C 246 -3.40 -0.22 -9.05
C SER C 246 -2.96 0.87 -8.09
N GLN C 247 -3.68 1.99 -8.02
CA GLN C 247 -3.28 3.15 -7.23
C GLN C 247 -4.03 3.27 -5.91
N ARG C 248 -4.77 2.24 -5.50
CA ARG C 248 -5.56 2.33 -4.29
C ARG C 248 -4.66 2.38 -3.06
N THR C 249 -4.95 3.33 -2.17
CA THR C 249 -4.22 3.57 -0.92
C THR C 249 -2.76 3.96 -1.15
N ARG C 250 -2.40 4.40 -2.36
CA ARG C 250 -1.00 4.69 -2.66
C ARG C 250 -0.57 6.03 -2.09
N ASP C 251 -1.47 7.01 -2.04
CA ASP C 251 -1.15 8.39 -1.67
C ASP C 251 -2.21 8.94 -0.73
N ILE C 252 -2.59 8.13 0.27
CA ILE C 252 -3.51 8.55 1.33
C ILE C 252 -2.72 8.75 2.61
N TYR C 253 -3.31 9.51 3.53
CA TYR C 253 -2.66 9.86 4.78
C TYR C 253 -3.01 8.86 5.88
N ILE C 254 -2.06 8.62 6.78
CA ILE C 254 -2.39 7.92 8.01
C ILE C 254 -3.35 8.78 8.82
N SER C 255 -4.24 8.12 9.57
CA SER C 255 -5.18 8.79 10.46
C SER C 255 -5.12 8.28 11.89
N ARG C 256 -4.41 7.19 12.15
CA ARG C 256 -4.30 6.62 13.48
C ARG C 256 -3.05 5.74 13.50
N ARG C 257 -2.41 5.65 14.67
CA ARG C 257 -1.09 5.03 14.74
C ARG C 257 -1.13 3.57 14.34
N LEU C 258 -2.05 2.79 14.91
CA LEU C 258 -2.08 1.36 14.70
C LEU C 258 -2.64 0.97 13.34
N LEU C 259 -3.42 1.84 12.71
CA LEU C 259 -4.20 1.51 11.51
C LEU C 259 -4.99 0.23 11.72
N GLY D 1 3.62 -2.15 -12.76
CA GLY D 1 3.94 -3.41 -13.41
C GLY D 1 5.31 -3.42 -14.05
N THR D 2 5.42 -2.71 -15.18
CA THR D 2 6.68 -2.55 -15.91
C THR D 2 6.81 -1.12 -16.37
N PHE D 3 8.03 -0.59 -16.34
CA PHE D 3 8.28 0.78 -16.77
C PHE D 3 7.90 0.96 -18.23
N THR D 4 7.39 2.15 -18.56
CA THR D 4 6.93 2.47 -19.90
C THR D 4 7.41 3.82 -20.42
N TRP D 5 7.84 4.74 -19.55
CA TRP D 5 8.28 6.05 -20.00
C TRP D 5 9.49 5.95 -20.93
N THR D 6 9.44 6.69 -22.02
CA THR D 6 10.48 6.70 -23.03
C THR D 6 11.17 8.06 -23.06
N LEU D 7 12.48 8.04 -23.22
CA LEU D 7 13.28 9.26 -23.15
C LEU D 7 12.97 10.17 -24.32
N SER D 8 12.97 11.47 -24.06
CA SER D 8 12.71 12.44 -25.11
C SER D 8 13.95 12.65 -25.98
N ASP D 9 13.74 13.33 -27.11
CA ASP D 9 14.84 13.73 -28.00
C ASP D 9 15.54 14.96 -27.43
N SER D 10 16.26 14.73 -26.32
CA SER D 10 16.74 15.82 -25.48
C SER D 10 17.81 16.68 -26.15
N GLU D 11 18.58 16.13 -27.09
CA GLU D 11 19.72 16.86 -27.63
C GLU D 11 20.05 16.31 -29.01
N GLY D 12 20.16 17.22 -29.99
CA GLY D 12 20.44 16.85 -31.37
C GLY D 12 21.91 16.85 -31.75
N LYS D 13 22.82 17.10 -30.81
CA LYS D 13 24.24 16.98 -31.09
C LYS D 13 24.59 15.58 -31.58
N ASP D 14 24.20 14.56 -30.84
CA ASP D 14 24.31 13.18 -31.27
C ASP D 14 23.17 12.87 -32.24
N THR D 15 22.99 11.59 -32.55
CA THR D 15 21.80 11.20 -33.29
C THR D 15 20.57 11.49 -32.43
N PRO D 16 19.39 11.79 -33.04
CA PRO D 16 18.20 12.04 -32.21
C PRO D 16 17.80 10.85 -31.33
N GLY D 17 18.16 9.63 -31.76
CA GLY D 17 17.89 8.45 -30.97
C GLY D 17 18.75 8.30 -29.73
N GLY D 18 19.83 9.08 -29.60
CA GLY D 18 20.67 9.03 -28.42
C GLY D 18 20.13 9.88 -27.30
N TYR D 19 21.00 10.20 -26.35
CA TYR D 19 20.61 11.02 -25.22
C TYR D 19 21.85 11.66 -24.61
N CYS D 20 21.72 12.93 -24.19
CA CYS D 20 22.83 13.69 -23.64
C CYS D 20 22.52 14.19 -22.24
N LEU D 21 23.50 14.04 -21.35
CA LEU D 21 23.46 14.56 -20.00
C LEU D 21 24.18 15.90 -19.98
N THR D 22 23.43 16.97 -19.73
CA THR D 22 24.00 18.30 -19.64
C THR D 22 24.89 18.42 -18.41
N ARG D 23 25.54 19.58 -18.29
CA ARG D 23 26.39 19.83 -17.13
C ARG D 23 25.58 19.84 -15.83
N TRP D 24 24.30 20.21 -15.91
CA TRP D 24 23.48 20.32 -14.71
C TRP D 24 23.18 18.95 -14.11
N MET D 25 23.10 17.91 -14.93
CA MET D 25 22.82 16.56 -14.46
C MET D 25 24.05 15.81 -13.98
N LEU D 26 25.26 16.35 -14.18
CA LEU D 26 26.51 15.67 -13.86
C LEU D 26 27.33 16.49 -12.87
N ILE D 27 28.11 15.79 -12.05
CA ILE D 27 28.90 16.41 -10.99
C ILE D 27 30.31 16.65 -11.54
N GLU D 28 30.71 17.93 -11.56
CA GLU D 28 32.08 18.33 -11.92
C GLU D 28 32.46 17.84 -13.31
N ALA D 29 31.51 17.98 -14.25
CA ALA D 29 31.66 17.39 -15.57
C ALA D 29 30.91 18.23 -16.59
N GLU D 30 31.32 18.06 -17.84
CA GLU D 30 30.75 18.75 -18.98
C GLU D 30 29.62 17.92 -19.57
N LEU D 31 29.12 18.35 -20.74
CA LEU D 31 28.13 17.57 -21.47
C LEU D 31 28.68 16.19 -21.81
N LYS D 32 27.83 15.17 -21.68
CA LYS D 32 28.20 13.79 -22.03
C LYS D 32 27.06 13.14 -22.82
N CYS D 33 27.33 12.79 -24.07
CA CYS D 33 26.33 12.21 -24.97
C CYS D 33 26.59 10.72 -25.17
N PHE D 34 25.51 9.94 -25.10
CA PHE D 34 25.51 8.51 -25.35
C PHE D 34 24.66 8.24 -26.57
N GLY D 35 25.19 7.43 -27.48
CA GLY D 35 24.54 7.19 -28.76
C GLY D 35 23.29 6.36 -28.62
N ASN D 36 22.58 6.23 -29.75
CA ASN D 36 21.34 5.47 -29.78
C ASN D 36 21.56 4.00 -29.44
N THR D 37 22.72 3.43 -29.78
CA THR D 37 22.99 2.03 -29.50
C THR D 37 23.01 1.70 -28.02
N ALA D 38 23.35 2.67 -27.16
CA ALA D 38 23.37 2.45 -25.71
C ALA D 38 22.00 2.67 -25.10
N VAL D 39 21.38 3.84 -25.35
CA VAL D 39 20.10 4.14 -24.73
C VAL D 39 18.96 3.34 -25.33
N ALA D 40 19.18 2.67 -26.47
CA ALA D 40 18.16 1.76 -26.99
C ALA D 40 17.92 0.60 -26.03
N LYS D 41 18.95 0.17 -25.30
CA LYS D 41 18.80 -0.92 -24.34
C LYS D 41 17.85 -0.57 -23.20
N CYS D 42 17.66 0.72 -22.91
CA CYS D 42 16.80 1.13 -21.81
C CYS D 42 15.33 0.81 -22.04
N ASN D 43 14.92 0.51 -23.28
CA ASN D 43 13.54 0.17 -23.59
C ASN D 43 13.22 -1.31 -23.41
N GLU D 44 14.21 -2.16 -23.10
CA GLU D 44 14.02 -3.60 -22.93
C GLU D 44 14.49 -4.11 -21.57
N LYS D 45 15.62 -3.64 -21.07
CA LYS D 45 16.24 -4.24 -19.90
C LYS D 45 15.63 -3.70 -18.62
N HIS D 46 15.31 -4.61 -17.70
CA HIS D 46 14.69 -4.30 -16.42
C HIS D 46 15.69 -4.26 -15.27
N ASP D 47 17.00 -4.39 -15.55
CA ASP D 47 18.03 -4.49 -14.54
C ASP D 47 19.14 -3.47 -14.72
N GLU D 48 18.82 -2.31 -15.30
CA GLU D 48 19.77 -1.21 -15.52
C GLU D 48 19.41 -0.06 -14.59
N GLU D 49 20.29 0.22 -13.63
CA GLU D 49 20.13 1.37 -12.76
C GLU D 49 20.20 2.66 -13.55
N PHE D 50 21.15 2.75 -14.48
CA PHE D 50 21.39 4.00 -15.19
C PHE D 50 20.20 4.37 -16.06
N CYS D 51 19.52 3.38 -16.65
CA CYS D 51 18.35 3.68 -17.47
C CYS D 51 17.21 4.21 -16.62
N ASP D 52 17.03 3.67 -15.41
CA ASP D 52 16.04 4.21 -14.49
C ASP D 52 16.37 5.65 -14.13
N MET D 53 17.65 5.94 -13.89
CA MET D 53 18.02 7.34 -13.64
C MET D 53 17.78 8.23 -14.85
N LEU D 54 18.07 7.74 -16.06
CA LEU D 54 17.79 8.54 -17.25
C LEU D 54 16.31 8.88 -17.34
N ARG D 55 15.45 7.90 -17.07
CA ARG D 55 14.02 8.16 -17.10
C ARG D 55 13.60 9.13 -16.00
N LEU D 56 14.20 9.03 -14.82
CA LEU D 56 13.88 9.99 -13.76
C LEU D 56 14.29 11.42 -14.14
N PHE D 57 15.51 11.59 -14.66
CA PHE D 57 15.95 12.93 -15.08
C PHE D 57 15.08 13.49 -16.19
N ASP D 58 14.77 12.66 -17.20
CA ASP D 58 13.92 13.13 -18.29
C ASP D 58 12.52 13.48 -17.81
N PHE D 59 11.96 12.67 -16.91
CA PHE D 59 10.64 12.96 -16.37
C PHE D 59 10.67 14.26 -15.57
N ASN D 60 11.73 14.49 -14.81
CA ASN D 60 11.85 15.74 -14.06
C ASN D 60 11.89 16.94 -15.00
N LYS D 61 12.69 16.85 -16.07
CA LYS D 61 12.78 17.93 -17.04
C LYS D 61 11.42 18.21 -17.66
N GLN D 62 10.75 17.17 -18.14
CA GLN D 62 9.46 17.34 -18.80
C GLN D 62 8.41 17.90 -17.83
N ALA D 63 8.42 17.42 -16.58
CA ALA D 63 7.43 17.88 -15.62
C ALA D 63 7.62 19.35 -15.28
N ILE D 64 8.87 19.79 -15.04
CA ILE D 64 9.09 21.19 -14.70
C ILE D 64 8.92 22.11 -15.90
N GLN D 65 9.10 21.60 -17.12
CA GLN D 65 8.92 22.42 -18.31
C GLN D 65 7.48 22.56 -18.75
N ARG D 66 6.67 21.49 -18.65
CA ARG D 66 5.37 21.44 -19.29
C ARG D 66 4.20 21.72 -18.36
N LEU D 67 4.24 21.26 -17.12
CA LEU D 67 3.12 21.37 -16.20
C LEU D 67 3.20 22.66 -15.39
N LYS D 68 2.04 23.21 -15.05
CA LYS D 68 1.97 24.39 -14.22
C LYS D 68 2.50 24.07 -12.83
N ALA D 69 3.35 24.95 -12.30
CA ALA D 69 3.96 24.73 -11.00
C ALA D 69 3.03 25.22 -9.88
N PRO D 70 2.68 24.42 -8.86
CA PRO D 70 1.94 24.98 -7.72
C PRO D 70 2.84 25.86 -6.86
N ALA D 71 2.19 26.55 -5.92
CA ALA D 71 2.93 27.47 -5.04
C ALA D 71 3.93 26.73 -4.16
N GLN D 72 3.49 25.66 -3.50
CA GLN D 72 4.36 24.79 -2.72
C GLN D 72 4.63 23.53 -3.54
N MET D 73 5.86 23.03 -3.47
CA MET D 73 6.24 21.93 -4.35
C MET D 73 5.50 20.67 -3.89
N SER D 74 4.78 20.06 -4.82
CA SER D 74 3.93 18.91 -4.55
C SER D 74 4.59 17.65 -5.07
N ILE D 75 4.66 16.63 -4.22
CA ILE D 75 5.18 15.31 -4.58
C ILE D 75 4.05 14.37 -5.00
N GLN D 76 2.87 14.91 -5.33
CA GLN D 76 1.78 14.07 -5.80
C GLN D 76 2.11 13.42 -7.12
N LEU D 77 2.76 14.16 -8.03
CA LEU D 77 2.98 13.65 -9.38
C LEU D 77 3.92 12.46 -9.39
N ILE D 78 5.03 12.54 -8.65
CA ILE D 78 5.98 11.43 -8.64
C ILE D 78 5.38 10.21 -7.94
N ASN D 79 4.57 10.42 -6.91
CA ASN D 79 3.92 9.31 -6.23
C ASN D 79 3.01 8.51 -7.14
N LYS D 80 2.46 9.14 -8.18
CA LYS D 80 1.68 8.45 -9.19
C LYS D 80 2.54 7.87 -10.31
N ALA D 81 3.63 8.55 -10.67
CA ALA D 81 4.37 8.23 -11.88
C ALA D 81 5.57 7.33 -11.63
N VAL D 82 5.88 7.00 -10.35
CA VAL D 82 7.17 6.39 -10.02
C VAL D 82 7.35 5.04 -10.70
N ASN D 83 6.32 4.20 -10.68
CA ASN D 83 6.45 2.86 -11.24
C ASN D 83 6.48 2.85 -12.77
N ALA D 84 6.08 3.94 -13.42
CA ALA D 84 6.24 4.07 -14.86
C ALA D 84 7.64 4.50 -15.27
N LEU D 85 8.44 5.01 -14.34
CA LEU D 85 9.79 5.51 -14.62
C LEU D 85 10.89 4.54 -14.26
N ILE D 86 10.75 3.84 -13.12
CA ILE D 86 11.81 3.03 -12.55
C ILE D 86 11.26 1.65 -12.20
N ASN D 87 12.19 0.69 -12.08
CA ASN D 87 11.88 -0.63 -11.56
C ASN D 87 12.17 -0.62 -10.08
N ASP D 88 11.13 -0.49 -9.27
CA ASP D 88 11.26 -0.48 -7.81
C ASP D 88 11.94 -1.74 -7.27
N GLN D 89 11.75 -2.87 -7.91
CA GLN D 89 12.41 -4.09 -7.46
C GLN D 89 13.90 -4.09 -7.75
N LEU D 90 14.38 -3.23 -8.65
CA LEU D 90 15.82 -3.05 -8.76
C LEU D 90 16.37 -2.39 -7.49
N ILE D 91 15.65 -1.39 -6.98
CA ILE D 91 16.01 -0.78 -5.70
C ILE D 91 15.93 -1.83 -4.60
N MET D 92 14.93 -2.71 -4.66
CA MET D 92 14.83 -3.77 -3.67
C MET D 92 16.01 -4.74 -3.77
N LYS D 93 16.45 -5.05 -4.99
CA LYS D 93 17.61 -5.92 -5.16
C LYS D 93 18.84 -5.28 -4.54
N ASN D 94 19.02 -3.98 -4.77
CA ASN D 94 20.17 -3.31 -4.18
C ASN D 94 20.08 -3.27 -2.65
N HIS D 95 18.87 -3.10 -2.11
CA HIS D 95 18.70 -3.18 -0.66
C HIS D 95 19.06 -4.57 -0.13
N LEU D 96 18.62 -5.62 -0.83
CA LEU D 96 18.93 -6.98 -0.42
C LEU D 96 20.43 -7.23 -0.47
N ARG D 97 21.10 -6.74 -1.51
CA ARG D 97 22.56 -6.87 -1.58
C ARG D 97 23.23 -6.10 -0.46
N ASP D 98 22.69 -4.94 -0.10
CA ASP D 98 23.25 -4.15 0.99
C ASP D 98 23.19 -4.90 2.31
N ILE D 99 22.02 -5.42 2.67
CA ILE D 99 21.88 -6.07 3.97
C ILE D 99 22.66 -7.38 4.03
N MET D 100 22.80 -8.08 2.90
CA MET D 100 23.51 -9.35 2.86
C MET D 100 25.03 -9.20 2.69
N CYS D 101 25.57 -7.98 2.76
CA CYS D 101 27.01 -7.74 2.63
C CYS D 101 27.53 -8.22 1.27
N ILE D 102 26.77 -7.91 0.22
CA ILE D 102 27.20 -8.10 -1.16
C ILE D 102 27.46 -6.71 -1.73
N PRO D 103 28.41 -6.52 -2.66
CA PRO D 103 28.53 -5.21 -3.29
C PRO D 103 27.26 -4.83 -4.04
N TYR D 104 26.92 -3.55 -4.00
CA TYR D 104 25.65 -3.07 -4.51
C TYR D 104 25.83 -1.67 -5.06
N CYS D 105 24.82 -1.24 -5.84
CA CYS D 105 24.82 0.13 -6.43
C CYS D 105 23.98 1.06 -5.55
N ASN D 106 24.54 2.19 -5.13
CA ASN D 106 23.78 3.17 -4.31
C ASN D 106 23.12 4.21 -5.22
N TYR D 107 23.34 4.11 -6.54
CA TYR D 107 22.68 5.02 -7.52
C TYR D 107 23.37 6.39 -7.55
N SER D 108 24.71 6.42 -7.48
CA SER D 108 25.44 7.67 -7.61
C SER D 108 26.45 7.63 -8.75
N LYS D 109 27.41 6.72 -8.70
CA LYS D 109 28.52 6.65 -9.63
C LYS D 109 28.32 5.50 -10.60
N TYR D 110 28.67 5.75 -11.86
CA TYR D 110 28.55 4.78 -12.95
C TYR D 110 29.84 4.77 -13.74
N TRP D 111 30.07 3.69 -14.47
CA TRP D 111 31.25 3.53 -15.31
C TRP D 111 30.84 3.01 -16.68
N TYR D 112 31.60 3.41 -17.70
CA TYR D 112 31.36 2.98 -19.07
C TYR D 112 32.68 2.91 -19.81
N LEU D 113 32.69 2.11 -20.88
CA LEU D 113 33.86 1.95 -21.73
C LEU D 113 33.72 2.83 -22.96
N ASN D 114 34.69 3.71 -23.15
CA ASN D 114 34.72 4.69 -24.23
C ASN D 114 35.77 4.25 -25.23
N HIS D 115 35.36 4.04 -26.47
CA HIS D 115 36.30 3.64 -27.52
C HIS D 115 37.16 4.86 -27.87
N THR D 116 38.47 4.67 -27.90
CA THR D 116 39.39 5.81 -27.97
C THR D 116 39.31 6.56 -29.30
N THR D 117 39.18 5.86 -30.43
CA THR D 117 39.20 6.49 -31.74
C THR D 117 37.82 6.85 -32.28
N THR D 118 36.80 6.01 -32.05
CA THR D 118 35.48 6.22 -32.62
C THR D 118 34.56 7.01 -31.71
N GLY D 119 34.82 7.06 -30.41
CA GLY D 119 33.93 7.72 -29.49
C GLY D 119 32.71 6.91 -29.09
N ARG D 120 32.58 5.68 -29.57
CA ARG D 120 31.47 4.83 -29.17
C ARG D 120 31.56 4.50 -27.69
N THR D 121 30.40 4.46 -27.02
CA THR D 121 30.33 4.23 -25.59
C THR D 121 29.25 3.19 -25.29
N SER D 122 29.52 2.37 -24.28
CA SER D 122 28.55 1.40 -23.80
C SER D 122 27.53 2.08 -22.89
N LEU D 123 26.47 1.35 -22.58
CA LEU D 123 25.54 1.83 -21.56
C LEU D 123 26.27 1.84 -20.22
N PRO D 124 26.26 2.94 -19.46
CA PRO D 124 26.95 2.92 -18.16
C PRO D 124 26.37 1.90 -17.19
N LYS D 125 27.27 1.11 -16.61
CA LYS D 125 26.98 0.18 -15.53
C LYS D 125 27.36 0.84 -14.21
N CYS D 126 26.61 0.52 -13.17
CA CYS D 126 26.80 1.19 -11.89
C CYS D 126 28.06 0.69 -11.20
N TRP D 127 28.84 1.63 -10.67
CA TRP D 127 29.99 1.30 -9.86
C TRP D 127 29.50 0.93 -8.47
N LEU D 128 29.73 -0.32 -8.07
CA LEU D 128 29.16 -0.84 -6.84
C LEU D 128 29.99 -0.36 -5.64
N VAL D 129 29.36 -0.41 -4.45
CA VAL D 129 29.98 -0.03 -3.20
C VAL D 129 29.85 -1.19 -2.21
N SER D 130 30.80 -1.23 -1.28
CA SER D 130 30.81 -2.25 -0.24
C SER D 130 31.70 -1.79 0.90
N ASN D 131 31.23 -1.99 2.13
CA ASN D 131 31.98 -1.62 3.33
C ASN D 131 32.23 -0.12 3.38
N GLY D 132 31.29 0.66 2.83
CA GLY D 132 31.36 2.10 2.89
C GLY D 132 32.24 2.77 1.87
N SER D 133 32.67 2.08 0.82
CA SER D 133 33.53 2.69 -0.19
C SER D 133 33.39 1.91 -1.49
N TYR D 134 34.02 2.44 -2.55
CA TYR D 134 33.94 1.85 -3.86
C TYR D 134 34.86 0.63 -3.97
N LEU D 135 34.68 -0.14 -5.04
CA LEU D 135 35.37 -1.42 -5.19
C LEU D 135 36.75 -1.30 -5.84
N ASN D 136 37.21 -0.10 -6.19
CA ASN D 136 38.62 0.13 -6.53
C ASN D 136 39.02 -0.50 -7.86
N GLU D 137 38.02 -0.79 -8.72
CA GLU D 137 38.20 -1.15 -10.13
C GLU D 137 38.73 -2.56 -10.35
N THR D 138 39.17 -3.26 -9.30
CA THR D 138 39.77 -4.59 -9.47
C THR D 138 38.79 -5.68 -9.09
N HIS D 139 38.02 -5.50 -8.01
CA HIS D 139 37.13 -6.53 -7.51
C HIS D 139 35.99 -6.85 -8.47
N PHE D 140 35.70 -5.97 -9.42
CA PHE D 140 34.73 -6.23 -10.49
C PHE D 140 35.39 -6.09 -11.85
N SER D 141 36.70 -6.33 -11.93
CA SER D 141 37.41 -6.23 -13.21
C SER D 141 36.80 -7.13 -14.28
N ASP D 142 36.38 -8.34 -13.89
CA ASP D 142 35.76 -9.28 -14.82
C ASP D 142 34.51 -8.70 -15.47
N ASP D 143 33.82 -7.76 -14.82
CA ASP D 143 32.69 -7.13 -15.49
C ASP D 143 33.15 -6.30 -16.68
N ILE D 144 34.14 -5.41 -16.48
CA ILE D 144 34.53 -4.46 -17.53
C ILE D 144 34.98 -5.22 -18.76
N GLU D 145 35.82 -6.25 -18.55
CA GLU D 145 36.32 -7.10 -19.61
C GLU D 145 35.18 -7.63 -20.47
N GLN D 146 34.16 -8.19 -19.82
CA GLN D 146 33.07 -8.78 -20.58
C GLN D 146 32.31 -7.69 -21.32
N GLN D 147 32.12 -6.53 -20.67
CA GLN D 147 31.49 -5.39 -21.33
C GLN D 147 32.31 -4.96 -22.53
N ALA D 148 33.64 -4.98 -22.41
CA ALA D 148 34.48 -4.66 -23.54
C ALA D 148 34.21 -5.62 -24.68
N ASP D 149 34.13 -6.92 -24.36
CA ASP D 149 33.78 -7.92 -25.36
C ASP D 149 32.41 -7.64 -25.95
N ASN D 150 31.46 -7.18 -25.13
CA ASN D 150 30.14 -6.86 -25.66
C ASN D 150 30.24 -5.79 -26.72
N MET D 151 31.02 -4.74 -26.46
CA MET D 151 31.20 -3.70 -27.47
C MET D 151 31.87 -4.27 -28.71
N ILE D 152 32.86 -5.14 -28.51
CA ILE D 152 33.49 -5.80 -29.65
C ILE D 152 32.46 -6.64 -30.38
N THR D 153 31.67 -7.41 -29.62
CA THR D 153 30.59 -8.17 -30.22
C THR D 153 29.62 -7.22 -30.92
N GLU D 154 29.37 -6.07 -30.29
CA GLU D 154 28.40 -5.12 -30.81
C GLU D 154 28.84 -4.57 -32.17
N MET D 155 30.16 -4.42 -32.42
CA MET D 155 30.53 -3.90 -33.75
C MET D 155 30.46 -5.00 -34.79
N LEU D 156 30.57 -6.27 -34.39
CA LEU D 156 30.59 -7.34 -35.39
C LEU D 156 29.26 -7.46 -36.13
N GLN D 157 28.13 -7.38 -35.42
CA GLN D 157 26.86 -7.35 -36.13
C GLN D 157 26.73 -6.09 -36.98
N LYS D 158 27.39 -5.00 -36.58
CA LYS D 158 27.37 -3.83 -37.44
C LYS D 158 28.18 -4.08 -38.71
N GLU D 159 29.22 -4.92 -38.62
CA GLU D 159 29.99 -5.25 -39.81
C GLU D 159 29.19 -6.16 -40.73
N TYR D 160 28.58 -7.22 -40.18
CA TYR D 160 27.82 -8.15 -41.00
C TYR D 160 26.47 -7.58 -41.41
N MET D 161 25.91 -6.67 -40.60
CA MET D 161 24.53 -6.14 -40.69
C MET D 161 23.48 -7.08 -41.31
N GLY E 1 7.13 -3.56 -9.69
CA GLY E 1 7.96 -3.70 -10.88
C GLY E 1 8.03 -5.13 -11.38
N THR E 2 9.22 -5.52 -11.83
CA THR E 2 9.48 -6.86 -12.35
C THR E 2 10.64 -7.48 -11.57
N PHE E 3 10.79 -8.79 -11.71
CA PHE E 3 11.85 -9.50 -11.01
C PHE E 3 13.22 -8.98 -11.43
N THR E 4 14.14 -8.94 -10.47
CA THR E 4 15.51 -8.43 -10.69
C THR E 4 16.60 -9.29 -10.09
N TRP E 5 16.28 -10.23 -9.21
CA TRP E 5 17.30 -11.04 -8.55
C TRP E 5 18.09 -11.85 -9.56
N THR E 6 19.41 -11.84 -9.41
CA THR E 6 20.32 -12.57 -10.29
C THR E 6 20.79 -13.83 -9.58
N LEU E 7 20.75 -14.96 -10.28
CA LEU E 7 21.16 -16.22 -9.70
C LEU E 7 22.66 -16.20 -9.41
N SER E 8 23.02 -16.55 -8.19
CA SER E 8 24.41 -16.50 -7.74
C SER E 8 25.10 -17.84 -7.94
N ASP E 9 26.37 -17.77 -8.33
CA ASP E 9 27.17 -18.98 -8.51
C ASP E 9 28.66 -18.62 -8.53
N GLY E 17 29.63 -22.41 -16.63
CA GLY E 17 28.84 -21.82 -15.58
C GLY E 17 27.53 -22.56 -15.34
N GLY E 18 26.42 -21.87 -15.56
CA GLY E 18 25.11 -22.49 -15.41
C GLY E 18 24.62 -22.40 -13.97
N TYR E 19 23.73 -23.34 -13.62
CA TYR E 19 23.21 -23.40 -12.26
C TYR E 19 22.88 -24.85 -11.94
N CYS E 20 23.12 -25.25 -10.69
CA CYS E 20 22.96 -26.63 -10.24
C CYS E 20 21.96 -26.73 -9.12
N LEU E 21 21.00 -27.66 -9.29
CA LEU E 21 20.06 -28.06 -8.25
C LEU E 21 20.67 -29.23 -7.50
N THR E 22 20.97 -29.01 -6.23
CA THR E 22 21.56 -30.03 -5.38
C THR E 22 20.50 -31.07 -5.01
N ARG E 23 20.97 -32.17 -4.40
CA ARG E 23 20.07 -33.27 -4.06
C ARG E 23 19.00 -32.85 -3.06
N TRP E 24 19.31 -31.91 -2.17
CA TRP E 24 18.35 -31.49 -1.16
C TRP E 24 17.20 -30.68 -1.74
N MET E 25 17.37 -30.13 -2.94
CA MET E 25 16.34 -29.30 -3.58
C MET E 25 15.33 -30.11 -4.38
N LEU E 26 15.49 -31.43 -4.49
CA LEU E 26 14.72 -32.26 -5.42
C LEU E 26 14.15 -33.48 -4.71
N ILE E 27 13.02 -33.96 -5.23
CA ILE E 27 12.35 -35.14 -4.69
C ILE E 27 12.91 -36.37 -5.39
N GLU E 28 13.67 -37.17 -4.64
CA GLU E 28 14.22 -38.44 -5.12
C GLU E 28 15.05 -38.20 -6.39
N ALA E 29 16.12 -37.44 -6.23
CA ALA E 29 16.97 -37.11 -7.37
C ALA E 29 18.33 -36.66 -6.86
N GLU E 30 19.31 -36.75 -7.75
CA GLU E 30 20.69 -36.36 -7.48
C GLU E 30 20.96 -34.98 -8.10
N LEU E 31 22.24 -34.58 -8.10
CA LEU E 31 22.62 -33.25 -8.57
C LEU E 31 22.28 -33.10 -10.05
N LYS E 32 21.63 -32.00 -10.40
CA LYS E 32 21.22 -31.74 -11.79
C LYS E 32 21.63 -30.33 -12.15
N CYS E 33 22.53 -30.21 -13.14
CA CYS E 33 23.10 -28.94 -13.55
C CYS E 33 22.62 -28.59 -14.96
N PHE E 34 22.22 -27.33 -15.13
CA PHE E 34 21.76 -26.79 -16.40
C PHE E 34 22.74 -25.72 -16.85
N GLY E 35 23.07 -25.74 -18.13
CA GLY E 35 24.10 -24.87 -18.68
C GLY E 35 23.65 -23.42 -18.75
N ASN E 36 24.60 -22.57 -19.15
CA ASN E 36 24.34 -21.14 -19.22
C ASN E 36 23.28 -20.81 -20.26
N THR E 37 23.18 -21.60 -21.33
CA THR E 37 22.21 -21.30 -22.38
C THR E 37 20.79 -21.38 -21.86
N ALA E 38 20.48 -22.38 -21.02
CA ALA E 38 19.14 -22.53 -20.48
C ALA E 38 18.90 -21.58 -19.31
N VAL E 39 19.88 -21.43 -18.42
CA VAL E 39 19.70 -20.60 -17.23
C VAL E 39 19.59 -19.13 -17.61
N ALA E 40 20.33 -18.70 -18.64
CA ALA E 40 20.29 -17.30 -19.04
C ALA E 40 18.93 -16.89 -19.60
N LYS E 41 18.11 -17.85 -20.02
CA LYS E 41 16.76 -17.53 -20.47
C LYS E 41 15.93 -16.89 -19.37
N CYS E 42 16.22 -17.21 -18.11
CA CYS E 42 15.48 -16.66 -16.99
C CYS E 42 15.66 -15.15 -16.84
N ASN E 43 16.77 -14.60 -17.37
CA ASN E 43 17.03 -13.17 -17.18
C ASN E 43 16.01 -12.30 -17.89
N GLU E 44 15.40 -12.81 -18.97
CA GLU E 44 14.50 -12.02 -19.83
C GLU E 44 13.05 -12.48 -19.80
N LYS E 45 12.79 -13.78 -19.85
CA LYS E 45 11.40 -14.25 -19.94
C LYS E 45 10.65 -14.01 -18.65
N HIS E 46 9.41 -13.54 -18.77
CA HIS E 46 8.53 -13.26 -17.65
C HIS E 46 7.45 -14.33 -17.44
N ASP E 47 7.54 -15.46 -18.15
CA ASP E 47 6.52 -16.50 -18.13
C ASP E 47 7.12 -17.88 -17.96
N GLU E 48 8.15 -18.00 -17.11
CA GLU E 48 8.84 -19.25 -16.82
C GLU E 48 8.63 -19.59 -15.35
N GLU E 49 7.86 -20.64 -15.09
CA GLU E 49 7.60 -21.06 -13.72
C GLU E 49 8.87 -21.53 -13.04
N PHE E 50 9.68 -22.31 -13.76
CA PHE E 50 10.91 -22.86 -13.21
C PHE E 50 11.88 -21.76 -12.82
N CYS E 51 11.93 -20.69 -13.61
CA CYS E 51 12.84 -19.59 -13.31
C CYS E 51 12.47 -18.91 -12.01
N ASP E 52 11.17 -18.72 -11.78
CA ASP E 52 10.72 -18.15 -10.52
C ASP E 52 11.07 -19.06 -9.35
N MET E 53 10.89 -20.37 -9.53
CA MET E 53 11.26 -21.27 -8.44
C MET E 53 12.76 -21.23 -8.18
N LEU E 54 13.54 -21.16 -9.25
CA LEU E 54 14.99 -21.15 -9.13
C LEU E 54 15.46 -19.91 -8.39
N ARG E 55 14.86 -18.76 -8.72
CA ARG E 55 15.18 -17.54 -7.99
C ARG E 55 14.79 -17.65 -6.52
N LEU E 56 13.63 -18.27 -6.22
CA LEU E 56 13.27 -18.42 -4.80
C LEU E 56 14.26 -19.32 -4.06
N PHE E 57 14.67 -20.43 -4.67
CA PHE E 57 15.60 -21.32 -3.98
C PHE E 57 16.96 -20.66 -3.77
N ASP E 58 17.44 -19.92 -4.79
CA ASP E 58 18.71 -19.20 -4.64
C ASP E 58 18.60 -18.14 -3.55
N PHE E 59 17.47 -17.44 -3.48
CA PHE E 59 17.27 -16.45 -2.43
C PHE E 59 17.25 -17.10 -1.05
N ASN E 60 16.62 -18.26 -0.94
CA ASN E 60 16.62 -18.98 0.34
C ASN E 60 18.03 -19.34 0.76
N LYS E 61 18.82 -19.86 -0.19
CA LYS E 61 20.19 -20.24 0.12
C LYS E 61 21.00 -19.03 0.59
N GLN E 62 20.90 -17.92 -0.14
CA GLN E 62 21.66 -16.72 0.21
C GLN E 62 21.19 -16.15 1.55
N ALA E 63 19.88 -16.13 1.79
CA ALA E 63 19.36 -15.56 3.02
C ALA E 63 19.79 -16.36 4.24
N ILE E 64 19.75 -17.69 4.14
CA ILE E 64 20.22 -18.52 5.25
C ILE E 64 21.72 -18.37 5.44
N GLN E 65 22.47 -18.24 4.34
CA GLN E 65 23.93 -18.19 4.48
C GLN E 65 24.38 -16.87 5.09
N ARG E 66 23.83 -15.74 4.63
CA ARG E 66 24.46 -14.45 4.84
C ARG E 66 23.87 -13.62 5.98
N LEU E 67 22.57 -13.71 6.24
CA LEU E 67 21.90 -12.89 7.25
C LEU E 67 21.82 -13.64 8.57
N LYS E 68 21.90 -12.88 9.66
CA LYS E 68 21.70 -13.46 10.98
C LYS E 68 20.25 -13.90 11.14
N ALA E 69 20.07 -15.11 11.64
CA ALA E 69 18.73 -15.66 11.83
C ALA E 69 18.16 -15.21 13.17
N PRO E 70 16.96 -14.65 13.27
CA PRO E 70 16.37 -14.44 14.59
C PRO E 70 16.03 -15.77 15.25
N ALA E 71 16.00 -15.74 16.58
CA ALA E 71 15.72 -16.95 17.35
C ALA E 71 14.34 -17.50 17.02
N GLN E 72 13.32 -16.65 16.99
CA GLN E 72 12.00 -17.00 16.49
C GLN E 72 11.95 -16.70 15.00
N MET E 73 11.29 -17.58 14.23
CA MET E 73 11.22 -17.38 12.78
C MET E 73 10.48 -16.08 12.45
N SER E 74 10.93 -15.43 11.40
CA SER E 74 10.30 -14.23 10.87
C SER E 74 10.19 -14.34 9.35
N ILE E 75 9.03 -13.97 8.84
CA ILE E 75 8.75 -13.93 7.41
C ILE E 75 8.70 -12.48 6.89
N GLN E 76 9.40 -11.57 7.59
CA GLN E 76 9.45 -10.18 7.14
C GLN E 76 10.30 -10.03 5.90
N LEU E 77 11.38 -10.81 5.78
CA LEU E 77 12.29 -10.66 4.66
C LEU E 77 11.61 -11.05 3.35
N ILE E 78 10.92 -12.20 3.33
CA ILE E 78 10.29 -12.65 2.09
C ILE E 78 9.14 -11.73 1.71
N ASN E 79 8.41 -11.19 2.68
CA ASN E 79 7.31 -10.29 2.39
C ASN E 79 7.75 -9.04 1.64
N LYS E 80 8.99 -8.60 1.87
CA LYS E 80 9.56 -7.47 1.13
C LYS E 80 10.26 -7.92 -0.14
N ALA E 81 10.83 -9.13 -0.15
CA ALA E 81 11.69 -9.55 -1.26
C ALA E 81 10.93 -10.27 -2.37
N VAL E 82 9.67 -10.65 -2.14
CA VAL E 82 8.98 -11.57 -3.04
C VAL E 82 8.85 -11.00 -4.45
N ASN E 83 8.50 -9.72 -4.56
CA ASN E 83 8.25 -9.15 -5.88
C ASN E 83 9.52 -9.02 -6.72
N ALA E 84 10.70 -9.06 -6.11
CA ALA E 84 11.96 -9.08 -6.84
C ALA E 84 12.41 -10.48 -7.26
N LEU E 85 11.79 -11.53 -6.72
CA LEU E 85 12.18 -12.91 -6.99
C LEU E 85 11.28 -13.59 -8.01
N ILE E 86 9.98 -13.32 -7.98
CA ILE E 86 8.98 -14.03 -8.76
C ILE E 86 8.09 -13.04 -9.49
N ASN E 87 7.56 -13.50 -10.62
CA ASN E 87 6.49 -12.80 -11.33
C ASN E 87 5.17 -13.30 -10.76
N ASP E 88 4.64 -12.59 -9.77
CA ASP E 88 3.40 -12.98 -9.10
C ASP E 88 2.24 -13.16 -10.08
N GLN E 89 2.23 -12.42 -11.18
CA GLN E 89 1.18 -12.60 -12.17
C GLN E 89 1.31 -13.91 -12.93
N LEU E 90 2.47 -14.58 -12.90
CA LEU E 90 2.55 -15.94 -13.42
C LEU E 90 1.79 -16.92 -12.52
N ILE E 91 1.99 -16.81 -11.20
CA ILE E 91 1.15 -17.52 -10.24
C ILE E 91 -0.31 -17.21 -10.52
N MET E 92 -0.61 -15.94 -10.84
CA MET E 92 -2.00 -15.55 -10.93
C MET E 92 -2.63 -16.09 -12.21
N LYS E 93 -1.86 -16.17 -13.29
CA LYS E 93 -2.29 -16.86 -14.50
C LYS E 93 -2.57 -18.31 -14.21
N ASN E 94 -1.71 -18.96 -13.42
CA ASN E 94 -1.95 -20.35 -13.07
C ASN E 94 -3.24 -20.51 -12.28
N HIS E 95 -3.50 -19.61 -11.34
CA HIS E 95 -4.76 -19.66 -10.59
C HIS E 95 -5.96 -19.45 -11.50
N LEU E 96 -5.84 -18.51 -12.45
CA LEU E 96 -6.94 -18.26 -13.38
C LEU E 96 -7.22 -19.47 -14.25
N ARG E 97 -6.18 -20.13 -14.75
CA ARG E 97 -6.39 -21.34 -15.52
C ARG E 97 -6.93 -22.47 -14.65
N ASP E 98 -6.60 -22.45 -13.36
CA ASP E 98 -7.15 -23.45 -12.44
C ASP E 98 -8.66 -23.30 -12.32
N ILE E 99 -9.14 -22.08 -12.07
CA ILE E 99 -10.58 -21.91 -11.85
C ILE E 99 -11.38 -22.14 -13.13
N MET E 100 -10.79 -21.82 -14.29
CA MET E 100 -11.48 -21.98 -15.57
C MET E 100 -11.31 -23.38 -16.19
N CYS E 101 -10.94 -24.38 -15.39
CA CYS E 101 -10.90 -25.77 -15.85
C CYS E 101 -9.91 -25.97 -17.00
N ILE E 102 -8.87 -25.15 -17.06
CA ILE E 102 -7.81 -25.25 -18.05
C ILE E 102 -6.62 -25.91 -17.36
N PRO E 103 -5.77 -26.69 -18.06
CA PRO E 103 -4.55 -27.18 -17.43
C PRO E 103 -3.67 -26.04 -16.95
N TYR E 104 -3.06 -26.23 -15.79
CA TYR E 104 -2.27 -25.20 -15.13
C TYR E 104 -1.09 -25.85 -14.43
N CYS E 105 -0.12 -25.00 -14.05
CA CYS E 105 1.09 -25.50 -13.34
C CYS E 105 0.96 -25.27 -11.84
N ASN E 106 1.16 -26.31 -11.03
CA ASN E 106 1.14 -26.11 -9.55
C ASN E 106 2.59 -25.91 -9.09
N TYR E 107 3.55 -25.88 -10.03
CA TYR E 107 4.98 -25.61 -9.70
C TYR E 107 5.64 -26.82 -9.05
N SER E 108 4.98 -27.98 -9.08
CA SER E 108 5.53 -29.17 -8.43
C SER E 108 6.45 -29.93 -9.36
N LYS E 109 5.95 -30.30 -10.53
CA LYS E 109 6.67 -31.15 -11.48
C LYS E 109 7.05 -30.37 -12.73
N TYR E 110 8.26 -30.59 -13.21
CA TYR E 110 8.80 -29.96 -14.40
C TYR E 110 9.37 -31.02 -15.31
N TRP E 111 9.42 -30.72 -16.61
CA TRP E 111 10.00 -31.60 -17.61
C TRP E 111 10.96 -30.81 -18.49
N TYR E 112 12.02 -31.48 -18.91
CA TYR E 112 13.02 -30.89 -19.79
C TYR E 112 13.50 -31.94 -20.76
N LEU E 113 13.89 -31.50 -21.95
CA LEU E 113 14.43 -32.36 -22.98
C LEU E 113 15.95 -32.42 -22.85
N ASN E 114 16.46 -33.64 -22.65
CA ASN E 114 17.88 -33.88 -22.42
C ASN E 114 18.45 -34.50 -23.69
N HIS E 115 19.53 -33.91 -24.20
CA HIS E 115 20.18 -34.47 -25.38
C HIS E 115 20.96 -35.72 -24.97
N THR E 116 20.76 -36.81 -25.70
CA THR E 116 21.26 -38.11 -25.27
C THR E 116 22.78 -38.19 -25.25
N THR E 117 23.46 -37.64 -26.27
CA THR E 117 24.90 -37.77 -26.39
C THR E 117 25.68 -36.61 -25.80
N THR E 118 25.21 -35.37 -25.93
CA THR E 118 25.93 -34.19 -25.48
C THR E 118 25.58 -33.76 -24.06
N GLY E 119 24.44 -34.21 -23.53
CA GLY E 119 24.01 -33.76 -22.22
C GLY E 119 23.40 -32.37 -22.19
N ARG E 120 23.21 -31.74 -23.34
CA ARG E 120 22.58 -30.43 -23.38
C ARG E 120 21.10 -30.57 -23.01
N THR E 121 20.61 -29.60 -22.23
CA THR E 121 19.25 -29.64 -21.68
C THR E 121 18.56 -28.31 -21.91
N SER E 122 17.24 -28.38 -22.07
CA SER E 122 16.41 -27.19 -22.18
C SER E 122 16.14 -26.61 -20.81
N LEU E 123 15.57 -25.41 -20.81
CA LEU E 123 15.01 -24.87 -19.58
C LEU E 123 13.80 -25.74 -19.20
N PRO E 124 13.71 -26.24 -17.97
CA PRO E 124 12.52 -27.03 -17.59
C PRO E 124 11.23 -26.22 -17.68
N LYS E 125 10.25 -26.79 -18.37
CA LYS E 125 8.90 -26.27 -18.44
C LYS E 125 8.00 -27.09 -17.55
N CYS E 126 7.03 -26.42 -16.93
CA CYS E 126 6.21 -27.07 -15.91
C CYS E 126 5.31 -28.13 -16.51
N TRP E 127 5.13 -29.22 -15.76
CA TRP E 127 4.17 -30.24 -16.09
C TRP E 127 2.81 -29.83 -15.54
N LEU E 128 1.84 -29.66 -16.43
CA LEU E 128 0.55 -29.13 -16.04
C LEU E 128 -0.31 -30.20 -15.38
N VAL E 129 -1.28 -29.76 -14.58
CA VAL E 129 -2.24 -30.63 -13.90
C VAL E 129 -3.63 -30.20 -14.31
N SER E 130 -4.56 -31.15 -14.21
CA SER E 130 -5.96 -30.87 -14.51
C SER E 130 -6.83 -31.95 -13.87
N ASN E 131 -7.88 -31.51 -13.19
CA ASN E 131 -8.86 -32.41 -12.57
C ASN E 131 -8.19 -33.33 -11.56
N GLY E 132 -7.23 -32.78 -10.82
CA GLY E 132 -6.61 -33.49 -9.71
C GLY E 132 -5.54 -34.49 -10.08
N SER E 133 -4.99 -34.43 -11.29
CA SER E 133 -3.92 -35.33 -11.69
C SER E 133 -3.09 -34.65 -12.77
N TYR E 134 -1.86 -35.14 -12.93
CA TYR E 134 -0.98 -34.64 -13.97
C TYR E 134 -1.55 -34.95 -15.34
N LEU E 135 -1.35 -34.03 -16.28
CA LEU E 135 -1.72 -34.29 -17.66
C LEU E 135 -0.91 -35.45 -18.20
N ASN E 136 -1.55 -36.25 -19.04
CA ASN E 136 -0.82 -37.24 -19.82
C ASN E 136 0.18 -36.54 -20.72
N GLU E 137 1.28 -37.23 -21.01
CA GLU E 137 2.31 -36.64 -21.87
C GLU E 137 1.75 -36.31 -23.25
N THR E 138 0.92 -37.21 -23.78
CA THR E 138 0.32 -37.04 -25.11
C THR E 138 -0.42 -35.71 -25.22
N HIS E 139 -1.13 -35.32 -24.17
CA HIS E 139 -1.95 -34.12 -24.21
C HIS E 139 -1.12 -32.85 -24.39
N PHE E 140 0.20 -32.89 -24.17
CA PHE E 140 1.07 -31.76 -24.53
C PHE E 140 2.29 -32.23 -25.31
N SER E 141 2.18 -33.35 -26.01
CA SER E 141 3.25 -33.77 -26.90
C SER E 141 3.54 -32.72 -27.96
N ASP E 142 2.49 -32.07 -28.49
CA ASP E 142 2.66 -30.97 -29.42
C ASP E 142 3.53 -29.86 -28.83
N ASP E 143 3.45 -29.63 -27.52
CA ASP E 143 4.35 -28.65 -26.92
C ASP E 143 5.78 -29.17 -26.93
N ILE E 144 5.97 -30.44 -26.56
CA ILE E 144 7.32 -30.99 -26.39
C ILE E 144 8.08 -30.92 -27.71
N GLU E 145 7.42 -31.33 -28.80
CA GLU E 145 8.02 -31.27 -30.13
C GLU E 145 8.53 -29.87 -30.44
N GLN E 146 7.73 -28.85 -30.11
CA GLN E 146 8.14 -27.47 -30.37
C GLN E 146 9.43 -27.16 -29.63
N GLN E 147 9.51 -27.55 -28.35
CA GLN E 147 10.73 -27.33 -27.59
C GLN E 147 11.90 -28.03 -28.24
N ALA E 148 11.69 -29.26 -28.73
CA ALA E 148 12.76 -29.98 -29.40
C ALA E 148 13.26 -29.20 -30.61
N ASP E 149 12.32 -28.66 -31.41
CA ASP E 149 12.70 -27.84 -32.55
C ASP E 149 13.55 -26.67 -32.12
N ASN E 150 13.15 -26.00 -31.03
CA ASN E 150 13.88 -24.84 -30.55
C ASN E 150 15.31 -25.21 -30.22
N MET E 151 15.51 -26.35 -29.55
CA MET E 151 16.86 -26.76 -29.18
C MET E 151 17.68 -27.00 -30.43
N ILE E 152 17.09 -27.68 -31.41
CA ILE E 152 17.81 -27.94 -32.66
C ILE E 152 18.16 -26.63 -33.32
N THR E 153 17.23 -25.66 -33.30
CA THR E 153 17.51 -24.36 -33.88
C THR E 153 18.68 -23.70 -33.18
N GLU E 154 18.71 -23.78 -31.84
CA GLU E 154 19.81 -23.19 -31.10
C GLU E 154 21.11 -23.87 -31.47
N MET E 155 21.08 -25.20 -31.64
CA MET E 155 22.29 -25.91 -32.07
C MET E 155 22.74 -25.41 -33.42
N LEU E 156 21.78 -25.22 -34.34
CA LEU E 156 22.12 -24.71 -35.65
C LEU E 156 22.70 -23.30 -35.54
N GLN E 157 22.16 -22.50 -34.60
CA GLN E 157 22.68 -21.16 -34.40
C GLN E 157 24.12 -21.24 -33.91
N LYS E 158 24.41 -22.22 -33.04
CA LYS E 158 25.79 -22.37 -32.58
C LYS E 158 26.69 -22.80 -33.74
N GLU E 159 26.14 -23.51 -34.72
CA GLU E 159 26.90 -23.84 -35.91
C GLU E 159 27.00 -22.63 -36.84
N TYR E 160 26.02 -21.73 -36.78
CA TYR E 160 26.04 -20.57 -37.67
C TYR E 160 27.14 -19.60 -37.27
N MET E 161 27.44 -19.51 -35.98
CA MET E 161 28.49 -18.63 -35.49
C MET E 161 29.84 -19.11 -36.03
N GLY F 1 3.44 -7.94 -11.31
CA GLY F 1 4.49 -7.27 -12.06
C GLY F 1 4.21 -7.23 -13.56
N THR F 2 4.73 -8.21 -14.27
CA THR F 2 4.63 -8.27 -15.73
C THR F 2 3.39 -9.07 -16.12
N PHE F 3 2.74 -8.67 -17.21
CA PHE F 3 1.62 -9.44 -17.74
C PHE F 3 2.07 -10.84 -18.11
N THR F 4 1.14 -11.79 -18.04
CA THR F 4 1.42 -13.19 -18.34
C THR F 4 0.36 -13.88 -19.20
N TRP F 5 -0.81 -13.26 -19.39
CA TRP F 5 -1.87 -13.89 -20.17
C TRP F 5 -1.43 -14.09 -21.62
N THR F 6 -1.65 -15.31 -22.12
CA THR F 6 -1.03 -15.79 -23.35
C THR F 6 -1.94 -15.73 -24.56
N LEU F 7 -3.11 -15.12 -24.47
CA LEU F 7 -4.12 -15.13 -25.52
C LEU F 7 -4.54 -16.57 -25.82
N SER F 8 -5.29 -16.77 -26.91
CA SER F 8 -5.68 -18.11 -27.34
C SER F 8 -5.80 -18.12 -28.85
N ASP F 9 -5.78 -19.32 -29.42
CA ASP F 9 -5.90 -19.46 -30.87
C ASP F 9 -7.26 -18.96 -31.34
N SER F 10 -7.36 -18.66 -32.63
CA SER F 10 -8.58 -18.11 -33.21
C SER F 10 -9.76 -19.06 -33.05
N PRO F 16 -2.72 -21.46 -37.39
CA PRO F 16 -1.31 -21.07 -37.49
C PRO F 16 -0.93 -20.00 -36.46
N GLY F 17 -1.65 -19.98 -35.33
CA GLY F 17 -1.45 -18.95 -34.34
C GLY F 17 -2.14 -17.66 -34.74
N GLY F 18 -1.52 -16.55 -34.36
CA GLY F 18 -2.10 -15.25 -34.64
C GLY F 18 -3.33 -15.00 -33.80
N TYR F 19 -4.13 -14.04 -34.24
CA TYR F 19 -5.36 -13.70 -33.52
C TYR F 19 -6.32 -12.99 -34.46
N CYS F 20 -7.61 -13.29 -34.32
CA CYS F 20 -8.65 -12.72 -35.15
C CYS F 20 -9.69 -12.03 -34.28
N LEU F 21 -10.01 -10.79 -34.66
CA LEU F 21 -11.03 -9.99 -34.02
C LEU F 21 -12.28 -10.03 -34.89
N THR F 22 -13.40 -10.48 -34.31
CA THR F 22 -14.65 -10.59 -35.05
C THR F 22 -15.39 -9.26 -35.08
N ARG F 23 -16.50 -9.22 -35.81
CA ARG F 23 -17.24 -7.97 -36.00
C ARG F 23 -17.82 -7.43 -34.70
N TRP F 24 -18.04 -8.29 -33.70
CA TRP F 24 -18.52 -7.83 -32.41
C TRP F 24 -17.43 -7.16 -31.58
N MET F 25 -16.16 -7.29 -31.97
CA MET F 25 -15.04 -6.65 -31.29
C MET F 25 -14.61 -5.33 -31.95
N LEU F 26 -14.99 -5.10 -33.20
CA LEU F 26 -14.58 -3.92 -33.96
C LEU F 26 -15.79 -3.06 -34.29
N ILE F 27 -15.54 -1.75 -34.45
CA ILE F 27 -16.60 -0.78 -34.70
C ILE F 27 -16.77 -0.61 -36.20
N GLU F 28 -17.85 -1.16 -36.74
CA GLU F 28 -18.18 -1.07 -38.16
C GLU F 28 -17.04 -1.69 -38.97
N ALA F 29 -16.92 -3.01 -38.85
CA ALA F 29 -15.86 -3.72 -39.53
C ALA F 29 -16.14 -5.21 -39.48
N GLU F 30 -15.76 -5.90 -40.55
CA GLU F 30 -15.84 -7.35 -40.60
C GLU F 30 -14.62 -7.95 -39.88
N LEU F 31 -14.48 -9.27 -39.93
CA LEU F 31 -13.49 -9.95 -39.12
C LEU F 31 -12.09 -9.74 -39.66
N LYS F 32 -11.18 -9.31 -38.79
CA LYS F 32 -9.80 -8.97 -39.15
C LYS F 32 -8.83 -9.86 -38.39
N CYS F 33 -7.92 -10.50 -39.13
CA CYS F 33 -6.93 -11.41 -38.56
C CYS F 33 -5.53 -10.85 -38.70
N PHE F 34 -4.72 -11.08 -37.67
CA PHE F 34 -3.30 -10.72 -37.64
C PHE F 34 -2.48 -11.99 -37.43
N GLY F 35 -1.45 -12.15 -38.24
CA GLY F 35 -0.66 -13.37 -38.22
C GLY F 35 0.18 -13.50 -36.96
N ASN F 36 0.75 -14.69 -36.80
CA ASN F 36 1.58 -14.98 -35.63
C ASN F 36 2.82 -14.12 -35.57
N THR F 37 3.37 -13.70 -36.72
CA THR F 37 4.57 -12.89 -36.75
C THR F 37 4.39 -11.54 -36.06
N ALA F 38 3.17 -11.01 -36.05
CA ALA F 38 2.85 -9.75 -35.37
C ALA F 38 2.28 -9.98 -33.98
N VAL F 39 1.41 -10.98 -33.81
CA VAL F 39 0.79 -11.22 -32.52
C VAL F 39 1.81 -11.72 -31.51
N ALA F 40 2.82 -12.47 -31.97
CA ALA F 40 3.83 -13.02 -31.07
C ALA F 40 4.68 -11.93 -30.42
N LYS F 41 4.71 -10.72 -31.00
CA LYS F 41 5.41 -9.61 -30.34
C LYS F 41 4.79 -9.26 -29.00
N CYS F 42 3.49 -9.55 -28.81
CA CYS F 42 2.82 -9.27 -27.56
C CYS F 42 3.35 -10.10 -26.39
N ASN F 43 4.05 -11.21 -26.67
CA ASN F 43 4.57 -12.02 -25.58
C ASN F 43 5.65 -11.28 -24.79
N GLU F 44 6.43 -10.43 -25.45
CA GLU F 44 7.57 -9.75 -24.85
C GLU F 44 7.44 -8.23 -24.76
N LYS F 45 6.65 -7.60 -25.62
CA LYS F 45 6.57 -6.14 -25.62
C LYS F 45 5.83 -5.64 -24.39
N HIS F 46 6.41 -4.65 -23.72
CA HIS F 46 5.88 -4.12 -22.47
C HIS F 46 5.12 -2.80 -22.65
N ASP F 47 5.13 -2.20 -23.84
CA ASP F 47 4.59 -0.86 -24.07
C ASP F 47 3.71 -0.80 -25.31
N GLU F 48 2.99 -1.88 -25.60
CA GLU F 48 2.04 -1.93 -26.71
C GLU F 48 0.62 -1.89 -26.15
N GLU F 49 -0.12 -0.84 -26.51
CA GLU F 49 -1.51 -0.73 -26.11
C GLU F 49 -2.36 -1.83 -26.72
N PHE F 50 -2.13 -2.14 -28.00
CA PHE F 50 -2.99 -3.09 -28.69
C PHE F 50 -2.83 -4.48 -28.12
N CYS F 51 -1.63 -4.82 -27.64
CA CYS F 51 -1.43 -6.13 -27.02
C CYS F 51 -2.21 -6.25 -25.72
N ASP F 52 -2.17 -5.20 -24.90
CA ASP F 52 -2.99 -5.17 -23.69
C ASP F 52 -4.46 -5.31 -24.03
N MET F 53 -4.89 -4.70 -25.13
CA MET F 53 -6.30 -4.78 -25.51
C MET F 53 -6.66 -6.17 -26.01
N LEU F 54 -5.77 -6.81 -26.78
CA LEU F 54 -6.01 -8.19 -27.19
C LEU F 54 -6.14 -9.09 -25.97
N ARG F 55 -5.29 -8.88 -24.96
CA ARG F 55 -5.37 -9.70 -23.76
C ARG F 55 -6.67 -9.45 -22.99
N LEU F 56 -7.12 -8.20 -22.90
CA LEU F 56 -8.40 -7.93 -22.25
C LEU F 56 -9.56 -8.57 -23.00
N PHE F 57 -9.59 -8.44 -24.32
CA PHE F 57 -10.68 -9.01 -25.11
C PHE F 57 -10.69 -10.54 -25.01
N ASP F 58 -9.52 -11.17 -25.11
CA ASP F 58 -9.45 -12.62 -25.00
C ASP F 58 -9.86 -13.08 -23.61
N PHE F 59 -9.45 -12.34 -22.57
CA PHE F 59 -9.83 -12.70 -21.21
C PHE F 59 -11.33 -12.61 -21.02
N ASN F 60 -11.95 -11.56 -21.58
CA ASN F 60 -13.41 -11.45 -21.52
C ASN F 60 -14.08 -12.63 -22.22
N LYS F 61 -13.58 -12.98 -23.42
CA LYS F 61 -14.16 -14.07 -24.19
C LYS F 61 -14.06 -15.39 -23.43
N GLN F 62 -12.92 -15.66 -22.81
CA GLN F 62 -12.76 -16.90 -22.06
C GLN F 62 -13.57 -16.88 -20.76
N ALA F 63 -13.66 -15.70 -20.13
CA ALA F 63 -14.32 -15.62 -18.82
C ALA F 63 -15.82 -15.83 -18.94
N ILE F 64 -16.47 -15.19 -19.92
CA ILE F 64 -17.92 -15.37 -20.06
C ILE F 64 -18.28 -16.76 -20.54
N GLN F 65 -17.32 -17.54 -21.05
CA GLN F 65 -17.57 -18.89 -21.56
C GLN F 65 -17.31 -19.96 -20.50
N ARG F 66 -16.18 -19.90 -19.79
CA ARG F 66 -15.73 -21.02 -18.97
C ARG F 66 -16.22 -20.97 -17.53
N LEU F 67 -16.56 -19.80 -17.00
CA LEU F 67 -16.96 -19.65 -15.59
C LEU F 67 -18.46 -19.51 -15.47
N LYS F 68 -19.00 -20.09 -14.40
CA LYS F 68 -20.41 -19.95 -14.09
C LYS F 68 -20.74 -18.51 -13.73
N ALA F 69 -21.71 -17.94 -14.42
CA ALA F 69 -22.00 -16.53 -14.25
C ALA F 69 -22.81 -16.30 -12.96
N PRO F 70 -22.56 -15.22 -12.22
CA PRO F 70 -23.47 -14.87 -11.12
C PRO F 70 -24.72 -14.16 -11.64
N ALA F 71 -25.69 -14.00 -10.73
CA ALA F 71 -26.94 -13.33 -11.10
C ALA F 71 -26.69 -11.87 -11.47
N GLN F 72 -26.01 -11.13 -10.59
CA GLN F 72 -25.54 -9.78 -10.85
C GLN F 72 -24.03 -9.81 -10.96
N MET F 73 -23.48 -8.80 -11.64
CA MET F 73 -22.03 -8.75 -11.83
C MET F 73 -21.31 -8.57 -10.50
N SER F 74 -20.08 -9.08 -10.45
CA SER F 74 -19.22 -8.98 -9.28
C SER F 74 -18.07 -8.01 -9.47
N ILE F 75 -17.56 -7.85 -10.69
CA ILE F 75 -16.30 -7.21 -11.05
C ILE F 75 -15.19 -7.58 -10.06
N GLN F 76 -15.16 -8.85 -9.66
CA GLN F 76 -14.13 -9.41 -8.80
C GLN F 76 -13.06 -10.13 -9.60
N LEU F 77 -13.47 -10.79 -10.69
CA LEU F 77 -12.52 -11.44 -11.58
C LEU F 77 -11.57 -10.44 -12.21
N ILE F 78 -12.08 -9.28 -12.65
CA ILE F 78 -11.20 -8.31 -13.30
C ILE F 78 -10.32 -7.60 -12.28
N ASN F 79 -10.87 -7.30 -11.10
CA ASN F 79 -10.10 -6.55 -10.10
C ASN F 79 -8.88 -7.33 -9.63
N LYS F 80 -8.96 -8.65 -9.62
CA LYS F 80 -7.81 -9.48 -9.34
C LYS F 80 -6.98 -9.78 -10.58
N ALA F 81 -7.60 -9.91 -11.75
CA ALA F 81 -6.89 -10.42 -12.91
C ALA F 81 -6.21 -9.35 -13.76
N VAL F 82 -6.51 -8.07 -13.52
CA VAL F 82 -6.09 -7.00 -14.43
C VAL F 82 -4.58 -6.91 -14.54
N ASN F 83 -3.87 -7.13 -13.42
CA ASN F 83 -2.41 -7.00 -13.46
C ASN F 83 -1.75 -8.07 -14.31
N ALA F 84 -2.40 -9.22 -14.53
CA ALA F 84 -1.89 -10.25 -15.41
C ALA F 84 -2.26 -10.03 -16.87
N LEU F 85 -3.17 -9.10 -17.17
CA LEU F 85 -3.65 -8.84 -18.52
C LEU F 85 -2.98 -7.64 -19.17
N ILE F 86 -2.79 -6.56 -18.42
CA ILE F 86 -2.38 -5.27 -18.95
C ILE F 86 -1.21 -4.72 -18.15
N ASN F 87 -0.48 -3.80 -18.77
CA ASN F 87 0.55 -3.02 -18.10
C ASN F 87 -0.09 -1.71 -17.65
N ASP F 88 -0.45 -1.65 -16.36
CA ASP F 88 -1.07 -0.45 -15.81
C ASP F 88 -0.20 0.80 -15.95
N GLN F 89 1.11 0.64 -15.93
CA GLN F 89 1.98 1.79 -16.11
C GLN F 89 1.97 2.31 -17.54
N LEU F 90 1.52 1.52 -18.52
CA LEU F 90 1.26 2.08 -19.84
C LEU F 90 0.06 3.02 -19.80
N ILE F 91 -0.97 2.67 -19.03
CA ILE F 91 -2.09 3.60 -18.82
C ILE F 91 -1.59 4.85 -18.11
N MET F 92 -0.69 4.69 -17.15
CA MET F 92 -0.14 5.86 -16.46
C MET F 92 0.70 6.71 -17.41
N LYS F 93 1.43 6.07 -18.32
CA LYS F 93 2.17 6.80 -19.35
C LYS F 93 1.22 7.64 -20.19
N ASN F 94 0.10 7.06 -20.61
CA ASN F 94 -0.83 7.83 -21.42
C ASN F 94 -1.48 8.96 -20.61
N HIS F 95 -1.72 8.74 -19.32
CA HIS F 95 -2.17 9.82 -18.46
C HIS F 95 -1.15 10.95 -18.39
N LEU F 96 0.14 10.60 -18.21
CA LEU F 96 1.19 11.60 -18.14
C LEU F 96 1.30 12.37 -19.45
N ARG F 97 1.19 11.68 -20.58
CA ARG F 97 1.25 12.35 -21.87
C ARG F 97 0.04 13.25 -22.07
N ASP F 98 -1.13 12.84 -21.55
CA ASP F 98 -2.32 13.67 -21.67
C ASP F 98 -2.18 14.96 -20.88
N ILE F 99 -1.75 14.87 -19.61
CA ILE F 99 -1.69 16.07 -18.78
C ILE F 99 -0.61 17.03 -19.26
N MET F 100 0.47 16.50 -19.84
CA MET F 100 1.59 17.34 -20.28
C MET F 100 1.38 17.96 -21.66
N CYS F 101 0.16 17.91 -22.21
CA CYS F 101 -0.14 18.44 -23.54
C CYS F 101 0.71 17.76 -24.61
N ILE F 102 0.95 16.47 -24.44
CA ILE F 102 1.65 15.63 -25.42
C ILE F 102 0.59 14.75 -26.07
N PRO F 103 0.71 14.41 -27.36
CA PRO F 103 -0.23 13.43 -27.94
C PRO F 103 -0.14 12.09 -27.22
N TYR F 104 -1.29 11.43 -27.07
CA TYR F 104 -1.40 10.24 -26.25
C TYR F 104 -2.44 9.31 -26.86
N CYS F 105 -2.39 8.05 -26.44
CA CYS F 105 -3.36 7.04 -26.84
C CYS F 105 -4.53 7.03 -25.86
N ASN F 106 -5.74 6.91 -26.42
CA ASN F 106 -6.96 6.81 -25.58
C ASN F 106 -7.54 5.41 -25.73
N TYR F 107 -6.86 4.52 -26.46
CA TYR F 107 -7.27 3.11 -26.54
C TYR F 107 -8.55 2.94 -27.36
N SER F 108 -8.69 3.76 -28.41
CA SER F 108 -9.87 3.75 -29.26
C SER F 108 -9.54 3.32 -30.68
N LYS F 109 -8.63 4.05 -31.34
CA LYS F 109 -8.25 3.81 -32.72
C LYS F 109 -6.82 3.31 -32.79
N TYR F 110 -6.59 2.36 -33.70
CA TYR F 110 -5.28 1.79 -33.95
C TYR F 110 -5.06 1.76 -35.46
N TRP F 111 -3.81 1.96 -35.87
CA TRP F 111 -3.44 1.93 -37.29
C TRP F 111 -2.37 0.88 -37.52
N TYR F 112 -2.44 0.27 -38.70
CA TYR F 112 -1.49 -0.73 -39.12
C TYR F 112 -1.29 -0.62 -40.61
N LEU F 113 -0.08 -0.95 -41.06
CA LEU F 113 0.23 -1.02 -42.48
C LEU F 113 -0.12 -2.40 -43.00
N ASN F 114 -0.71 -2.45 -44.19
CA ASN F 114 -1.16 -3.68 -44.83
C ASN F 114 -0.42 -3.82 -46.15
N HIS F 115 0.27 -4.94 -46.34
CA HIS F 115 0.97 -5.20 -47.59
C HIS F 115 -0.05 -5.64 -48.64
N THR F 116 -0.09 -4.94 -49.77
CA THR F 116 -1.17 -5.12 -50.73
C THR F 116 -1.22 -6.51 -51.35
N THR F 117 -0.09 -7.08 -51.76
CA THR F 117 -0.10 -8.35 -52.48
C THR F 117 -0.01 -9.57 -51.58
N THR F 118 0.62 -9.46 -50.41
CA THR F 118 0.76 -10.56 -49.48
C THR F 118 -0.24 -10.52 -48.33
N GLY F 119 -0.75 -9.34 -47.97
CA GLY F 119 -1.67 -9.21 -46.86
C GLY F 119 -1.02 -9.23 -45.50
N ARG F 120 0.30 -9.10 -45.42
CA ARG F 120 0.99 -9.12 -44.13
C ARG F 120 0.84 -7.77 -43.45
N THR F 121 0.66 -7.78 -42.13
CA THR F 121 0.29 -6.60 -41.36
C THR F 121 1.18 -6.45 -40.13
N SER F 122 1.21 -5.25 -39.54
CA SER F 122 2.06 -4.96 -38.35
C SER F 122 1.22 -4.94 -37.07
N LEU F 123 1.79 -5.37 -35.94
CA LEU F 123 1.10 -5.26 -34.63
C LEU F 123 0.58 -3.82 -34.55
N PRO F 124 -0.73 -3.56 -34.74
CA PRO F 124 -1.26 -2.19 -34.80
C PRO F 124 -0.71 -1.29 -33.69
N LYS F 125 -0.41 -0.06 -34.08
CA LYS F 125 0.01 1.02 -33.19
C LYS F 125 -1.17 1.95 -32.95
N CYS F 126 -1.19 2.56 -31.78
CA CYS F 126 -2.33 3.39 -31.40
C CYS F 126 -2.29 4.73 -32.11
N TRP F 127 -3.46 5.21 -32.53
CA TRP F 127 -3.59 6.53 -33.12
C TRP F 127 -3.72 7.54 -31.99
N LEU F 128 -2.91 8.60 -32.03
CA LEU F 128 -2.81 9.53 -30.92
C LEU F 128 -3.83 10.66 -31.06
N VAL F 129 -4.13 11.30 -29.93
CA VAL F 129 -5.07 12.41 -29.83
C VAL F 129 -4.42 13.49 -28.98
N SER F 130 -4.57 14.75 -29.41
CA SER F 130 -3.99 15.88 -28.68
C SER F 130 -5.01 16.83 -28.08
N ASN F 131 -5.76 17.56 -28.92
CA ASN F 131 -6.84 18.45 -28.47
C ASN F 131 -8.20 17.83 -28.73
N GLY F 132 -8.46 16.70 -28.08
CA GLY F 132 -9.73 16.04 -28.25
C GLY F 132 -10.04 15.56 -29.64
N SER F 133 -9.04 15.42 -30.50
CA SER F 133 -9.24 15.00 -31.88
C SER F 133 -8.00 14.23 -32.33
N TYR F 134 -8.22 13.34 -33.29
CA TYR F 134 -7.15 12.49 -33.79
C TYR F 134 -6.12 13.31 -34.56
N LEU F 135 -4.85 12.99 -34.32
CA LEU F 135 -3.77 13.59 -35.10
C LEU F 135 -3.90 13.22 -36.57
N ASN F 136 -3.61 14.18 -37.43
CA ASN F 136 -3.44 13.88 -38.84
C ASN F 136 -2.25 12.95 -39.02
N GLU F 137 -2.31 12.12 -40.07
CA GLU F 137 -1.19 11.22 -40.35
C GLU F 137 0.08 11.98 -40.71
N THR F 138 -0.04 13.24 -41.14
CA THR F 138 1.14 14.07 -41.39
C THR F 138 1.95 14.35 -40.14
N HIS F 139 1.34 14.31 -38.96
CA HIS F 139 2.02 14.64 -37.71
C HIS F 139 2.67 13.44 -37.04
N PHE F 140 2.46 12.22 -37.55
CA PHE F 140 3.21 11.06 -37.08
C PHE F 140 3.59 10.15 -38.23
N SER F 141 3.79 10.72 -39.42
CA SER F 141 4.23 9.93 -40.57
C SER F 141 5.61 9.32 -40.36
N ASP F 142 6.44 9.91 -39.51
CA ASP F 142 7.75 9.32 -39.22
C ASP F 142 7.62 7.94 -38.61
N ASP F 143 6.68 7.76 -37.68
CA ASP F 143 6.45 6.44 -37.11
C ASP F 143 5.93 5.46 -38.15
N ILE F 144 5.11 5.93 -39.09
CA ILE F 144 4.61 5.04 -40.14
C ILE F 144 5.76 4.59 -41.04
N GLU F 145 6.64 5.53 -41.41
CA GLU F 145 7.82 5.16 -42.19
C GLU F 145 8.70 4.18 -41.43
N GLN F 146 8.86 4.38 -40.12
CA GLN F 146 9.66 3.47 -39.32
C GLN F 146 9.05 2.07 -39.29
N GLN F 147 7.72 1.98 -39.17
CA GLN F 147 7.06 0.68 -39.18
C GLN F 147 7.20 0.01 -40.54
N ALA F 148 7.11 0.79 -41.62
CA ALA F 148 7.33 0.23 -42.95
C ALA F 148 8.76 -0.30 -43.08
N ASP F 149 9.73 0.45 -42.56
CA ASP F 149 11.11 -0.01 -42.57
C ASP F 149 11.28 -1.29 -41.77
N ASN F 150 10.58 -1.41 -40.65
CA ASN F 150 10.62 -2.65 -39.87
C ASN F 150 10.03 -3.82 -40.67
N MET F 151 8.96 -3.58 -41.42
CA MET F 151 8.44 -4.64 -42.28
C MET F 151 9.44 -5.04 -43.35
N ILE F 152 10.11 -4.07 -43.98
CA ILE F 152 11.13 -4.41 -44.97
C ILE F 152 12.24 -5.22 -44.31
N THR F 153 12.63 -4.86 -43.09
CA THR F 153 13.69 -5.58 -42.41
C THR F 153 13.30 -7.03 -42.12
N GLU F 154 12.11 -7.24 -41.55
CA GLU F 154 11.72 -8.60 -41.22
C GLU F 154 11.46 -9.42 -42.48
N MET F 155 10.98 -8.78 -43.55
CA MET F 155 10.78 -9.51 -44.81
C MET F 155 12.13 -9.91 -45.40
N LEU F 156 13.13 -9.05 -45.27
CA LEU F 156 14.49 -9.38 -45.72
C LEU F 156 15.03 -10.56 -44.92
N GLN F 157 14.83 -10.54 -43.61
CA GLN F 157 15.30 -11.65 -42.77
C GLN F 157 14.49 -12.92 -43.03
N LYS F 158 13.23 -12.78 -43.45
CA LYS F 158 12.40 -13.92 -43.78
C LYS F 158 12.88 -14.58 -45.07
N GLU F 159 13.20 -13.77 -46.07
CA GLU F 159 13.78 -14.30 -47.30
C GLU F 159 15.17 -14.86 -47.05
N TYR F 160 15.88 -14.32 -46.05
CA TYR F 160 17.21 -14.82 -45.72
C TYR F 160 17.19 -16.25 -45.19
N MET F 161 16.03 -16.71 -44.72
CA MET F 161 15.88 -18.08 -44.20
C MET F 161 16.25 -19.11 -45.27
N GLN G 22 -30.58 17.22 27.35
CA GLN G 22 -29.70 17.23 28.56
C GLN G 22 -30.30 16.36 29.66
N GLY G 23 -29.66 16.34 30.82
CA GLY G 23 -30.10 15.47 31.89
C GLY G 23 -29.36 15.76 33.18
N THR G 24 -29.49 14.83 34.12
CA THR G 24 -28.92 14.96 35.45
C THR G 24 -28.33 13.63 35.91
N LEU G 25 -27.43 13.76 36.88
CA LEU G 25 -26.79 12.64 37.57
C LEU G 25 -27.12 12.78 39.05
N ARG G 26 -27.42 11.65 39.70
CA ARG G 26 -27.84 11.67 41.10
C ARG G 26 -27.17 10.53 41.86
N GLU G 27 -26.43 10.87 42.90
CA GLU G 27 -25.86 9.87 43.80
C GLU G 27 -26.94 9.31 44.71
N SER G 28 -26.69 8.10 45.21
CA SER G 28 -27.55 7.51 46.23
C SER G 28 -26.81 6.35 46.86
N GLY G 29 -26.85 6.28 48.19
CA GLY G 29 -26.18 5.21 48.89
C GLY G 29 -26.07 5.48 50.37
N PRO G 30 -25.36 4.62 51.10
CA PRO G 30 -25.19 4.85 52.54
C PRO G 30 -24.44 6.13 52.83
N GLY G 31 -25.03 6.97 53.68
CA GLY G 31 -24.36 8.12 54.24
C GLY G 31 -23.50 7.81 55.44
N LEU G 32 -23.39 6.54 55.83
CA LEU G 32 -22.58 6.14 56.98
C LEU G 32 -22.11 4.71 56.75
N VAL G 33 -20.80 4.51 56.84
CA VAL G 33 -20.20 3.19 56.88
C VAL G 33 -19.24 3.15 58.07
N ARG G 34 -19.02 1.96 58.59
CA ARG G 34 -18.08 1.75 59.67
C ARG G 34 -16.70 1.41 59.11
N PRO G 35 -15.63 1.55 59.90
CA PRO G 35 -14.30 1.19 59.39
C PRO G 35 -14.21 -0.29 59.02
N SER G 36 -13.57 -0.55 57.88
CA SER G 36 -13.24 -1.86 57.31
C SER G 36 -14.41 -2.53 56.58
N GLU G 37 -15.61 -1.95 56.55
CA GLU G 37 -16.68 -2.42 55.68
C GLU G 37 -16.63 -1.66 54.35
N THR G 38 -17.46 -2.08 53.41
CA THR G 38 -17.41 -1.62 52.03
C THR G 38 -18.51 -0.60 51.78
N LEU G 39 -18.10 0.60 51.34
CA LEU G 39 -19.01 1.61 50.82
C LEU G 39 -19.48 1.20 49.43
N SER G 40 -20.75 1.46 49.14
CA SER G 40 -21.34 1.18 47.83
C SER G 40 -22.28 2.32 47.46
N LEU G 41 -21.88 3.11 46.46
CA LEU G 41 -22.64 4.26 45.99
C LEU G 41 -23.12 3.99 44.57
N THR G 42 -24.38 4.31 44.29
CA THR G 42 -24.96 4.15 42.96
C THR G 42 -25.32 5.51 42.40
N CYS G 43 -24.86 5.79 41.18
CA CYS G 43 -25.15 7.02 40.46
C CYS G 43 -26.16 6.68 39.38
N GLY G 44 -27.36 7.25 39.51
CA GLY G 44 -28.38 7.14 38.48
C GLY G 44 -28.33 8.31 37.52
N VAL G 45 -28.44 7.98 36.24
CA VAL G 45 -28.33 8.94 35.14
C VAL G 45 -29.70 9.04 34.48
N SER G 46 -30.23 10.25 34.38
CA SER G 46 -31.55 10.48 33.80
C SER G 46 -31.44 11.55 32.73
N GLY G 47 -31.93 11.26 31.53
CA GLY G 47 -31.87 12.17 30.41
C GLY G 47 -30.66 12.00 29.51
N TYR G 48 -29.60 11.36 30.00
CA TYR G 48 -28.47 10.94 29.20
C TYR G 48 -28.44 9.42 29.14
N SER G 49 -28.00 8.89 28.00
CA SER G 49 -27.81 7.46 27.82
C SER G 49 -26.37 7.09 28.15
N ILE G 50 -26.21 6.20 29.14
CA ILE G 50 -24.88 5.73 29.50
C ILE G 50 -24.23 4.96 28.35
N SER G 51 -25.02 4.37 27.45
CA SER G 51 -24.47 3.70 26.29
C SER G 51 -23.89 4.67 25.25
N SER G 52 -24.08 5.97 25.41
CA SER G 52 -23.37 6.93 24.58
C SER G 52 -21.88 6.92 24.95
N GLY G 53 -21.06 7.38 23.99
CA GLY G 53 -19.62 7.29 24.14
C GLY G 53 -19.03 8.33 25.07
N TYR G 54 -19.25 8.16 26.37
CA TYR G 54 -18.75 9.06 27.38
C TYR G 54 -18.35 8.26 28.62
N TYR G 55 -17.38 8.79 29.37
CA TYR G 55 -16.76 8.07 30.48
C TYR G 55 -17.38 8.53 31.79
N TRP G 56 -17.85 7.56 32.57
CA TRP G 56 -18.64 7.83 33.76
C TRP G 56 -17.79 7.54 35.00
N GLY G 57 -17.57 8.58 35.80
CA GLY G 57 -16.54 8.52 36.81
C GLY G 57 -16.97 9.07 38.15
N TRP G 58 -16.13 8.77 39.14
CA TRP G 58 -16.29 9.23 40.51
C TRP G 58 -15.08 10.06 40.90
N ILE G 59 -15.37 11.20 41.53
CA ILE G 59 -14.38 12.11 42.09
C ILE G 59 -14.72 12.28 43.56
N ARG G 60 -13.70 12.59 44.37
CA ARG G 60 -13.83 12.68 45.82
C ARG G 60 -13.31 14.01 46.32
N GLN G 61 -14.02 14.60 47.29
CA GLN G 61 -13.59 15.81 47.99
C GLN G 61 -13.64 15.53 49.49
N PRO G 62 -12.51 15.23 50.14
CA PRO G 62 -12.53 15.17 51.60
C PRO G 62 -12.87 16.51 52.20
N PRO G 63 -13.41 16.55 53.43
CA PRO G 63 -14.08 17.77 53.91
C PRO G 63 -13.12 18.89 54.23
N GLY G 64 -12.76 19.67 53.21
CA GLY G 64 -11.86 20.82 53.34
C GLY G 64 -10.63 20.75 52.47
N LYS G 65 -10.38 19.62 51.80
CA LYS G 65 -9.20 19.41 50.96
C LYS G 65 -9.62 19.45 49.49
N GLY G 66 -8.63 19.38 48.60
CA GLY G 66 -8.87 19.47 47.18
C GLY G 66 -9.53 18.23 46.63
N LEU G 67 -9.88 18.31 45.35
CA LEU G 67 -10.58 17.23 44.67
C LEU G 67 -9.60 16.10 44.35
N GLU G 68 -10.07 14.87 44.51
CA GLU G 68 -9.30 13.66 44.20
C GLU G 68 -10.14 12.77 43.31
N TRP G 69 -9.62 12.45 42.14
CA TRP G 69 -10.31 11.59 41.19
C TRP G 69 -10.18 10.13 41.60
N ILE G 70 -11.31 9.46 41.81
CA ILE G 70 -11.32 8.03 42.09
C ILE G 70 -11.13 7.23 40.81
N GLY G 71 -12.05 7.35 39.86
CA GLY G 71 -11.97 6.46 38.71
C GLY G 71 -13.03 6.77 37.68
N ASN G 72 -13.03 5.97 36.62
CA ASN G 72 -14.13 5.98 35.66
C ASN G 72 -14.24 4.65 34.94
N ILE G 73 -15.41 4.44 34.34
CA ILE G 73 -15.76 3.26 33.58
C ILE G 73 -16.37 3.73 32.27
N TYR G 74 -16.33 2.87 31.27
CA TYR G 74 -16.84 3.12 29.93
C TYR G 74 -17.88 2.06 29.59
N ARG G 75 -18.68 2.34 28.55
CA ARG G 75 -19.72 1.41 28.12
C ARG G 75 -19.18 0.05 27.70
N SER G 76 -17.92 -0.02 27.28
CA SER G 76 -17.29 -1.31 26.95
C SER G 76 -16.96 -2.13 28.19
N GLY G 77 -17.11 -1.59 29.40
CA GLY G 77 -16.76 -2.28 30.62
C GLY G 77 -15.36 -2.02 31.11
N SER G 78 -14.52 -1.36 30.32
CA SER G 78 -13.17 -1.04 30.76
C SER G 78 -13.21 0.03 31.86
N THR G 79 -12.30 -0.11 32.82
CA THR G 79 -12.23 0.77 33.97
C THR G 79 -10.82 1.33 34.10
N TYR G 80 -10.75 2.55 34.63
CA TYR G 80 -9.50 3.24 34.89
C TYR G 80 -9.58 3.84 36.28
N TYR G 81 -8.48 3.74 37.03
CA TYR G 81 -8.47 4.11 38.44
C TYR G 81 -7.24 4.95 38.77
N ASN G 82 -7.34 5.69 39.86
CA ASN G 82 -6.20 6.42 40.39
C ASN G 82 -5.14 5.40 40.81
N PRO G 83 -3.84 5.65 40.60
CA PRO G 83 -2.84 4.69 41.09
C PRO G 83 -2.89 4.46 42.59
N SER G 84 -3.16 5.50 43.38
CA SER G 84 -3.29 5.32 44.82
C SER G 84 -4.51 4.46 45.15
N LEU G 85 -5.67 4.81 44.59
CA LEU G 85 -6.90 4.05 44.75
C LEU G 85 -7.07 3.09 43.57
N LYS G 86 -6.27 2.02 43.60
CA LYS G 86 -6.31 0.97 42.57
C LYS G 86 -6.54 -0.40 43.19
N SER G 87 -6.15 -0.61 44.44
CA SER G 87 -6.30 -1.90 45.11
C SER G 87 -7.60 -2.05 45.87
N ARG G 88 -8.28 -0.95 46.24
CA ARG G 88 -9.45 -0.99 47.09
C ARG G 88 -10.76 -0.71 46.37
N VAL G 89 -10.73 -0.23 45.14
CA VAL G 89 -11.90 0.33 44.46
C VAL G 89 -12.32 -0.56 43.29
N THR G 90 -13.63 -0.64 43.08
CA THR G 90 -14.21 -1.18 41.86
C THR G 90 -15.26 -0.19 41.39
N VAL G 91 -15.35 0.01 40.08
CA VAL G 91 -16.40 0.83 39.47
C VAL G 91 -17.10 -0.04 38.45
N SER G 92 -18.43 -0.11 38.57
CA SER G 92 -19.25 -0.99 37.74
C SER G 92 -20.28 -0.16 36.98
N ILE G 93 -20.74 -0.71 35.87
CA ILE G 93 -21.68 -0.06 34.96
C ILE G 93 -22.81 -1.03 34.69
N ASP G 94 -24.05 -0.53 34.73
CA ASP G 94 -25.24 -1.32 34.44
C ASP G 94 -26.06 -0.48 33.46
N THR G 95 -25.95 -0.80 32.18
CA THR G 95 -26.67 -0.07 31.14
C THR G 95 -28.14 -0.42 31.09
N SER G 96 -28.54 -1.61 31.55
CA SER G 96 -29.94 -2.00 31.51
C SER G 96 -30.82 -1.10 32.37
N LYS G 97 -30.39 -0.77 33.58
CA LYS G 97 -31.09 0.18 34.45
C LYS G 97 -30.60 1.61 34.26
N ASN G 98 -29.61 1.84 33.40
CA ASN G 98 -29.05 3.18 33.18
C ASN G 98 -28.47 3.74 34.47
N GLN G 99 -27.44 3.07 34.98
CA GLN G 99 -26.76 3.52 36.19
C GLN G 99 -25.32 3.03 36.18
N PHE G 100 -24.50 3.63 37.04
CA PHE G 100 -23.18 3.09 37.35
C PHE G 100 -22.98 3.21 38.85
N SER G 101 -21.85 2.71 39.34
CA SER G 101 -21.69 2.59 40.79
C SER G 101 -20.22 2.43 41.15
N LEU G 102 -19.93 2.81 42.40
CA LEU G 102 -18.62 2.70 43.03
C LEU G 102 -18.73 1.76 44.22
N LYS G 103 -17.69 0.95 44.43
CA LYS G 103 -17.58 0.05 45.57
C LYS G 103 -16.17 0.21 46.13
N LEU G 104 -16.09 0.77 47.34
CA LEU G 104 -14.82 1.07 48.01
C LEU G 104 -14.74 0.23 49.27
N ASN G 105 -13.90 -0.80 49.26
CA ASN G 105 -13.75 -1.70 50.39
C ASN G 105 -12.61 -1.23 51.30
N SER G 106 -12.63 -1.74 52.53
CA SER G 106 -11.63 -1.39 53.55
C SER G 106 -11.59 0.12 53.79
N VAL G 107 -12.77 0.70 54.01
CA VAL G 107 -12.86 2.13 54.26
C VAL G 107 -12.18 2.46 55.58
N THR G 108 -11.59 3.65 55.64
CA THR G 108 -10.92 4.17 56.83
C THR G 108 -11.35 5.63 57.03
N ALA G 109 -10.74 6.28 58.03
CA ALA G 109 -11.16 7.63 58.39
C ALA G 109 -10.88 8.62 57.28
N ALA G 110 -9.80 8.42 56.52
CA ALA G 110 -9.46 9.32 55.43
C ALA G 110 -10.46 9.28 54.28
N ASP G 111 -11.31 8.25 54.20
CA ASP G 111 -12.30 8.13 53.13
C ASP G 111 -13.57 8.92 53.40
N THR G 112 -13.70 9.55 54.57
CA THR G 112 -14.80 10.48 54.80
C THR G 112 -14.71 11.63 53.80
N ALA G 113 -15.74 11.81 52.99
CA ALA G 113 -15.64 12.76 51.88
C ALA G 113 -17.00 12.91 51.21
N VAL G 114 -17.09 13.89 50.31
CA VAL G 114 -18.21 14.05 49.40
C VAL G 114 -17.82 13.41 48.07
N TYR G 115 -18.66 12.49 47.60
CA TYR G 115 -18.42 11.73 46.38
C TYR G 115 -19.32 12.27 45.27
N TYR G 116 -18.70 12.65 44.15
CA TYR G 116 -19.38 13.25 43.00
C TYR G 116 -19.35 12.32 41.81
N CYS G 117 -20.50 12.20 41.14
CA CYS G 117 -20.57 11.60 39.82
C CYS G 117 -19.87 12.51 38.82
N ALA G 118 -19.64 11.98 37.61
CA ALA G 118 -19.19 12.85 36.53
C ALA G 118 -19.33 12.17 35.18
N ARG G 119 -19.78 12.95 34.21
CA ARG G 119 -19.69 12.63 32.79
C ARG G 119 -18.46 13.34 32.23
N SER G 120 -17.54 12.55 31.67
CA SER G 120 -16.25 13.01 31.15
C SER G 120 -16.18 12.71 29.66
N GLY G 121 -15.75 13.70 28.89
CA GLY G 121 -15.48 13.55 27.47
C GLY G 121 -14.03 13.28 27.13
N ILE G 122 -13.47 12.16 27.59
CA ILE G 122 -12.11 11.77 27.27
C ILE G 122 -12.13 10.77 26.13
N LYS G 123 -10.96 10.53 25.54
CA LYS G 123 -10.76 9.49 24.54
C LYS G 123 -9.57 8.66 24.97
N VAL G 124 -9.83 7.47 25.50
CA VAL G 124 -8.78 6.49 25.73
C VAL G 124 -8.60 5.70 24.44
N ALA G 125 -7.34 5.54 24.02
CA ALA G 125 -7.07 4.84 22.76
C ALA G 125 -7.50 3.39 22.85
N ASP G 126 -7.45 2.79 24.04
CA ASP G 126 -7.80 1.37 24.19
C ASP G 126 -9.24 1.11 23.81
N ASP G 127 -10.15 1.95 24.27
CA ASP G 127 -11.57 1.79 23.97
C ASP G 127 -11.89 2.29 22.58
N GLU G 131 -13.86 -0.48 19.76
CA GLU G 131 -15.23 -0.30 19.26
C GLU G 131 -15.34 0.11 17.80
N MET G 132 -14.24 0.03 17.05
CA MET G 132 -14.24 0.62 15.71
C MET G 132 -15.21 -0.11 14.79
N ASP G 133 -15.27 -1.43 14.86
CA ASP G 133 -16.14 -2.20 13.99
C ASP G 133 -17.59 -2.12 14.39
N VAL G 134 -17.90 -2.21 15.68
CA VAL G 134 -19.27 -2.28 16.14
C VAL G 134 -19.92 -0.90 16.17
N TRP G 135 -19.31 0.04 16.88
CA TRP G 135 -19.86 1.38 17.05
C TRP G 135 -19.38 2.37 15.98
N GLY G 136 -18.49 1.96 15.08
CA GLY G 136 -18.16 2.81 13.96
C GLY G 136 -17.36 4.05 14.36
N GLN G 137 -17.30 4.99 13.43
CA GLN G 137 -16.61 6.24 13.65
C GLN G 137 -17.40 7.11 14.61
N GLY G 138 -16.73 7.60 15.65
CA GLY G 138 -17.32 8.47 16.65
C GLY G 138 -17.14 9.94 16.32
N THR G 139 -17.27 10.77 17.34
CA THR G 139 -17.10 12.21 17.20
C THR G 139 -15.63 12.60 17.37
N ASP G 140 -15.38 13.90 17.31
CA ASP G 140 -14.07 14.48 17.59
C ASP G 140 -14.16 15.63 18.59
N ASP G 141 -15.31 15.84 19.22
CA ASP G 141 -15.53 16.97 20.14
C ASP G 141 -15.21 16.54 21.58
N TYR G 142 -14.03 15.97 21.76
CA TYR G 142 -13.58 15.47 23.05
C TYR G 142 -13.06 16.63 23.88
N SER G 143 -13.83 17.02 24.89
CA SER G 143 -13.43 18.09 25.79
C SER G 143 -12.29 17.70 26.71
N TYR G 144 -12.12 16.41 26.99
CA TYR G 144 -11.17 15.93 28.00
C TYR G 144 -11.42 16.61 29.34
N ALA G 145 -12.69 16.69 29.72
CA ALA G 145 -13.07 17.33 30.97
C ALA G 145 -14.36 16.70 31.46
N MET G 146 -14.57 16.79 32.77
CA MET G 146 -15.78 16.31 33.43
C MET G 146 -16.91 17.25 33.03
N ASP G 147 -17.56 16.90 31.91
CA ASP G 147 -18.55 17.79 31.32
C ASP G 147 -19.72 18.03 32.25
N VAL G 148 -20.23 16.98 32.90
CA VAL G 148 -21.40 17.09 33.77
C VAL G 148 -21.03 16.52 35.13
N TRP G 149 -21.62 17.06 36.19
CA TRP G 149 -21.41 16.62 37.56
C TRP G 149 -22.73 16.35 38.25
N GLY G 150 -22.71 15.43 39.21
CA GLY G 150 -23.81 15.23 40.12
C GLY G 150 -23.77 16.21 41.27
N GLN G 151 -24.81 16.16 42.09
CA GLN G 151 -24.90 17.05 43.25
C GLN G 151 -23.89 16.70 44.33
N GLY G 152 -23.47 15.44 44.42
CA GLY G 152 -22.51 15.00 45.41
C GLY G 152 -23.20 14.50 46.68
N THR G 153 -22.71 13.37 47.19
CA THR G 153 -23.25 12.75 48.40
C THR G 153 -22.16 12.64 49.45
N THR G 154 -22.51 13.01 50.68
CA THR G 154 -21.57 12.99 51.80
C THR G 154 -21.52 11.59 52.40
N VAL G 155 -20.32 11.13 52.72
CA VAL G 155 -20.09 9.83 53.33
C VAL G 155 -19.14 10.03 54.51
N THR G 156 -19.54 9.51 55.67
CA THR G 156 -18.74 9.58 56.90
C THR G 156 -18.36 8.16 57.31
N VAL G 157 -17.06 7.94 57.49
CA VAL G 157 -16.53 6.68 57.97
C VAL G 157 -16.37 6.81 59.49
N SER G 158 -17.31 6.24 60.23
CA SER G 158 -17.31 6.37 61.69
C SER G 158 -18.09 5.21 62.28
N SER G 159 -17.87 4.98 63.57
CA SER G 159 -18.54 3.91 64.30
C SER G 159 -19.94 4.33 64.70
N ALA H 23 1.11 12.59 41.85
CA ALA H 23 1.61 13.42 42.93
C ALA H 23 0.71 14.64 43.16
N GLY H 24 0.17 15.17 42.07
CA GLY H 24 -0.71 16.32 42.10
C GLY H 24 -0.04 17.54 41.51
N LEU H 25 -0.83 18.36 40.82
CA LEU H 25 -0.34 19.56 40.17
C LEU H 25 -0.22 20.70 41.17
N THR H 26 0.91 21.39 41.13
CA THR H 26 1.11 22.56 41.97
C THR H 26 0.20 23.68 41.47
N GLN H 27 -0.37 24.43 42.41
CA GLN H 27 -1.30 25.50 42.11
C GLN H 27 -1.19 26.52 43.23
N PRO H 28 -1.36 27.83 42.97
CA PRO H 28 -1.29 28.80 44.07
C PRO H 28 -2.38 28.56 45.11
N ALA H 29 -2.04 28.83 46.37
CA ALA H 29 -3.01 28.68 47.44
C ALA H 29 -4.05 29.79 47.42
N SER H 30 -3.66 30.99 46.99
CA SER H 30 -4.58 32.12 46.96
C SER H 30 -4.13 33.11 45.89
N VAL H 31 -5.11 33.63 45.15
CA VAL H 31 -4.94 34.72 44.21
C VAL H 31 -6.01 35.76 44.54
N SER H 32 -5.72 37.03 44.27
CA SER H 32 -6.64 38.09 44.68
C SER H 32 -6.49 39.29 43.74
N GLY H 33 -7.51 40.14 43.78
CA GLY H 33 -7.51 41.37 43.00
C GLY H 33 -8.78 42.14 43.30
N SER H 34 -8.86 43.33 42.70
CA SER H 34 -10.02 44.21 42.83
C SER H 34 -10.96 44.02 41.66
N PRO H 35 -12.20 44.54 41.74
CA PRO H 35 -13.11 44.41 40.60
C PRO H 35 -12.59 45.11 39.35
N GLY H 36 -12.81 44.48 38.20
CA GLY H 36 -12.50 45.05 36.91
C GLY H 36 -11.15 44.70 36.35
N GLN H 37 -10.19 44.33 37.18
CA GLN H 37 -8.85 43.97 36.72
C GLN H 37 -8.78 42.49 36.37
N SER H 38 -7.71 42.14 35.65
CA SER H 38 -7.45 40.75 35.28
C SER H 38 -6.65 40.07 36.38
N ILE H 39 -7.03 38.82 36.68
CA ILE H 39 -6.27 37.97 37.59
C ILE H 39 -5.93 36.66 36.89
N THR H 40 -4.83 36.04 37.29
CA THR H 40 -4.32 34.81 36.68
C THR H 40 -4.06 33.78 37.77
N ILE H 41 -4.56 32.57 37.54
CA ILE H 41 -4.37 31.43 38.44
C ILE H 41 -3.55 30.42 37.68
N SER H 42 -2.33 30.14 38.15
CA SER H 42 -1.42 29.24 37.48
C SER H 42 -1.64 27.79 37.95
N CYS H 43 -1.09 26.86 37.18
CA CYS H 43 -1.16 25.44 37.49
C CYS H 43 0.07 24.78 36.88
N THR H 44 1.00 24.36 37.73
CA THR H 44 2.34 23.95 37.32
C THR H 44 2.54 22.47 37.61
N ALA H 45 3.08 21.74 36.63
CA ALA H 45 3.49 20.36 36.80
C ALA H 45 5.01 20.28 36.97
N ALA H 46 5.45 19.16 37.52
CA ALA H 46 6.87 18.90 37.67
C ALA H 46 7.47 18.54 36.31
N ASN H 47 8.75 18.87 36.14
CA ASN H 47 9.48 18.55 34.92
C ASN H 47 9.64 17.05 34.70
N SER H 48 9.52 16.24 35.74
CA SER H 48 9.55 14.79 35.62
C SER H 48 8.20 14.19 35.23
N ASP H 49 7.15 15.00 35.09
CA ASP H 49 5.81 14.53 34.77
C ASP H 49 5.18 15.41 33.70
N ILE H 50 5.96 15.74 32.67
CA ILE H 50 5.43 16.57 31.57
C ILE H 50 4.40 15.78 30.79
N GLY H 51 4.63 14.47 30.62
CA GLY H 51 3.65 13.63 29.96
C GLY H 51 2.33 13.50 30.68
N ASP H 52 2.30 13.82 31.98
CA ASP H 52 1.08 13.80 32.77
C ASP H 52 0.33 15.12 32.72
N PHE H 53 0.79 16.08 31.93
CA PHE H 53 0.29 17.47 31.91
C PHE H 53 -0.29 17.73 30.52
N ASN H 54 -1.55 17.35 30.32
CA ASN H 54 -2.21 17.43 29.03
C ASN H 54 -3.68 17.80 29.21
N PHE H 55 -4.19 18.59 28.26
CA PHE H 55 -5.60 18.95 28.19
C PHE H 55 -6.10 19.57 29.49
N VAL H 56 -5.35 20.56 29.96
CA VAL H 56 -5.58 21.12 31.28
C VAL H 56 -6.91 21.87 31.28
N SER H 57 -7.87 21.37 32.05
CA SER H 57 -9.21 21.94 32.16
C SER H 57 -9.44 22.48 33.56
N TRP H 58 -10.22 23.56 33.64
CA TRP H 58 -10.42 24.34 34.84
C TRP H 58 -11.89 24.37 35.23
N TYR H 59 -12.12 24.18 36.53
CA TYR H 59 -13.44 24.06 37.13
C TYR H 59 -13.60 25.08 38.24
N GLN H 60 -14.81 25.60 38.38
CA GLN H 60 -15.19 26.46 39.49
C GLN H 60 -16.04 25.65 40.45
N GLN H 61 -15.73 25.71 41.74
CA GLN H 61 -16.54 25.14 42.81
C GLN H 61 -16.92 26.27 43.74
N ARG H 62 -18.19 26.66 43.72
CA ARG H 62 -18.71 27.60 44.69
C ARG H 62 -18.94 26.90 46.02
N PRO H 63 -19.14 27.65 47.11
CA PRO H 63 -19.34 27.00 48.42
C PRO H 63 -20.54 26.07 48.44
N ASP H 64 -20.31 24.84 48.87
CA ASP H 64 -21.34 23.82 49.03
C ASP H 64 -22.07 23.52 47.72
N LYS H 65 -21.36 23.56 46.60
CA LYS H 65 -21.87 23.22 45.28
C LYS H 65 -20.91 22.28 44.58
N ALA H 66 -21.42 21.55 43.60
CA ALA H 66 -20.58 20.69 42.80
C ALA H 66 -19.67 21.55 41.92
N PRO H 67 -18.48 21.05 41.55
CA PRO H 67 -17.67 21.78 40.58
C PRO H 67 -18.37 21.90 39.23
N LYS H 68 -18.18 23.05 38.58
CA LYS H 68 -18.70 23.31 37.25
C LYS H 68 -17.54 23.59 36.31
N LEU H 69 -17.57 22.96 35.15
CA LEU H 69 -16.53 23.18 34.15
C LEU H 69 -16.63 24.59 33.59
N MET H 70 -15.51 25.33 33.65
CA MET H 70 -15.38 26.65 33.06
C MET H 70 -14.55 26.64 31.79
N VAL H 71 -13.42 25.94 31.76
CA VAL H 71 -12.54 25.94 30.60
C VAL H 71 -12.06 24.52 30.34
N TYR H 72 -11.95 24.15 29.08
CA TYR H 72 -11.34 22.90 28.67
C TYR H 72 -10.51 23.14 27.42
N GLU H 73 -9.60 22.21 27.14
CA GLU H 73 -8.58 22.39 26.12
C GLU H 73 -7.80 23.67 26.45
N VAL H 74 -7.77 24.67 25.57
CA VAL H 74 -7.17 25.97 25.85
C VAL H 74 -8.16 27.04 25.42
N SER H 75 -8.85 27.63 26.39
CA SER H 75 -9.79 28.74 26.25
C SER H 75 -11.15 28.30 25.72
N SER H 76 -11.33 27.03 25.33
CA SER H 76 -12.67 26.56 25.00
C SER H 76 -13.46 26.36 26.27
N ARG H 77 -14.69 26.88 26.28
CA ARG H 77 -15.54 26.93 27.46
C ARG H 77 -16.91 26.36 27.13
N PRO H 78 -17.65 25.84 28.12
CA PRO H 78 -19.03 25.41 27.83
C PRO H 78 -19.92 26.59 27.51
N SER H 79 -21.04 26.29 26.87
CA SER H 79 -22.04 27.32 26.61
C SER H 79 -22.60 27.84 27.93
N GLY H 80 -22.79 29.16 28.01
CA GLY H 80 -23.26 29.83 29.20
C GLY H 80 -22.15 30.42 30.05
N VAL H 81 -20.92 29.95 29.90
CA VAL H 81 -19.77 30.54 30.58
C VAL H 81 -19.30 31.75 29.78
N SER H 82 -19.14 32.88 30.46
CA SER H 82 -18.80 34.12 29.79
C SER H 82 -17.39 34.04 29.19
N ASN H 83 -17.09 35.01 28.34
CA ASN H 83 -15.77 35.13 27.73
C ASN H 83 -14.72 35.64 28.71
N ARG H 84 -15.11 36.06 29.91
CA ARG H 84 -14.14 36.55 30.89
C ARG H 84 -13.14 35.49 31.29
N PHE H 85 -13.55 34.22 31.28
CA PHE H 85 -12.68 33.10 31.63
C PHE H 85 -11.96 32.65 30.37
N SER H 86 -10.62 32.62 30.42
CA SER H 86 -9.84 32.18 29.27
C SER H 86 -8.55 31.54 29.73
N GLY H 87 -8.21 30.40 29.11
CA GLY H 87 -7.07 29.60 29.52
C GLY H 87 -5.90 29.73 28.56
N SER H 88 -4.74 29.35 29.08
CA SER H 88 -3.51 29.30 28.29
C SER H 88 -2.65 28.16 28.81
N LYS H 89 -1.78 27.66 27.94
CA LYS H 89 -0.92 26.54 28.28
C LYS H 89 0.42 26.70 27.57
N SER H 90 1.51 26.47 28.30
CA SER H 90 2.84 26.56 27.74
C SER H 90 3.79 25.73 28.57
N GLY H 91 4.52 24.83 27.91
CA GLY H 91 5.55 24.06 28.59
C GLY H 91 4.98 23.20 29.70
N ASN H 92 5.51 23.38 30.90
CA ASN H 92 5.09 22.66 32.09
C ASN H 92 4.00 23.38 32.87
N THR H 93 3.49 24.51 32.36
CA THR H 93 2.54 25.34 33.10
C THR H 93 1.29 25.58 32.26
N ALA H 94 0.20 25.82 32.97
CA ALA H 94 -1.03 26.33 32.38
C ALA H 94 -1.56 27.41 33.29
N SER H 95 -2.55 28.15 32.82
CA SER H 95 -3.12 29.22 33.62
C SER H 95 -4.51 29.56 33.14
N LEU H 96 -5.31 30.08 34.06
CA LEU H 96 -6.64 30.61 33.79
C LEU H 96 -6.65 32.10 34.13
N THR H 97 -7.07 32.91 33.16
CA THR H 97 -7.19 34.34 33.31
C THR H 97 -8.67 34.70 33.43
N ILE H 98 -9.00 35.38 34.53
CA ILE H 98 -10.31 35.99 34.75
C ILE H 98 -10.12 37.46 34.45
N SER H 99 -10.55 37.89 33.27
CA SER H 99 -10.51 39.28 32.87
C SER H 99 -11.81 39.97 33.29
N GLY H 100 -11.67 41.20 33.80
CA GLY H 100 -12.82 41.88 34.35
C GLY H 100 -13.41 41.15 35.53
N LEU H 101 -12.69 41.12 36.65
CA LEU H 101 -13.12 40.38 37.83
C LEU H 101 -14.35 41.04 38.46
N GLN H 102 -15.29 40.21 38.91
CA GLN H 102 -16.45 40.65 39.67
C GLN H 102 -16.54 39.88 40.98
N ALA H 103 -17.44 40.34 41.87
CA ALA H 103 -17.56 39.74 43.19
C ALA H 103 -18.12 38.34 43.13
N GLU H 104 -18.94 38.02 42.13
CA GLU H 104 -19.48 36.67 42.00
C GLU H 104 -18.46 35.64 41.53
N ASP H 105 -17.25 36.06 41.14
CA ASP H 105 -16.21 35.13 40.74
C ASP H 105 -15.50 34.47 41.91
N GLU H 106 -15.81 34.86 43.15
CA GLU H 106 -15.17 34.24 44.30
C GLU H 106 -15.61 32.78 44.40
N ALA H 107 -14.64 31.86 44.32
CA ALA H 107 -14.90 30.43 44.35
C ALA H 107 -13.56 29.71 44.32
N ASP H 108 -13.61 28.41 44.58
CA ASP H 108 -12.42 27.56 44.56
C ASP H 108 -12.22 27.06 43.12
N TYR H 109 -11.11 27.46 42.51
CA TYR H 109 -10.79 27.09 41.14
C TYR H 109 -9.78 25.95 41.13
N TYR H 110 -10.13 24.86 40.44
CA TYR H 110 -9.30 23.67 40.35
C TYR H 110 -8.91 23.41 38.90
N CYS H 111 -7.62 23.22 38.69
CA CYS H 111 -7.08 22.73 37.43
C CYS H 111 -6.95 21.21 37.50
N THR H 112 -7.17 20.55 36.37
CA THR H 112 -6.92 19.13 36.28
C THR H 112 -6.33 18.81 34.92
N SER H 113 -5.39 17.87 34.91
CA SER H 113 -4.75 17.37 33.70
C SER H 113 -5.16 15.94 33.43
N TYR H 114 -5.19 15.59 32.14
CA TYR H 114 -5.48 14.24 31.68
C TYR H 114 -4.16 13.52 31.43
N THR H 115 -3.75 12.69 32.40
CA THR H 115 -2.52 11.93 32.29
C THR H 115 -2.65 10.81 31.28
N SER H 116 -1.57 10.63 30.50
CA SER H 116 -1.52 9.73 29.35
C SER H 116 -1.73 8.27 29.69
N SER H 117 -1.66 7.90 30.98
CA SER H 117 -2.21 6.64 31.46
C SER H 117 -3.71 6.73 31.73
N SER H 118 -4.41 7.72 31.17
CA SER H 118 -5.86 7.86 31.29
C SER H 118 -6.24 8.09 32.75
N THR H 119 -5.69 9.15 33.34
CA THR H 119 -5.90 9.45 34.75
C THR H 119 -6.01 10.96 34.97
N PHE H 120 -7.14 11.41 35.49
CA PHE H 120 -7.28 12.81 35.86
C PHE H 120 -6.47 13.09 37.12
N VAL H 121 -5.69 14.17 37.10
CA VAL H 121 -4.89 14.62 38.23
C VAL H 121 -5.23 16.07 38.49
N PHE H 122 -5.82 16.35 39.65
CA PHE H 122 -6.25 17.68 40.04
C PHE H 122 -5.10 18.49 40.61
N GLY H 123 -5.31 19.81 40.68
CA GLY H 123 -4.44 20.70 41.42
C GLY H 123 -4.86 20.78 42.87
N THR H 124 -4.20 21.68 43.60
CA THR H 124 -4.48 21.89 45.02
C THR H 124 -5.63 22.86 45.28
N GLY H 125 -6.02 23.66 44.29
CA GLY H 125 -7.15 24.57 44.44
C GLY H 125 -6.73 25.97 44.84
N THR H 126 -7.32 26.97 44.20
CA THR H 126 -7.03 28.39 44.43
C THR H 126 -8.25 29.08 45.02
N LYS H 127 -8.05 29.79 46.12
CA LYS H 127 -9.10 30.58 46.74
C LYS H 127 -9.01 32.00 46.20
N VAL H 128 -9.90 32.33 45.27
CA VAL H 128 -9.95 33.67 44.68
C VAL H 128 -10.68 34.60 45.63
N THR H 129 -10.08 35.75 45.90
CA THR H 129 -10.64 36.78 46.77
C THR H 129 -10.76 38.08 45.99
N VAL H 130 -11.93 38.73 46.10
CA VAL H 130 -12.22 39.96 45.38
C VAL H 130 -12.22 41.11 46.39
N LEU H 131 -11.37 42.10 46.14
CA LEU H 131 -11.20 43.24 47.03
C LEU H 131 -11.60 44.54 46.34
#